data_1SV4
# 
_entry.id   1SV4 
# 
_audit_conform.dict_name       mmcif_pdbx.dic 
_audit_conform.dict_version    5.376 
_audit_conform.dict_location   http://mmcif.pdb.org/dictionaries/ascii/mmcif_pdbx.dic 
# 
loop_
_database_2.database_id 
_database_2.database_code 
_database_2.pdbx_database_accession 
_database_2.pdbx_DOI 
PDB   1SV4         pdb_00001sv4 10.2210/pdb1sv4/pdb 
RCSB  RCSB022018   ?            ?                   
WWPDB D_1000022018 ?            ?                   
# 
_pdbx_database_related.db_name        PDB 
_pdbx_database_related.db_id          1sv0 
_pdbx_database_related.details        'Crystal Structure Of Yan-SAM/Mae-SAM Complex' 
_pdbx_database_related.content_type   unspecified 
# 
_pdbx_database_status.status_code                     REL 
_pdbx_database_status.entry_id                        1SV4 
_pdbx_database_status.recvd_initial_deposition_date   2004-03-27 
_pdbx_database_status.deposit_site                    RCSB 
_pdbx_database_status.process_site                    RCSB 
_pdbx_database_status.status_code_sf                  REL 
_pdbx_database_status.SG_entry                        . 
_pdbx_database_status.pdb_format_compatible           Y 
_pdbx_database_status.status_code_mr                  ? 
_pdbx_database_status.status_code_cs                  ? 
_pdbx_database_status.status_code_nmr_data            ? 
_pdbx_database_status.methods_development_category    ? 
# 
loop_
_audit_author.name 
_audit_author.pdbx_ordinal 
'Qiao, F.'     1 
'Song, H.'     2 
'Kim, C.A.'    3 
'Sawaya, M.R.' 4 
'Hunter, J.B.' 5 
'Gingery, M.'  6 
'Rebay, I.'    7 
'Courey, A.J.' 8 
'Bowie, J.U.'  9 
# 
_citation.id                        primary 
_citation.title                     'Derepression by depolymerization; structural insights into the regulation of yan by mae.' 
_citation.journal_abbrev            'Cell(Cambridge,Mass.)' 
_citation.journal_volume            118 
_citation.page_first                163 
_citation.page_last                 173 
_citation.year                      2004 
_citation.journal_id_ASTM           CELLB5 
_citation.country                   US 
_citation.journal_id_ISSN           0092-8674 
_citation.journal_id_CSD            0998 
_citation.book_publisher            ? 
_citation.pdbx_database_id_PubMed   15260987 
_citation.pdbx_database_id_DOI      10.1016/j.cell.2004.07.010 
# 
loop_
_citation_author.citation_id 
_citation_author.name 
_citation_author.ordinal 
_citation_author.identifier_ORCID 
primary 'Qiao, F.'     1 ? 
primary 'Song, H.'     2 ? 
primary 'Kim, C.A.'    3 ? 
primary 'Sawaya, M.R.' 4 ? 
primary 'Hunter, J.B.' 5 ? 
primary 'Gingery, M.'  6 ? 
primary 'Rebay, I.'    7 ? 
primary 'Courey, A.J.' 8 ? 
primary 'Bowie, J.U.'  9 ? 
# 
_cell.entry_id           1SV4 
_cell.length_a           76.510 
_cell.length_b           45.410 
_cell.length_c           55.600 
_cell.angle_alpha        90.00 
_cell.angle_beta         108.47 
_cell.angle_gamma        90.00 
_cell.Z_PDB              8 
_cell.pdbx_unique_axis   ? 
# 
_symmetry.entry_id                         1SV4 
_symmetry.space_group_name_H-M             'C 1 2 1' 
_symmetry.pdbx_full_space_group_name_H-M   ? 
_symmetry.cell_setting                     ? 
_symmetry.Int_Tables_number                5 
_symmetry.space_group_name_Hall            ? 
# 
loop_
_entity.id 
_entity.type 
_entity.src_method 
_entity.pdbx_description 
_entity.formula_weight 
_entity.pdbx_number_of_molecules 
_entity.pdbx_ec 
_entity.pdbx_mutation 
_entity.pdbx_fragment 
_entity.details 
1 polymer man 'Ets DNA-binding protein pokkuri' 10019.589 2  ? A86R 'SAM domain of transcription repressor Yan' ? 
2 water   nat water                             18.015    69 ? ?    ?                                           ? 
# 
_entity_name_com.entity_id   1 
_entity_name_com.name        'Protein yan, Protein anterior open' 
# 
_entity_poly.entity_id                      1 
_entity_poly.type                           'polypeptide(L)' 
_entity_poly.nstd_linkage                   no 
_entity_poly.nstd_monomer                   no 
_entity_poly.pdbx_seq_one_letter_code       
;QLPPSLPSDPRLWSREDVLVFLRFCVREFDLPKLDFDLFQMNGKRLCLLTRADFGHRCPGAGDVLHNVLQMLIIESHSRH
HHHHH
;
_entity_poly.pdbx_seq_one_letter_code_can   
;QLPPSLPSDPRLWSREDVLVFLRFCVREFDLPKLDFDLFQMNGKRLCLLTRADFGHRCPGAGDVLHNVLQMLIIESHSRH
HHHHH
;
_entity_poly.pdbx_strand_id                 A,B 
_entity_poly.pdbx_target_identifier         ? 
# 
loop_
_entity_poly_seq.entity_id 
_entity_poly_seq.num 
_entity_poly_seq.mon_id 
_entity_poly_seq.hetero 
1 1  GLN n 
1 2  LEU n 
1 3  PRO n 
1 4  PRO n 
1 5  SER n 
1 6  LEU n 
1 7  PRO n 
1 8  SER n 
1 9  ASP n 
1 10 PRO n 
1 11 ARG n 
1 12 LEU n 
1 13 TRP n 
1 14 SER n 
1 15 ARG n 
1 16 GLU n 
1 17 ASP n 
1 18 VAL n 
1 19 LEU n 
1 20 VAL n 
1 21 PHE n 
1 22 LEU n 
1 23 ARG n 
1 24 PHE n 
1 25 CYS n 
1 26 VAL n 
1 27 ARG n 
1 28 GLU n 
1 29 PHE n 
1 30 ASP n 
1 31 LEU n 
1 32 PRO n 
1 33 LYS n 
1 34 LEU n 
1 35 ASP n 
1 36 PHE n 
1 37 ASP n 
1 38 LEU n 
1 39 PHE n 
1 40 GLN n 
1 41 MET n 
1 42 ASN n 
1 43 GLY n 
1 44 LYS n 
1 45 ARG n 
1 46 LEU n 
1 47 CYS n 
1 48 LEU n 
1 49 LEU n 
1 50 THR n 
1 51 ARG n 
1 52 ALA n 
1 53 ASP n 
1 54 PHE n 
1 55 GLY n 
1 56 HIS n 
1 57 ARG n 
1 58 CYS n 
1 59 PRO n 
1 60 GLY n 
1 61 ALA n 
1 62 GLY n 
1 63 ASP n 
1 64 VAL n 
1 65 LEU n 
1 66 HIS n 
1 67 ASN n 
1 68 VAL n 
1 69 LEU n 
1 70 GLN n 
1 71 MET n 
1 72 LEU n 
1 73 ILE n 
1 74 ILE n 
1 75 GLU n 
1 76 SER n 
1 77 HIS n 
1 78 SER n 
1 79 ARG n 
1 80 HIS n 
1 81 HIS n 
1 82 HIS n 
1 83 HIS n 
1 84 HIS n 
1 85 HIS n 
# 
_entity_src_gen.entity_id                          1 
_entity_src_gen.pdbx_src_id                        1 
_entity_src_gen.pdbx_alt_source_flag               sample 
_entity_src_gen.pdbx_seq_type                      ? 
_entity_src_gen.pdbx_beg_seq_num                   ? 
_entity_src_gen.pdbx_end_seq_num                   ? 
_entity_src_gen.gene_src_common_name               'fruit fly' 
_entity_src_gen.gene_src_genus                     Drosophila 
_entity_src_gen.pdbx_gene_src_gene                 'AOP, POK, YAN, CG3166' 
_entity_src_gen.gene_src_species                   ? 
_entity_src_gen.gene_src_strain                    ? 
_entity_src_gen.gene_src_tissue                    ? 
_entity_src_gen.gene_src_tissue_fraction           ? 
_entity_src_gen.gene_src_details                   ? 
_entity_src_gen.pdbx_gene_src_fragment             ? 
_entity_src_gen.pdbx_gene_src_scientific_name      'Drosophila melanogaster' 
_entity_src_gen.pdbx_gene_src_ncbi_taxonomy_id     7227 
_entity_src_gen.pdbx_gene_src_variant              ? 
_entity_src_gen.pdbx_gene_src_cell_line            ? 
_entity_src_gen.pdbx_gene_src_atcc                 ? 
_entity_src_gen.pdbx_gene_src_organ                ? 
_entity_src_gen.pdbx_gene_src_organelle            ? 
_entity_src_gen.pdbx_gene_src_cell                 ? 
_entity_src_gen.pdbx_gene_src_cellular_location    ? 
_entity_src_gen.host_org_common_name               ? 
_entity_src_gen.pdbx_host_org_scientific_name      'Escherichia coli' 
_entity_src_gen.pdbx_host_org_ncbi_taxonomy_id     562 
_entity_src_gen.host_org_genus                     Escherichia 
_entity_src_gen.pdbx_host_org_gene                 ? 
_entity_src_gen.pdbx_host_org_organ                ? 
_entity_src_gen.host_org_species                   ? 
_entity_src_gen.pdbx_host_org_tissue               ? 
_entity_src_gen.pdbx_host_org_tissue_fraction      ? 
_entity_src_gen.pdbx_host_org_strain               'BL21-CodonPlus(DE3)-RP' 
_entity_src_gen.pdbx_host_org_variant              ? 
_entity_src_gen.pdbx_host_org_cell_line            ? 
_entity_src_gen.pdbx_host_org_atcc                 ? 
_entity_src_gen.pdbx_host_org_culture_collection   ? 
_entity_src_gen.pdbx_host_org_cell                 ? 
_entity_src_gen.pdbx_host_org_organelle            ? 
_entity_src_gen.pdbx_host_org_cellular_location    ? 
_entity_src_gen.pdbx_host_org_vector_type          PLASMID 
_entity_src_gen.pdbx_host_org_vector               ? 
_entity_src_gen.host_org_details                   ? 
_entity_src_gen.expression_system_id               ? 
_entity_src_gen.plasmid_name                       'Modified pET-3c' 
_entity_src_gen.plasmid_details                    ? 
_entity_src_gen.pdbx_description                   ? 
# 
_struct_ref.id                         1 
_struct_ref.db_name                    UNP 
_struct_ref.db_code                    POK_DROME 
_struct_ref.pdbx_db_accession          Q01842 
_struct_ref.entity_id                  1 
_struct_ref.pdbx_seq_one_letter_code   QLPPSLPSDPRLWSREDVLVFLRFCVREFDLPKLDFDLFQMNGKALCLLTRADFGHRCPGAGDVLHNVLQMLIIESH 
_struct_ref.pdbx_align_begin           42 
_struct_ref.pdbx_db_isoform            ? 
# 
loop_
_struct_ref_seq.align_id 
_struct_ref_seq.ref_id 
_struct_ref_seq.pdbx_PDB_id_code 
_struct_ref_seq.pdbx_strand_id 
_struct_ref_seq.seq_align_beg 
_struct_ref_seq.pdbx_seq_align_beg_ins_code 
_struct_ref_seq.seq_align_end 
_struct_ref_seq.pdbx_seq_align_end_ins_code 
_struct_ref_seq.pdbx_db_accession 
_struct_ref_seq.db_align_beg 
_struct_ref_seq.pdbx_db_align_beg_ins_code 
_struct_ref_seq.db_align_end 
_struct_ref_seq.pdbx_db_align_end_ins_code 
_struct_ref_seq.pdbx_auth_seq_align_beg 
_struct_ref_seq.pdbx_auth_seq_align_end 
1 1 1SV4 A 1 ? 77 ? Q01842 42 ? 118 ? 42 118 
2 1 1SV4 B 1 ? 77 ? Q01842 42 ? 118 ? 42 118 
# 
loop_
_struct_ref_seq_dif.align_id 
_struct_ref_seq_dif.pdbx_pdb_id_code 
_struct_ref_seq_dif.mon_id 
_struct_ref_seq_dif.pdbx_pdb_strand_id 
_struct_ref_seq_dif.seq_num 
_struct_ref_seq_dif.pdbx_pdb_ins_code 
_struct_ref_seq_dif.pdbx_seq_db_name 
_struct_ref_seq_dif.pdbx_seq_db_accession_code 
_struct_ref_seq_dif.db_mon_id 
_struct_ref_seq_dif.pdbx_seq_db_seq_num 
_struct_ref_seq_dif.details 
_struct_ref_seq_dif.pdbx_auth_seq_num 
_struct_ref_seq_dif.pdbx_ordinal 
1 1SV4 ARG A 45 ? UNP Q01842 ALA 86 'engineered mutation' 86  1  
1 1SV4 SER A 78 ? UNP Q01842 ?   ?  'cloning artifact'    119 2  
1 1SV4 ARG A 79 ? UNP Q01842 ?   ?  'cloning artifact'    120 3  
1 1SV4 HIS A 80 ? UNP Q01842 ?   ?  'expression tag'      121 4  
1 1SV4 HIS A 81 ? UNP Q01842 ?   ?  'expression tag'      122 5  
1 1SV4 HIS A 82 ? UNP Q01842 ?   ?  'expression tag'      123 6  
1 1SV4 HIS A 83 ? UNP Q01842 ?   ?  'expression tag'      124 7  
1 1SV4 HIS A 84 ? UNP Q01842 ?   ?  'expression tag'      125 8  
1 1SV4 HIS A 85 ? UNP Q01842 ?   ?  'expression tag'      126 9  
2 1SV4 ARG B 45 ? UNP Q01842 ALA 86 'engineered mutation' 86  10 
2 1SV4 SER B 78 ? UNP Q01842 ?   ?  'cloning artifact'    119 11 
2 1SV4 ARG B 79 ? UNP Q01842 ?   ?  'cloning artifact'    120 12 
2 1SV4 HIS B 80 ? UNP Q01842 ?   ?  'expression tag'      121 13 
2 1SV4 HIS B 81 ? UNP Q01842 ?   ?  'expression tag'      122 14 
2 1SV4 HIS B 82 ? UNP Q01842 ?   ?  'expression tag'      123 15 
2 1SV4 HIS B 83 ? UNP Q01842 ?   ?  'expression tag'      124 16 
2 1SV4 HIS B 84 ? UNP Q01842 ?   ?  'expression tag'      125 17 
2 1SV4 HIS B 85 ? UNP Q01842 ?   ?  'expression tag'      126 18 
# 
loop_
_chem_comp.id 
_chem_comp.type 
_chem_comp.mon_nstd_flag 
_chem_comp.name 
_chem_comp.pdbx_synonyms 
_chem_comp.formula 
_chem_comp.formula_weight 
ALA 'L-peptide linking' y ALANINE         ? 'C3 H7 N O2'     89.093  
ARG 'L-peptide linking' y ARGININE        ? 'C6 H15 N4 O2 1' 175.209 
ASN 'L-peptide linking' y ASPARAGINE      ? 'C4 H8 N2 O3'    132.118 
ASP 'L-peptide linking' y 'ASPARTIC ACID' ? 'C4 H7 N O4'     133.103 
CYS 'L-peptide linking' y CYSTEINE        ? 'C3 H7 N O2 S'   121.158 
GLN 'L-peptide linking' y GLUTAMINE       ? 'C5 H10 N2 O3'   146.144 
GLU 'L-peptide linking' y 'GLUTAMIC ACID' ? 'C5 H9 N O4'     147.129 
GLY 'peptide linking'   y GLYCINE         ? 'C2 H5 N O2'     75.067  
HIS 'L-peptide linking' y HISTIDINE       ? 'C6 H10 N3 O2 1' 156.162 
HOH non-polymer         . WATER           ? 'H2 O'           18.015  
ILE 'L-peptide linking' y ISOLEUCINE      ? 'C6 H13 N O2'    131.173 
LEU 'L-peptide linking' y LEUCINE         ? 'C6 H13 N O2'    131.173 
LYS 'L-peptide linking' y LYSINE          ? 'C6 H15 N2 O2 1' 147.195 
MET 'L-peptide linking' y METHIONINE      ? 'C5 H11 N O2 S'  149.211 
PHE 'L-peptide linking' y PHENYLALANINE   ? 'C9 H11 N O2'    165.189 
PRO 'L-peptide linking' y PROLINE         ? 'C5 H9 N O2'     115.130 
SER 'L-peptide linking' y SERINE          ? 'C3 H7 N O3'     105.093 
THR 'L-peptide linking' y THREONINE       ? 'C4 H9 N O3'     119.119 
TRP 'L-peptide linking' y TRYPTOPHAN      ? 'C11 H12 N2 O2'  204.225 
VAL 'L-peptide linking' y VALINE          ? 'C5 H11 N O2'    117.146 
# 
_exptl.entry_id          1SV4 
_exptl.method            'X-RAY DIFFRACTION' 
_exptl.crystals_number   1 
# 
_exptl_crystal.id                    1 
_exptl_crystal.density_meas          ? 
_exptl_crystal.density_Matthews      2.28 
_exptl_crystal.density_percent_sol   46.16 
_exptl_crystal.description           ? 
_exptl_crystal.F_000                 ? 
_exptl_crystal.preparation           ? 
# 
_exptl_crystal_grow.crystal_id      1 
_exptl_crystal_grow.method          'VAPOR DIFFUSION, HANGING DROP' 
_exptl_crystal_grow.temp            298 
_exptl_crystal_grow.temp_details    ? 
_exptl_crystal_grow.pH              7.5 
_exptl_crystal_grow.pdbx_details    'PEG 8000, MPD , pH 7.5, VAPOR DIFFUSION, HANGING DROP, temperature 298K' 
_exptl_crystal_grow.pdbx_pH_range   . 
# 
_diffrn.id                     1 
_diffrn.ambient_temp           100 
_diffrn.ambient_temp_details   ? 
_diffrn.crystal_id             1 
# 
_diffrn_detector.diffrn_id              1 
_diffrn_detector.detector               'IMAGE PLATE' 
_diffrn_detector.type                   'RIGAKU RAXIS IV' 
_diffrn_detector.pdbx_collection_date   2003-06-28 
_diffrn_detector.details                mirrors 
# 
_diffrn_radiation.diffrn_id                        1 
_diffrn_radiation.wavelength_id                    1 
_diffrn_radiation.pdbx_monochromatic_or_laue_m_l   M 
_diffrn_radiation.monochromator                    MIRRORS 
_diffrn_radiation.pdbx_diffrn_protocol             'SINGLE WAVELENGTH' 
_diffrn_radiation.pdbx_scattering_type             x-ray 
# 
_diffrn_radiation_wavelength.id           1 
_diffrn_radiation_wavelength.wavelength   1.5418 
_diffrn_radiation_wavelength.wt           1.0 
# 
_diffrn_source.diffrn_id                   1 
_diffrn_source.source                      'ROTATING ANODE' 
_diffrn_source.type                        'RIGAKU RU200' 
_diffrn_source.pdbx_synchrotron_site       ? 
_diffrn_source.pdbx_synchrotron_beamline   ? 
_diffrn_source.pdbx_wavelength             ? 
_diffrn_source.pdbx_wavelength_list        1.5418 
# 
_reflns.entry_id                     1SV4 
_reflns.observed_criterion_sigma_I   0 
_reflns.observed_criterion_sigma_F   0 
_reflns.d_resolution_low             80.00 
_reflns.d_resolution_high            2.15 
_reflns.number_obs                   9998 
_reflns.number_all                   9998 
_reflns.percent_possible_obs         ? 
_reflns.pdbx_Rmerge_I_obs            ? 
_reflns.pdbx_Rsym_value              0.065 
_reflns.pdbx_netI_over_sigmaI        28.4 
_reflns.B_iso_Wilson_estimate        29.0 
_reflns.pdbx_redundancy              6.25 
_reflns.R_free_details               ? 
_reflns.limit_h_max                  ? 
_reflns.limit_h_min                  ? 
_reflns.limit_k_max                  ? 
_reflns.limit_k_min                  ? 
_reflns.limit_l_max                  ? 
_reflns.limit_l_min                  ? 
_reflns.observed_criterion_F_max     ? 
_reflns.observed_criterion_F_min     ? 
_reflns.pdbx_chi_squared             ? 
_reflns.pdbx_scaling_rejects         ? 
_reflns.pdbx_diffrn_id               1 
_reflns.pdbx_ordinal                 1 
# 
_reflns_shell.d_res_high             2.15 
_reflns_shell.d_res_low              2.23 
_reflns_shell.percent_possible_all   100 
_reflns_shell.Rmerge_I_obs           ? 
_reflns_shell.pdbx_Rsym_value        0.443 
_reflns_shell.meanI_over_sigI_obs    3.9 
_reflns_shell.pdbx_redundancy        6.25 
_reflns_shell.percent_possible_obs   ? 
_reflns_shell.number_unique_all      ? 
_reflns_shell.number_measured_all    ? 
_reflns_shell.number_measured_obs    ? 
_reflns_shell.number_unique_obs      ? 
_reflns_shell.pdbx_chi_squared       ? 
_reflns_shell.pdbx_diffrn_id         ? 
_reflns_shell.pdbx_ordinal           1 
# 
_refine.entry_id                                 1SV4 
_refine.ls_number_reflns_obs                     9986 
_refine.ls_number_reflns_all                     ? 
_refine.pdbx_ls_sigma_I                          ? 
_refine.pdbx_ls_sigma_F                          0.0 
_refine.pdbx_data_cutoff_high_absF               1216458.84 
_refine.pdbx_data_cutoff_low_absF                0.000000 
_refine.pdbx_data_cutoff_high_rms_absF           ? 
_refine.ls_d_res_low                             19.47 
_refine.ls_d_res_high                            2.15 
_refine.ls_percent_reflns_obs                    99.8 
_refine.ls_R_factor_obs                          0.218 
_refine.ls_R_factor_all                          ? 
_refine.ls_R_factor_R_work                       0.218 
_refine.ls_R_factor_R_free                       0.249 
_refine.ls_R_factor_R_free_error                 0.011 
_refine.ls_R_factor_R_free_error_details         ? 
_refine.ls_percent_reflns_R_free                 5.3 
_refine.ls_number_reflns_R_free                  529 
_refine.ls_number_parameters                     ? 
_refine.ls_number_restraints                     ? 
_refine.occupancy_min                            ? 
_refine.occupancy_max                            ? 
_refine.correlation_coeff_Fo_to_Fc               ? 
_refine.correlation_coeff_Fo_to_Fc_free          ? 
_refine.B_iso_mean                               39.9 
_refine.aniso_B[1][1]                            -5.60 
_refine.aniso_B[2][2]                            0.10 
_refine.aniso_B[3][3]                            5.49 
_refine.aniso_B[1][2]                            0.00 
_refine.aniso_B[1][3]                            2.65 
_refine.aniso_B[2][3]                            0.00 
_refine.solvent_model_details                    'FLAT MODEL' 
_refine.solvent_model_param_ksol                 0.34914 
_refine.solvent_model_param_bsol                 43.2776 
_refine.pdbx_solvent_vdw_probe_radii             ? 
_refine.pdbx_solvent_ion_probe_radii             ? 
_refine.pdbx_solvent_shrinkage_radii             ? 
_refine.pdbx_ls_cross_valid_method               THROUGHOUT 
_refine.details                                  ? 
_refine.pdbx_starting_model                      'PDB ENTRY 1JI7' 
_refine.pdbx_method_to_determine_struct          'MOLECULAR REPLACEMENT' 
_refine.pdbx_isotropic_thermal_model             RESTRAINED 
_refine.pdbx_stereochemistry_target_values       'Engh & Huber' 
_refine.pdbx_stereochem_target_val_spec_case     ? 
_refine.pdbx_R_Free_selection_details            RANDOM 
_refine.pdbx_overall_ESU_R                       ? 
_refine.pdbx_overall_ESU_R_Free                  ? 
_refine.overall_SU_ML                            ? 
_refine.overall_SU_B                             ? 
_refine.ls_redundancy_reflns_obs                 ? 
_refine.B_iso_min                                ? 
_refine.B_iso_max                                ? 
_refine.overall_SU_R_Cruickshank_DPI             ? 
_refine.overall_SU_R_free                        ? 
_refine.ls_wR_factor_R_free                      ? 
_refine.ls_wR_factor_R_work                      ? 
_refine.overall_FOM_free_R_set                   ? 
_refine.overall_FOM_work_R_set                   ? 
_refine.pdbx_refine_id                           'X-RAY DIFFRACTION' 
_refine.pdbx_diffrn_id                           1 
_refine.pdbx_TLS_residual_ADP_flag               ? 
_refine.pdbx_overall_phase_error                 ? 
_refine.pdbx_overall_SU_R_free_Cruickshank_DPI   ? 
_refine.pdbx_overall_SU_R_Blow_DPI               ? 
_refine.pdbx_overall_SU_R_free_Blow_DPI          ? 
# 
_refine_analyze.entry_id                        1SV4 
_refine_analyze.Luzzati_coordinate_error_obs    0.27 
_refine_analyze.Luzzati_sigma_a_obs             0.22 
_refine_analyze.Luzzati_d_res_low_obs           5.00 
_refine_analyze.Luzzati_coordinate_error_free   0.35 
_refine_analyze.Luzzati_sigma_a_free            0.30 
_refine_analyze.Luzzati_d_res_low_free          ? 
_refine_analyze.number_disordered_residues      ? 
_refine_analyze.occupancy_sum_hydrogen          ? 
_refine_analyze.occupancy_sum_non_hydrogen      ? 
_refine_analyze.pdbx_Luzzati_d_res_high_obs     ? 
_refine_analyze.pdbx_refine_id                  'X-RAY DIFFRACTION' 
# 
_refine_hist.pdbx_refine_id                   'X-RAY DIFFRACTION' 
_refine_hist.cycle_id                         LAST 
_refine_hist.pdbx_number_atoms_protein        1277 
_refine_hist.pdbx_number_atoms_nucleic_acid   0 
_refine_hist.pdbx_number_atoms_ligand         0 
_refine_hist.number_atoms_solvent             69 
_refine_hist.number_atoms_total               1346 
_refine_hist.d_res_high                       2.15 
_refine_hist.d_res_low                        19.47 
# 
loop_
_refine_ls_restr.type 
_refine_ls_restr.dev_ideal 
_refine_ls_restr.dev_ideal_target 
_refine_ls_restr.weight 
_refine_ls_restr.number 
_refine_ls_restr.pdbx_refine_id 
_refine_ls_restr.pdbx_restraint_function 
c_bond_d                0.006 ?    ? ? 'X-RAY DIFFRACTION' ? 
c_bond_d_na             ?     ?    ? ? 'X-RAY DIFFRACTION' ? 
c_bond_d_prot           ?     ?    ? ? 'X-RAY DIFFRACTION' ? 
c_angle_d               ?     ?    ? ? 'X-RAY DIFFRACTION' ? 
c_angle_d_na            ?     ?    ? ? 'X-RAY DIFFRACTION' ? 
c_angle_d_prot          ?     ?    ? ? 'X-RAY DIFFRACTION' ? 
c_angle_deg             1.2   ?    ? ? 'X-RAY DIFFRACTION' ? 
c_angle_deg_na          ?     ?    ? ? 'X-RAY DIFFRACTION' ? 
c_angle_deg_prot        ?     ?    ? ? 'X-RAY DIFFRACTION' ? 
c_dihedral_angle_d      20.9  ?    ? ? 'X-RAY DIFFRACTION' ? 
c_dihedral_angle_d_na   ?     ?    ? ? 'X-RAY DIFFRACTION' ? 
c_dihedral_angle_d_prot ?     ?    ? ? 'X-RAY DIFFRACTION' ? 
c_improper_angle_d      1.13  ?    ? ? 'X-RAY DIFFRACTION' ? 
c_improper_angle_d_na   ?     ?    ? ? 'X-RAY DIFFRACTION' ? 
c_improper_angle_d_prot ?     ?    ? ? 'X-RAY DIFFRACTION' ? 
c_mcbond_it             1.55  1.50 ? ? 'X-RAY DIFFRACTION' ? 
c_mcangle_it            2.46  2.00 ? ? 'X-RAY DIFFRACTION' ? 
c_scbond_it             2.26  2.00 ? ? 'X-RAY DIFFRACTION' ? 
c_scangle_it            3.46  2.50 ? ? 'X-RAY DIFFRACTION' ? 
# 
_refine_ls_shell.pdbx_total_number_of_bins_used   6 
_refine_ls_shell.d_res_high                       2.15 
_refine_ls_shell.d_res_low                        2.28 
_refine_ls_shell.number_reflns_R_work             1563 
_refine_ls_shell.R_factor_R_work                  0.28 
_refine_ls_shell.percent_reflns_obs               99.1 
_refine_ls_shell.R_factor_R_free                  0.325 
_refine_ls_shell.R_factor_R_free_error            0.038 
_refine_ls_shell.percent_reflns_R_free            4.5 
_refine_ls_shell.number_reflns_R_free             74 
_refine_ls_shell.redundancy_reflns_obs            ? 
_refine_ls_shell.number_reflns_all                ? 
_refine_ls_shell.number_reflns_obs                ? 
_refine_ls_shell.pdbx_refine_id                   'X-RAY DIFFRACTION' 
_refine_ls_shell.R_factor_all                     ? 
# 
loop_
_pdbx_xplor_file.serial_no 
_pdbx_xplor_file.param_file 
_pdbx_xplor_file.topol_file 
_pdbx_xplor_file.pdbx_refine_id 
1 PROTEIN_REP.PARAM PROTEIN.TOP   'X-RAY DIFFRACTION' 
2 WATER_REP.PARAM   WATER_REP.TOP 'X-RAY DIFFRACTION' 
# 
_struct.entry_id                  1SV4 
_struct.title                     'Crystal Structure of Yan-SAM' 
_struct.pdbx_model_details        ? 
_struct.pdbx_CASP_flag            ? 
_struct.pdbx_model_type_details   ? 
# 
_struct_keywords.entry_id        1SV4 
_struct_keywords.pdbx_keywords   TRANSCRIPTION 
_struct_keywords.text            'alpha-helix, 3(10)-helix, TRANSCRIPTION' 
# 
loop_
_struct_asym.id 
_struct_asym.pdbx_blank_PDB_chainid_flag 
_struct_asym.pdbx_modified 
_struct_asym.entity_id 
_struct_asym.details 
A N N 1 ? 
B N N 1 ? 
C N N 2 ? 
D N N 2 ? 
# 
loop_
_struct_conf.conf_type_id 
_struct_conf.id 
_struct_conf.pdbx_PDB_helix_id 
_struct_conf.beg_label_comp_id 
_struct_conf.beg_label_asym_id 
_struct_conf.beg_label_seq_id 
_struct_conf.pdbx_beg_PDB_ins_code 
_struct_conf.end_label_comp_id 
_struct_conf.end_label_asym_id 
_struct_conf.end_label_seq_id 
_struct_conf.pdbx_end_PDB_ins_code 
_struct_conf.beg_auth_comp_id 
_struct_conf.beg_auth_asym_id 
_struct_conf.beg_auth_seq_id 
_struct_conf.end_auth_comp_id 
_struct_conf.end_auth_asym_id 
_struct_conf.end_auth_seq_id 
_struct_conf.pdbx_PDB_helix_class 
_struct_conf.details 
_struct_conf.pdbx_PDB_helix_length 
HELX_P HELX_P1  1  ASP A 9  ? TRP A 13 ? ASP A 50  TRP A 54  5 ? 5  
HELX_P HELX_P2  2  SER A 14 ? PHE A 29 ? SER A 55  PHE A 70  1 ? 16 
HELX_P HELX_P3  3  ASP A 35 ? GLN A 40 ? ASP A 76  GLN A 81  5 ? 6  
HELX_P HELX_P4  4  ASN A 42 ? CYS A 47 ? ASN A 83  CYS A 88  1 ? 6  
HELX_P HELX_P5  5  THR A 50 ? CYS A 58 ? THR A 91  CYS A 99  1 ? 9  
HELX_P HELX_P6  6  ALA A 61 ? SER A 78 ? ALA A 102 SER A 119 1 ? 18 
HELX_P HELX_P7  7  ASP B 9  ? TRP B 13 ? ASP B 50  TRP B 54  5 ? 5  
HELX_P HELX_P8  8  SER B 14 ? PHE B 29 ? SER B 55  PHE B 70  1 ? 16 
HELX_P HELX_P9  9  ASP B 35 ? GLN B 40 ? ASP B 76  GLN B 81  5 ? 6  
HELX_P HELX_P10 10 ASN B 42 ? CYS B 47 ? ASN B 83  CYS B 88  1 ? 6  
HELX_P HELX_P11 11 THR B 50 ? CYS B 58 ? THR B 91  CYS B 99  1 ? 9  
HELX_P HELX_P12 12 ALA B 61 ? ARG B 79 ? ALA B 102 ARG B 120 1 ? 19 
# 
_struct_conf_type.id          HELX_P 
_struct_conf_type.criteria    ? 
_struct_conf_type.reference   ? 
# 
_atom_sites.entry_id                    1SV4 
_atom_sites.fract_transf_matrix[1][1]   0.00998767 
_atom_sites.fract_transf_matrix[1][2]   -0.00233702 
_atom_sites.fract_transf_matrix[1][3]   -0.00920172 
_atom_sites.fract_transf_matrix[2][1]   0.01498060 
_atom_sites.fract_transf_matrix[2][2]   0.00726194 
_atom_sites.fract_transf_matrix[2][3]   0.01441577 
_atom_sites.fract_transf_matrix[3][1]   0.00631813 
_atom_sites.fract_transf_matrix[3][2]   -0.01772177 
_atom_sites.fract_transf_matrix[3][3]   0.00236166 
_atom_sites.fract_transf_vector[1]      0.633397 
_atom_sites.fract_transf_vector[2]      0.235841 
_atom_sites.fract_transf_vector[3]      0.197026 
# 
loop_
_atom_type.symbol 
C 
N 
O 
S 
# 
loop_
_atom_site.group_PDB 
_atom_site.id 
_atom_site.type_symbol 
_atom_site.label_atom_id 
_atom_site.label_alt_id 
_atom_site.label_comp_id 
_atom_site.label_asym_id 
_atom_site.label_entity_id 
_atom_site.label_seq_id 
_atom_site.pdbx_PDB_ins_code 
_atom_site.Cartn_x 
_atom_site.Cartn_y 
_atom_site.Cartn_z 
_atom_site.occupancy 
_atom_site.B_iso_or_equiv 
_atom_site.pdbx_formal_charge 
_atom_site.auth_seq_id 
_atom_site.auth_comp_id 
_atom_site.auth_asym_id 
_atom_site.auth_atom_id 
_atom_site.pdbx_PDB_model_num 
ATOM   1    N N   . GLN A 1 1  ? -9.606  -8.309  -10.626 1.00 54.25 ? 42  GLN A N   1 
ATOM   2    C CA  . GLN A 1 1  ? -9.683  -8.558  -9.152  1.00 51.10 ? 42  GLN A CA  1 
ATOM   3    C C   . GLN A 1 1  ? -9.280  -7.282  -8.382  1.00 50.78 ? 42  GLN A C   1 
ATOM   4    O O   . GLN A 1 1  ? -8.511  -7.331  -7.413  1.00 52.06 ? 42  GLN A O   1 
ATOM   5    C CB  . GLN A 1 1  ? -8.770  -9.738  -8.780  1.00 51.67 ? 42  GLN A CB  1 
ATOM   6    C CG  . GLN A 1 1  ? -9.110  -11.052 -9.437  1.00 55.59 ? 42  GLN A CG  1 
ATOM   7    C CD  . GLN A 1 1  ? -8.176  -12.165 -9.030  1.00 53.89 ? 42  GLN A CD  1 
ATOM   8    O OE1 . GLN A 1 1  ? -7.205  -11.963 -8.219  1.00 52.23 ? 42  GLN A OE1 1 
ATOM   9    N NE2 . GLN A 1 1  ? -8.435  -13.369 -9.573  1.00 53.58 ? 42  GLN A NE2 1 
ATOM   10   N N   . LEU A 1 2  ? -9.808  -6.146  -8.845  1.00 49.94 ? 43  LEU A N   1 
ATOM   11   C CA  . LEU A 1 2  ? -9.524  -4.836  -8.256  1.00 47.95 ? 43  LEU A CA  1 
ATOM   12   C C   . LEU A 1 2  ? -9.785  -4.855  -6.757  1.00 45.02 ? 43  LEU A C   1 
ATOM   13   O O   . LEU A 1 2  ? -10.901 -5.147  -6.313  1.00 45.25 ? 43  LEU A O   1 
ATOM   14   C CB  . LEU A 1 2  ? -10.403 -3.771  -8.908  1.00 49.21 ? 43  LEU A CB  1 
ATOM   15   C CG  . LEU A 1 2  ? -10.097 -2.317  -8.539  1.00 50.75 ? 43  LEU A CG  1 
ATOM   16   C CD1 . LEU A 1 2  ? -8.727  -1.930  -9.079  1.00 50.02 ? 43  LEU A CD1 1 
ATOM   17   C CD2 . LEU A 1 2  ? -11.171 -1.404  -9.115  1.00 51.18 ? 43  LEU A CD2 1 
ATOM   18   N N   . PRO A 1 3  ? -8.759  -4.536  -5.955  1.00 42.17 ? 44  PRO A N   1 
ATOM   19   C CA  . PRO A 1 3  ? -8.936  -4.540  -4.499  1.00 39.85 ? 44  PRO A CA  1 
ATOM   20   C C   . PRO A 1 3  ? -10.166 -3.764  -4.038  1.00 36.41 ? 44  PRO A C   1 
ATOM   21   O O   . PRO A 1 3  ? -10.325 -2.585  -4.335  1.00 34.75 ? 44  PRO A O   1 
ATOM   22   C CB  . PRO A 1 3  ? -7.611  -3.967  -3.976  1.00 39.63 ? 44  PRO A CB  1 
ATOM   23   C CG  . PRO A 1 3  ? -7.031  -3.241  -5.156  1.00 42.92 ? 44  PRO A CG  1 
ATOM   24   C CD  . PRO A 1 3  ? -7.405  -4.100  -6.328  1.00 41.29 ? 44  PRO A CD  1 
ATOM   25   N N   . PRO A 1 4  ? -11.061 -4.443  -3.312  1.00 35.58 ? 45  PRO A N   1 
ATOM   26   C CA  . PRO A 1 4  ? -12.306 -3.883  -2.781  1.00 34.45 ? 45  PRO A CA  1 
ATOM   27   C C   . PRO A 1 4  ? -12.110 -2.671  -1.874  1.00 34.01 ? 45  PRO A C   1 
ATOM   28   O O   . PRO A 1 4  ? -13.047 -1.911  -1.640  1.00 34.39 ? 45  PRO A O   1 
ATOM   29   C CB  . PRO A 1 4  ? -12.924 -5.065  -2.028  1.00 35.30 ? 45  PRO A CB  1 
ATOM   30   C CG  . PRO A 1 4  ? -12.378 -6.269  -2.757  1.00 37.65 ? 45  PRO A CG  1 
ATOM   31   C CD  . PRO A 1 4  ? -10.942 -5.873  -2.967  1.00 35.65 ? 45  PRO A CD  1 
ATOM   32   N N   . SER A 1 5  ? -10.897 -2.485  -1.364  1.00 31.16 ? 46  SER A N   1 
ATOM   33   C CA  . SER A 1 5  ? -10.647 -1.361  -0.473  1.00 29.35 ? 46  SER A CA  1 
ATOM   34   C C   . SER A 1 5  ? -10.369 -0.055  -1.203  1.00 27.77 ? 46  SER A C   1 
ATOM   35   O O   . SER A 1 5  ? -10.170 0.968   -0.571  1.00 28.01 ? 46  SER A O   1 
ATOM   36   C CB  . SER A 1 5  ? -9.490  -1.664  0.470   1.00 28.13 ? 46  SER A CB  1 
ATOM   37   O OG  . SER A 1 5  ? -8.262  -1.593  -0.217  1.00 30.29 ? 46  SER A OG  1 
ATOM   38   N N   . LEU A 1 6  ? -10.358 -0.081  -2.530  1.00 28.17 ? 47  LEU A N   1 
ATOM   39   C CA  . LEU A 1 6  ? -10.121 1.143   -3.288  1.00 28.12 ? 47  LEU A CA  1 
ATOM   40   C C   . LEU A 1 6  ? -11.433 1.843   -3.632  1.00 27.31 ? 47  LEU A C   1 
ATOM   41   O O   . LEU A 1 6  ? -12.364 1.212   -4.126  1.00 27.88 ? 47  LEU A O   1 
ATOM   42   C CB  . LEU A 1 6  ? -9.377  0.840   -4.592  1.00 27.47 ? 47  LEU A CB  1 
ATOM   43   C CG  . LEU A 1 6  ? -7.893  0.489   -4.530  1.00 29.94 ? 47  LEU A CG  1 
ATOM   44   C CD1 . LEU A 1 6  ? -7.418  -0.035  -5.883  1.00 27.99 ? 47  LEU A CD1 1 
ATOM   45   C CD2 . LEU A 1 6  ? -7.111  1.717   -4.114  1.00 28.25 ? 47  LEU A CD2 1 
ATOM   46   N N   . PRO A 1 7  ? -11.534 3.156   -3.348  1.00 27.00 ? 48  PRO A N   1 
ATOM   47   C CA  . PRO A 1 7  ? -12.768 3.880   -3.676  1.00 24.30 ? 48  PRO A CA  1 
ATOM   48   C C   . PRO A 1 7  ? -13.002 3.699   -5.176  1.00 23.82 ? 48  PRO A C   1 
ATOM   49   O O   . PRO A 1 7  ? -12.041 3.607   -5.936  1.00 22.92 ? 48  PRO A O   1 
ATOM   50   C CB  . PRO A 1 7  ? -12.416 5.320   -3.337  1.00 24.89 ? 48  PRO A CB  1 
ATOM   51   C CG  . PRO A 1 7  ? -11.484 5.161   -2.158  1.00 23.48 ? 48  PRO A CG  1 
ATOM   52   C CD  . PRO A 1 7  ? -10.610 4.003   -2.568  1.00 26.05 ? 48  PRO A CD  1 
ATOM   53   N N   . SER A 1 8  ? -14.257 3.656   -5.610  1.00 21.78 ? 49  SER A N   1 
ATOM   54   C CA  . SER A 1 8  ? -14.536 3.468   -7.032  1.00 26.69 ? 49  SER A CA  1 
ATOM   55   C C   . SER A 1 8  ? -14.051 4.652   -7.880  1.00 26.62 ? 49  SER A C   1 
ATOM   56   O O   . SER A 1 8  ? -13.707 4.484   -9.044  1.00 28.34 ? 49  SER A O   1 
ATOM   57   C CB  . SER A 1 8  ? -16.037 3.240   -7.256  1.00 24.13 ? 49  SER A CB  1 
ATOM   58   O OG  . SER A 1 8  ? -16.766 4.430   -7.012  1.00 28.17 ? 49  SER A OG  1 
ATOM   59   N N   . ASP A 1 9  ? -14.010 5.842   -7.289  1.00 27.11 ? 50  ASP A N   1 
ATOM   60   C CA  . ASP A 1 9  ? -13.559 7.038   -8.004  1.00 27.16 ? 50  ASP A CA  1 
ATOM   61   C C   . ASP A 1 9  ? -12.070 7.295   -7.705  1.00 26.72 ? 50  ASP A C   1 
ATOM   62   O O   . ASP A 1 9  ? -11.718 7.759   -6.617  1.00 24.48 ? 50  ASP A O   1 
ATOM   63   C CB  . ASP A 1 9  ? -14.395 8.249   -7.568  1.00 27.94 ? 50  ASP A CB  1 
ATOM   64   C CG  . ASP A 1 9  ? -14.038 9.513   -8.327  1.00 30.44 ? 50  ASP A CG  1 
ATOM   65   O OD1 . ASP A 1 9  ? -13.016 9.507   -9.051  1.00 29.14 ? 50  ASP A OD1 1 
ATOM   66   O OD2 . ASP A 1 9  ? -14.780 10.514  -8.198  1.00 30.27 ? 50  ASP A OD2 1 
ATOM   67   N N   . PRO A 1 10 ? -11.186 7.025   -8.682  1.00 26.49 ? 51  PRO A N   1 
ATOM   68   C CA  . PRO A 1 10 ? -9.733  7.209   -8.552  1.00 26.79 ? 51  PRO A CA  1 
ATOM   69   C C   . PRO A 1 10 ? -9.311  8.602   -8.084  1.00 26.26 ? 51  PRO A C   1 
ATOM   70   O O   . PRO A 1 10 ? -8.255  8.763   -7.479  1.00 26.95 ? 51  PRO A O   1 
ATOM   71   C CB  . PRO A 1 10 ? -9.210  6.907   -9.961  1.00 26.92 ? 51  PRO A CB  1 
ATOM   72   C CG  . PRO A 1 10 ? -10.263 5.994   -10.533 1.00 29.54 ? 51  PRO A CG  1 
ATOM   73   C CD  . PRO A 1 10 ? -11.536 6.642   -10.059 1.00 25.95 ? 51  PRO A CD  1 
ATOM   74   N N   . ARG A 1 11 ? -10.131 9.607   -8.374  1.00 26.24 ? 52  ARG A N   1 
ATOM   75   C CA  . ARG A 1 11 ? -9.816  10.978  -7.985  1.00 27.40 ? 52  ARG A CA  1 
ATOM   76   C C   . ARG A 1 11 ? -9.871  11.139  -6.474  1.00 24.99 ? 52  ARG A C   1 
ATOM   77   O O   . ARG A 1 11 ? -9.378  12.126  -5.942  1.00 25.75 ? 52  ARG A O   1 
ATOM   78   C CB  . ARG A 1 11 ? -10.818 11.962  -8.602  1.00 30.31 ? 52  ARG A CB  1 
ATOM   79   C CG  . ARG A 1 11 ? -11.195 11.679  -10.035 1.00 36.64 ? 52  ARG A CG  1 
ATOM   80   C CD  . ARG A 1 11 ? -10.240 12.311  -11.013 1.00 40.42 ? 52  ARG A CD  1 
ATOM   81   N NE  . ARG A 1 11 ? -10.781 12.216  -12.364 1.00 46.59 ? 52  ARG A NE  1 
ATOM   82   C CZ  . ARG A 1 11 ? -10.253 12.795  -13.438 1.00 46.95 ? 52  ARG A CZ  1 
ATOM   83   N NH1 . ARG A 1 11 ? -9.147  13.531  -13.343 1.00 45.30 ? 52  ARG A NH1 1 
ATOM   84   N NH2 . ARG A 1 11 ? -10.846 12.637  -14.617 1.00 47.85 ? 52  ARG A NH2 1 
ATOM   85   N N   . LEU A 1 12 ? -10.482 10.175  -5.795  1.00 23.02 ? 53  LEU A N   1 
ATOM   86   C CA  . LEU A 1 12 ? -10.618 10.226  -4.342  1.00 24.55 ? 53  LEU A CA  1 
ATOM   87   C C   . LEU A 1 12 ? -9.528  9.441   -3.635  1.00 25.26 ? 53  LEU A C   1 
ATOM   88   O O   . LEU A 1 12 ? -9.469  9.410   -2.411  1.00 24.83 ? 53  LEU A O   1 
ATOM   89   C CB  . LEU A 1 12 ? -11.981 9.673   -3.920  1.00 22.39 ? 53  LEU A CB  1 
ATOM   90   C CG  . LEU A 1 12 ? -13.177 10.376  -4.551  1.00 21.27 ? 53  LEU A CG  1 
ATOM   91   C CD1 . LEU A 1 12 ? -14.444 9.839   -3.931  1.00 21.77 ? 53  LEU A CD1 1 
ATOM   92   C CD2 . LEU A 1 12 ? -13.065 11.892  -4.333  1.00 21.75 ? 53  LEU A CD2 1 
ATOM   93   N N   . TRP A 1 13 ? -8.661  8.807   -4.407  1.00 24.71 ? 54  TRP A N   1 
ATOM   94   C CA  . TRP A 1 13 ? -7.592  8.014   -3.826  1.00 25.98 ? 54  TRP A CA  1 
ATOM   95   C C   . TRP A 1 13 ? -6.526  8.802   -3.072  1.00 25.29 ? 54  TRP A C   1 
ATOM   96   O O   . TRP A 1 13 ? -6.088  9.866   -3.509  1.00 26.16 ? 54  TRP A O   1 
ATOM   97   C CB  . TRP A 1 13 ? -6.892  7.196   -4.910  1.00 25.30 ? 54  TRP A CB  1 
ATOM   98   C CG  . TRP A 1 13 ? -7.720  6.108   -5.512  1.00 23.61 ? 54  TRP A CG  1 
ATOM   99   C CD1 . TRP A 1 13 ? -8.927  5.639   -5.072  1.00 22.05 ? 54  TRP A CD1 1 
ATOM   100  C CD2 . TRP A 1 13 ? -7.364  5.306   -6.636  1.00 24.56 ? 54  TRP A CD2 1 
ATOM   101  N NE1 . TRP A 1 13 ? -9.344  4.590   -5.857  1.00 23.65 ? 54  TRP A NE1 1 
ATOM   102  C CE2 . TRP A 1 13 ? -8.403  4.364   -6.825  1.00 24.17 ? 54  TRP A CE2 1 
ATOM   103  C CE3 . TRP A 1 13 ? -6.267  5.292   -7.505  1.00 24.22 ? 54  TRP A CE3 1 
ATOM   104  C CZ2 . TRP A 1 13 ? -8.374  3.415   -7.842  1.00 23.88 ? 54  TRP A CZ2 1 
ATOM   105  C CZ3 . TRP A 1 13 ? -6.238  4.347   -8.517  1.00 25.36 ? 54  TRP A CZ3 1 
ATOM   106  C CH2 . TRP A 1 13 ? -7.287  3.422   -8.677  1.00 23.89 ? 54  TRP A CH2 1 
ATOM   107  N N   . SER A 1 14 ? -6.115  8.243   -1.936  1.00 27.95 ? 55  SER A N   1 
ATOM   108  C CA  . SER A 1 14 ? -5.057  8.815   -1.102  1.00 28.87 ? 55  SER A CA  1 
ATOM   109  C C   . SER A 1 14 ? -3.758  8.289   -1.718  1.00 29.10 ? 55  SER A C   1 
ATOM   110  O O   . SER A 1 14 ? -3.791  7.503   -2.673  1.00 29.42 ? 55  SER A O   1 
ATOM   111  C CB  . SER A 1 14 ? -5.167  8.297   0.338   1.00 26.58 ? 55  SER A CB  1 
ATOM   112  O OG  . SER A 1 14 ? -4.974  6.887   0.379   1.00 26.19 ? 55  SER A OG  1 
ATOM   113  N N   . ARG A 1 15 ? -2.620  8.706   -1.176  1.00 28.76 ? 56  ARG A N   1 
ATOM   114  C CA  . ARG A 1 15 ? -1.352  8.236   -1.702  1.00 29.22 ? 56  ARG A CA  1 
ATOM   115  C C   . ARG A 1 15 ? -1.199  6.745   -1.462  1.00 27.61 ? 56  ARG A C   1 
ATOM   116  O O   . ARG A 1 15 ? -0.644  6.025   -2.295  1.00 29.46 ? 56  ARG A O   1 
ATOM   117  C CB  . ARG A 1 15 ? -0.197  9.003   -1.070  1.00 30.52 ? 56  ARG A CB  1 
ATOM   118  C CG  . ARG A 1 15 ? -0.168  10.446  -1.512  1.00 34.35 ? 56  ARG A CG  1 
ATOM   119  C CD  . ARG A 1 15 ? 1.129   11.131  -1.129  1.00 35.76 ? 56  ARG A CD  1 
ATOM   120  N NE  . ARG A 1 15 ? 1.129   12.520  -1.570  1.00 38.06 ? 56  ARG A NE  1 
ATOM   121  C CZ  . ARG A 1 15 ? 2.201   13.302  -1.562  1.00 39.03 ? 56  ARG A CZ  1 
ATOM   122  N NH1 . ARG A 1 15 ? 3.361   12.829  -1.132  1.00 39.84 ? 56  ARG A NH1 1 
ATOM   123  N NH2 . ARG A 1 15 ? 2.114   14.551  -1.999  1.00 37.96 ? 56  ARG A NH2 1 
ATOM   124  N N   . GLU A 1 16 ? -1.703  6.272   -0.333  1.00 25.43 ? 57  GLU A N   1 
ATOM   125  C CA  . GLU A 1 16 ? -1.612  4.849   -0.037  1.00 28.99 ? 57  GLU A CA  1 
ATOM   126  C C   . GLU A 1 16 ? -2.529  4.078   -0.979  1.00 27.64 ? 57  GLU A C   1 
ATOM   127  O O   . GLU A 1 16 ? -2.243  2.934   -1.336  1.00 27.04 ? 57  GLU A O   1 
ATOM   128  C CB  . GLU A 1 16 ? -2.013  4.565   1.410   1.00 29.62 ? 57  GLU A CB  1 
ATOM   129  C CG  . GLU A 1 16 ? -1.118  5.205   2.448   1.00 38.34 ? 57  GLU A CG  1 
ATOM   130  C CD  . GLU A 1 16 ? -1.204  6.723   2.456   1.00 42.19 ? 57  GLU A CD  1 
ATOM   131  O OE1 . GLU A 1 16 ? -2.335  7.262   2.459   1.00 41.46 ? 57  GLU A OE1 1 
ATOM   132  O OE2 . GLU A 1 16 ? -0.134  7.374   2.469   1.00 45.70 ? 57  GLU A OE2 1 
ATOM   133  N N   . ASP A 1 17 ? -3.648  4.695   -1.358  1.00 27.02 ? 58  ASP A N   1 
ATOM   134  C CA  . ASP A 1 17 ? -4.574  4.050   -2.284  1.00 26.81 ? 58  ASP A CA  1 
ATOM   135  C C   . ASP A 1 17 ? -3.860  3.885   -3.632  1.00 25.68 ? 58  ASP A C   1 
ATOM   136  O O   . ASP A 1 17 ? -3.958  2.836   -4.263  1.00 25.93 ? 58  ASP A O   1 
ATOM   137  C CB  . ASP A 1 17 ? -5.839  4.886   -2.476  1.00 25.63 ? 58  ASP A CB  1 
ATOM   138  C CG  . ASP A 1 17 ? -6.763  4.848   -1.267  1.00 25.23 ? 58  ASP A CG  1 
ATOM   139  O OD1 . ASP A 1 17 ? -6.714  3.875   -0.480  1.00 23.12 ? 58  ASP A OD1 1 
ATOM   140  O OD2 . ASP A 1 17 ? -7.567  5.791   -1.122  1.00 27.50 ? 58  ASP A OD2 1 
ATOM   141  N N   . VAL A 1 18 ? -3.144  4.926   -4.058  1.00 25.03 ? 59  VAL A N   1 
ATOM   142  C CA  . VAL A 1 18 ? -2.397  4.893   -5.314  1.00 23.72 ? 59  VAL A CA  1 
ATOM   143  C C   . VAL A 1 18 ? -1.394  3.728   -5.280  1.00 26.94 ? 59  VAL A C   1 
ATOM   144  O O   . VAL A 1 18 ? -1.253  2.980   -6.256  1.00 24.81 ? 59  VAL A O   1 
ATOM   145  C CB  . VAL A 1 18 ? -1.649  6.235   -5.549  1.00 24.26 ? 59  VAL A CB  1 
ATOM   146  C CG1 . VAL A 1 18 ? -0.713  6.132   -6.756  1.00 21.92 ? 59  VAL A CG1 1 
ATOM   147  C CG2 . VAL A 1 18 ? -2.652  7.352   -5.786  1.00 23.46 ? 59  VAL A CG2 1 
ATOM   148  N N   . LEU A 1 19 ? -0.712  3.564   -4.148  1.00 26.18 ? 60  LEU A N   1 
ATOM   149  C CA  . LEU A 1 19 ? 0.252   2.480   -4.003  1.00 25.44 ? 60  LEU A CA  1 
ATOM   150  C C   . LEU A 1 19 ? -0.457  1.148   -4.212  1.00 26.01 ? 60  LEU A C   1 
ATOM   151  O O   . LEU A 1 19 ? 0.028   0.285   -4.947  1.00 25.22 ? 60  LEU A O   1 
ATOM   152  C CB  . LEU A 1 19 ? 0.901   2.514   -2.612  1.00 28.38 ? 60  LEU A CB  1 
ATOM   153  C CG  . LEU A 1 19 ? 1.716   1.272   -2.220  1.00 28.95 ? 60  LEU A CG  1 
ATOM   154  C CD1 . LEU A 1 19 ? 2.872   1.071   -3.191  1.00 29.93 ? 60  LEU A CD1 1 
ATOM   155  C CD2 . LEU A 1 19 ? 2.238   1.431   -0.790  1.00 29.49 ? 60  LEU A CD2 1 
ATOM   156  N N   . VAL A 1 20 ? -1.610  0.984   -3.570  1.00 23.37 ? 61  VAL A N   1 
ATOM   157  C CA  . VAL A 1 20 ? -2.369  -0.246  -3.705  1.00 24.52 ? 61  VAL A CA  1 
ATOM   158  C C   . VAL A 1 20 ? -2.802  -0.481  -5.157  1.00 26.09 ? 61  VAL A C   1 
ATOM   159  O O   . VAL A 1 20 ? -2.823  -1.613  -5.632  1.00 27.45 ? 61  VAL A O   1 
ATOM   160  C CB  . VAL A 1 20 ? -3.602  -0.239  -2.784  1.00 24.16 ? 61  VAL A CB  1 
ATOM   161  C CG1 . VAL A 1 20 ? -4.497  -1.427  -3.095  1.00 23.60 ? 61  VAL A CG1 1 
ATOM   162  C CG2 . VAL A 1 20 ? -3.150  -0.300  -1.331  1.00 24.17 ? 61  VAL A CG2 1 
ATOM   163  N N   . PHE A 1 21 ? -3.155  0.588   -5.860  1.00 25.27 ? 62  PHE A N   1 
ATOM   164  C CA  . PHE A 1 21 ? -3.545  0.452   -7.258  1.00 23.78 ? 62  PHE A CA  1 
ATOM   165  C C   . PHE A 1 21 ? -2.349  -0.059  -8.075  1.00 23.85 ? 62  PHE A C   1 
ATOM   166  O O   . PHE A 1 21 ? -2.462  -1.026  -8.825  1.00 25.42 ? 62  PHE A O   1 
ATOM   167  C CB  . PHE A 1 21 ? -4.001  1.799   -7.821  1.00 21.53 ? 62  PHE A CB  1 
ATOM   168  C CG  . PHE A 1 21 ? -4.114  1.815   -9.316  1.00 24.75 ? 62  PHE A CG  1 
ATOM   169  C CD1 . PHE A 1 21 ? -5.066  1.031   -9.962  1.00 22.99 ? 62  PHE A CD1 1 
ATOM   170  C CD2 . PHE A 1 21 ? -3.224  2.563   -10.088 1.00 25.04 ? 62  PHE A CD2 1 
ATOM   171  C CE1 . PHE A 1 21 ? -5.124  0.989   -11.341 1.00 25.35 ? 62  PHE A CE1 1 
ATOM   172  C CE2 . PHE A 1 21 ? -3.276  2.524   -11.479 1.00 24.60 ? 62  PHE A CE2 1 
ATOM   173  C CZ  . PHE A 1 21 ? -4.225  1.737   -12.106 1.00 23.74 ? 62  PHE A CZ  1 
ATOM   174  N N   . LEU A 1 22 ? -1.202  0.589   -7.928  1.00 22.40 ? 63  LEU A N   1 
ATOM   175  C CA  . LEU A 1 22 ? -0.017  0.187   -8.675  1.00 24.13 ? 63  LEU A CA  1 
ATOM   176  C C   . LEU A 1 22 ? 0.432   -1.249  -8.364  1.00 26.75 ? 63  LEU A C   1 
ATOM   177  O O   . LEU A 1 22 ? 0.858   -1.979  -9.271  1.00 27.18 ? 63  LEU A O   1 
ATOM   178  C CB  . LEU A 1 22 ? 1.111   1.190   -8.425  1.00 25.74 ? 63  LEU A CB  1 
ATOM   179  C CG  . LEU A 1 22 ? 0.769   2.633   -8.855  1.00 27.40 ? 63  LEU A CG  1 
ATOM   180  C CD1 . LEU A 1 22 ? 1.883   3.573   -8.428  1.00 26.24 ? 63  LEU A CD1 1 
ATOM   181  C CD2 . LEU A 1 22 ? 0.559   2.708   -10.371 1.00 26.68 ? 63  LEU A CD2 1 
ATOM   182  N N   . ARG A 1 23 ? 0.345   -1.664  -7.101  1.00 25.64 ? 64  ARG A N   1 
ATOM   183  C CA  . ARG A 1 23 ? 0.714   -3.039  -6.740  1.00 28.27 ? 64  ARG A CA  1 
ATOM   184  C C   . ARG A 1 23 ? -0.205  -3.983  -7.501  1.00 30.09 ? 64  ARG A C   1 
ATOM   185  O O   . ARG A 1 23 ? 0.235   -5.007  -8.031  1.00 27.28 ? 64  ARG A O   1 
ATOM   186  C CB  . ARG A 1 23 ? 0.561   -3.284  -5.237  1.00 28.95 ? 64  ARG A CB  1 
ATOM   187  C CG  . ARG A 1 23 ? 1.735   -2.790  -4.428  1.00 31.60 ? 64  ARG A CG  1 
ATOM   188  C CD  . ARG A 1 23 ? 1.398   -2.701  -2.957  1.00 33.18 ? 64  ARG A CD  1 
ATOM   189  N NE  . ARG A 1 23 ? 1.158   -3.991  -2.314  1.00 32.89 ? 64  ARG A NE  1 
ATOM   190  C CZ  . ARG A 1 23 ? 2.105   -4.724  -1.736  1.00 34.47 ? 64  ARG A CZ  1 
ATOM   191  N NH1 . ARG A 1 23 ? 3.364   -4.304  -1.727  1.00 34.94 ? 64  ARG A NH1 1 
ATOM   192  N NH2 . ARG A 1 23 ? 1.790   -5.860  -1.131  1.00 34.71 ? 64  ARG A NH2 1 
ATOM   193  N N   . PHE A 1 24 ? -1.487  -3.638  -7.548  1.00 29.90 ? 65  PHE A N   1 
ATOM   194  C CA  . PHE A 1 24 ? -2.453  -4.451  -8.275  1.00 31.24 ? 65  PHE A CA  1 
ATOM   195  C C   . PHE A 1 24 ? -2.038  -4.582  -9.742  1.00 31.55 ? 65  PHE A C   1 
ATOM   196  O O   . PHE A 1 24 ? -2.022  -5.682  -10.295 1.00 30.17 ? 65  PHE A O   1 
ATOM   197  C CB  . PHE A 1 24 ? -3.843  -3.821  -8.206  1.00 32.01 ? 65  PHE A CB  1 
ATOM   198  C CG  . PHE A 1 24 ? -4.813  -4.413  -9.178  1.00 34.08 ? 65  PHE A CG  1 
ATOM   199  C CD1 . PHE A 1 24 ? -5.319  -5.695  -8.984  1.00 34.74 ? 65  PHE A CD1 1 
ATOM   200  C CD2 . PHE A 1 24 ? -5.182  -3.709  -10.320 1.00 35.43 ? 65  PHE A CD2 1 
ATOM   201  C CE1 . PHE A 1 24 ? -6.179  -6.270  -9.918  1.00 37.35 ? 65  PHE A CE1 1 
ATOM   202  C CE2 . PHE A 1 24 ? -6.039  -4.271  -11.260 1.00 34.81 ? 65  PHE A CE2 1 
ATOM   203  C CZ  . PHE A 1 24 ? -6.539  -5.554  -11.062 1.00 35.08 ? 65  PHE A CZ  1 
ATOM   204  N N   . CYS A 1 25 ? -1.713  -3.457  -10.374 1.00 30.67 ? 66  CYS A N   1 
ATOM   205  C CA  . CYS A 1 25 ? -1.300  -3.480  -11.776 1.00 30.47 ? 66  CYS A CA  1 
ATOM   206  C C   . CYS A 1 25 ? -0.089  -4.384  -11.960 1.00 31.73 ? 66  CYS A C   1 
ATOM   207  O O   . CYS A 1 25 ? -0.048  -5.212  -12.874 1.00 32.06 ? 66  CYS A O   1 
ATOM   208  C CB  . CYS A 1 25 ? -0.940  -2.076  -12.259 1.00 28.40 ? 66  CYS A CB  1 
ATOM   209  S SG  . CYS A 1 25 ? -2.332  -0.955  -12.406 1.00 31.08 ? 66  CYS A SG  1 
ATOM   210  N N   . VAL A 1 26 ? 0.892   -4.218  -11.082 1.00 33.17 ? 67  VAL A N   1 
ATOM   211  C CA  . VAL A 1 26 ? 2.115   -5.003  -11.137 1.00 33.77 ? 67  VAL A CA  1 
ATOM   212  C C   . VAL A 1 26 ? 1.847   -6.499  -11.113 1.00 36.33 ? 67  VAL A C   1 
ATOM   213  O O   . VAL A 1 26 ? 2.335   -7.229  -11.971 1.00 34.57 ? 67  VAL A O   1 
ATOM   214  C CB  . VAL A 1 26 ? 3.057   -4.642  -9.968  1.00 32.85 ? 67  VAL A CB  1 
ATOM   215  C CG1 . VAL A 1 26 ? 4.102   -5.737  -9.766  1.00 34.43 ? 67  VAL A CG1 1 
ATOM   216  C CG2 . VAL A 1 26 ? 3.747   -3.323  -10.261 1.00 33.01 ? 67  VAL A CG2 1 
ATOM   217  N N   . ARG A 1 27 ? 1.062   -6.960  -10.149 1.00 36.94 ? 68  ARG A N   1 
ATOM   218  C CA  . ARG A 1 27 ? 0.801   -8.389  -10.064 1.00 41.58 ? 68  ARG A CA  1 
ATOM   219  C C   . ARG A 1 27 ? -0.235  -8.892  -11.057 1.00 42.68 ? 68  ARG A C   1 
ATOM   220  O O   . ARG A 1 27 ? -0.196  -10.049 -11.464 1.00 43.36 ? 68  ARG A O   1 
ATOM   221  C CB  . ARG A 1 27 ? 0.381   -8.774  -8.645  1.00 44.11 ? 68  ARG A CB  1 
ATOM   222  C CG  . ARG A 1 27 ? -0.971  -8.250  -8.223  1.00 45.90 ? 68  ARG A CG  1 
ATOM   223  C CD  . ARG A 1 27 ? -1.469  -8.995  -6.995  1.00 46.13 ? 68  ARG A CD  1 
ATOM   224  N NE  . ARG A 1 27 ? -2.673  -8.378  -6.450  1.00 45.62 ? 68  ARG A NE  1 
ATOM   225  C CZ  . ARG A 1 27 ? -2.675  -7.251  -5.745  1.00 44.03 ? 68  ARG A CZ  1 
ATOM   226  N NH1 . ARG A 1 27 ? -1.536  -6.618  -5.492  1.00 43.04 ? 68  ARG A NH1 1 
ATOM   227  N NH2 . ARG A 1 27 ? -3.818  -6.756  -5.296  1.00 44.72 ? 68  ARG A NH2 1 
ATOM   228  N N   . GLU A 1 28 ? -1.150  -8.025  -11.462 1.00 44.45 ? 69  GLU A N   1 
ATOM   229  C CA  . GLU A 1 28 ? -2.187  -8.421  -12.393 1.00 46.11 ? 69  GLU A CA  1 
ATOM   230  C C   . GLU A 1 28 ? -1.679  -8.469  -13.829 1.00 47.15 ? 69  GLU A C   1 
ATOM   231  O O   . GLU A 1 28 ? -2.152  -9.276  -14.623 1.00 47.04 ? 69  GLU A O   1 
ATOM   232  C CB  . GLU A 1 28 ? -3.371  -7.463  -12.297 1.00 48.61 ? 69  GLU A CB  1 
ATOM   233  C CG  . GLU A 1 28 ? -4.681  -8.026  -12.829 1.00 54.35 ? 69  GLU A CG  1 
ATOM   234  C CD  . GLU A 1 28 ? -5.143  -9.273  -12.076 1.00 56.31 ? 69  GLU A CD  1 
ATOM   235  O OE1 . GLU A 1 28 ? -5.128  -9.269  -10.822 1.00 56.72 ? 69  GLU A OE1 1 
ATOM   236  O OE2 . GLU A 1 28 ? -5.530  -10.255 -12.743 1.00 58.45 ? 69  GLU A OE2 1 
ATOM   237  N N   . PHE A 1 29 ? -0.723  -7.610  -14.168 1.00 47.12 ? 70  PHE A N   1 
ATOM   238  C CA  . PHE A 1 29 ? -0.194  -7.595  -15.526 1.00 47.34 ? 70  PHE A CA  1 
ATOM   239  C C   . PHE A 1 29 ? 1.270   -8.002  -15.591 1.00 48.06 ? 70  PHE A C   1 
ATOM   240  O O   . PHE A 1 29 ? 1.978   -7.679  -16.548 1.00 47.10 ? 70  PHE A O   1 
ATOM   241  C CB  . PHE A 1 29 ? -0.392  -6.215  -16.157 1.00 48.79 ? 70  PHE A CB  1 
ATOM   242  C CG  . PHE A 1 29 ? -1.817  -5.734  -16.119 1.00 49.61 ? 70  PHE A CG  1 
ATOM   243  C CD1 . PHE A 1 29 ? -2.338  -5.151  -14.969 1.00 50.30 ? 70  PHE A CD1 1 
ATOM   244  C CD2 . PHE A 1 29 ? -2.653  -5.918  -17.212 1.00 51.44 ? 70  PHE A CD2 1 
ATOM   245  C CE1 . PHE A 1 29 ? -3.674  -4.758  -14.902 1.00 49.75 ? 70  PHE A CE1 1 
ATOM   246  C CE2 . PHE A 1 29 ? -3.996  -5.530  -17.158 1.00 51.60 ? 70  PHE A CE2 1 
ATOM   247  C CZ  . PHE A 1 29 ? -4.505  -4.949  -15.997 1.00 50.43 ? 70  PHE A CZ  1 
ATOM   248  N N   . ASP A 1 30 ? 1.715   -8.718  -14.562 1.00 48.05 ? 71  ASP A N   1 
ATOM   249  C CA  . ASP A 1 30 ? 3.085   -9.210  -14.494 1.00 49.09 ? 71  ASP A CA  1 
ATOM   250  C C   . ASP A 1 30 ? 4.120   -8.177  -14.894 1.00 49.09 ? 71  ASP A C   1 
ATOM   251  O O   . ASP A 1 30 ? 5.041   -8.474  -15.650 1.00 49.44 ? 71  ASP A O   1 
ATOM   252  C CB  . ASP A 1 30 ? 3.239   -10.431 -15.395 1.00 50.43 ? 71  ASP A CB  1 
ATOM   253  C CG  . ASP A 1 30 ? 2.404   -11.589 -14.933 1.00 52.05 ? 71  ASP A CG  1 
ATOM   254  O OD1 . ASP A 1 30 ? 2.700   -12.117 -13.843 1.00 53.91 ? 71  ASP A OD1 1 
ATOM   255  O OD2 . ASP A 1 30 ? 1.453   -11.965 -15.650 1.00 53.54 ? 71  ASP A OD2 1 
ATOM   256  N N   . LEU A 1 31 ? 3.969   -6.958  -14.399 1.00 48.96 ? 72  LEU A N   1 
ATOM   257  C CA  . LEU A 1 31 ? 4.928   -5.921  -14.725 1.00 49.30 ? 72  LEU A CA  1 
ATOM   258  C C   . LEU A 1 31 ? 6.197   -6.160  -13.929 1.00 49.83 ? 72  LEU A C   1 
ATOM   259  O O   . LEU A 1 31 ? 6.159   -6.750  -12.851 1.00 49.67 ? 72  LEU A O   1 
ATOM   260  C CB  . LEU A 1 31 ? 4.351   -4.542  -14.394 1.00 48.79 ? 72  LEU A CB  1 
ATOM   261  C CG  . LEU A 1 31 ? 3.343   -3.908  -15.358 1.00 49.50 ? 72  LEU A CG  1 
ATOM   262  C CD1 . LEU A 1 31 ? 3.011   -4.837  -16.509 1.00 47.51 ? 72  LEU A CD1 1 
ATOM   263  C CD2 . LEU A 1 31 ? 2.098   -3.543  -14.586 1.00 50.15 ? 72  LEU A CD2 1 
ATOM   264  N N   . PRO A 1 32 ? 7.350   -5.749  -14.472 1.00 50.88 ? 73  PRO A N   1 
ATOM   265  C CA  . PRO A 1 32 ? 8.601   -5.947  -13.737 1.00 51.99 ? 73  PRO A CA  1 
ATOM   266  C C   . PRO A 1 32 ? 8.670   -4.987  -12.544 1.00 52.88 ? 73  PRO A C   1 
ATOM   267  O O   . PRO A 1 32 ? 7.652   -4.434  -12.123 1.00 52.80 ? 73  PRO A O   1 
ATOM   268  C CB  . PRO A 1 32 ? 9.667   -5.648  -14.789 1.00 52.38 ? 73  PRO A CB  1 
ATOM   269  C CG  . PRO A 1 32 ? 8.996   -6.068  -16.069 1.00 50.94 ? 73  PRO A CG  1 
ATOM   270  C CD  . PRO A 1 32 ? 7.614   -5.487  -15.898 1.00 50.18 ? 73  PRO A CD  1 
ATOM   271  N N   . LYS A 1 33 ? 9.872   -4.791  -12.014 1.00 53.65 ? 74  LYS A N   1 
ATOM   272  C CA  . LYS A 1 33 ? 10.093  -3.912  -10.867 1.00 54.39 ? 74  LYS A CA  1 
ATOM   273  C C   . LYS A 1 33 ? 9.638   -2.483  -11.155 1.00 52.33 ? 74  LYS A C   1 
ATOM   274  O O   . LYS A 1 33 ? 10.111  -1.853  -12.097 1.00 53.51 ? 74  LYS A O   1 
ATOM   275  C CB  . LYS A 1 33 ? 11.582  -3.908  -10.503 1.00 56.70 ? 74  LYS A CB  1 
ATOM   276  C CG  . LYS A 1 33 ? 11.917  -3.177  -9.213  1.00 61.32 ? 74  LYS A CG  1 
ATOM   277  C CD  . LYS A 1 33 ? 11.422  -3.939  -7.992  1.00 63.99 ? 74  LYS A CD  1 
ATOM   278  C CE  . LYS A 1 33 ? 12.173  -5.255  -7.812  1.00 65.09 ? 74  LYS A CE  1 
ATOM   279  N NZ  . LYS A 1 33 ? 11.688  -6.007  -6.617  1.00 67.54 ? 74  LYS A NZ  1 
ATOM   280  N N   . LEU A 1 34 ? 8.725   -1.974  -10.337 1.00 49.68 ? 75  LEU A N   1 
ATOM   281  C CA  . LEU A 1 34 ? 8.217   -0.617  -10.511 1.00 46.92 ? 75  LEU A CA  1 
ATOM   282  C C   . LEU A 1 34 ? 8.798   0.290   -9.422  1.00 44.33 ? 75  LEU A C   1 
ATOM   283  O O   . LEU A 1 34 ? 8.824   -0.081  -8.253  1.00 43.92 ? 75  LEU A O   1 
ATOM   284  C CB  . LEU A 1 34 ? 6.689   -0.631  -10.433 1.00 47.33 ? 75  LEU A CB  1 
ATOM   285  C CG  . LEU A 1 34 ? 5.926   0.663   -10.732 1.00 48.95 ? 75  LEU A CG  1 
ATOM   286  C CD1 . LEU A 1 34 ? 6.275   1.153   -12.128 1.00 50.06 ? 75  LEU A CD1 1 
ATOM   287  C CD2 . LEU A 1 34 ? 4.431   0.409   -10.624 1.00 46.19 ? 75  LEU A CD2 1 
ATOM   288  N N   . ASP A 1 35 ? 9.281   1.470   -9.803  1.00 42.02 ? 76  ASP A N   1 
ATOM   289  C CA  . ASP A 1 35 ? 9.848   2.399   -8.824  1.00 40.70 ? 76  ASP A CA  1 
ATOM   290  C C   . ASP A 1 35 ? 8.702   3.197   -8.192  1.00 38.35 ? 76  ASP A C   1 
ATOM   291  O O   . ASP A 1 35 ? 8.280   4.228   -8.726  1.00 35.95 ? 76  ASP A O   1 
ATOM   292  C CB  . ASP A 1 35 ? 10.842  3.359   -9.499  1.00 42.03 ? 76  ASP A CB  1 
ATOM   293  C CG  . ASP A 1 35 ? 11.588  4.243   -8.491  1.00 43.92 ? 76  ASP A CG  1 
ATOM   294  O OD1 . ASP A 1 35 ? 11.042  4.509   -7.396  1.00 45.51 ? 76  ASP A OD1 1 
ATOM   295  O OD2 . ASP A 1 35 ? 12.720  4.685   -8.796  1.00 44.00 ? 76  ASP A OD2 1 
ATOM   296  N N   . PHE A 1 36 ? 8.214   2.728   -7.047  1.00 36.02 ? 77  PHE A N   1 
ATOM   297  C CA  . PHE A 1 36 ? 7.108   3.398   -6.376  1.00 37.45 ? 77  PHE A CA  1 
ATOM   298  C C   . PHE A 1 36 ? 7.413   4.811   -5.865  1.00 36.50 ? 77  PHE A C   1 
ATOM   299  O O   . PHE A 1 36 ? 6.496   5.549   -5.516  1.00 36.26 ? 77  PHE A O   1 
ATOM   300  C CB  . PHE A 1 36 ? 6.566   2.522   -5.237  1.00 36.25 ? 77  PHE A CB  1 
ATOM   301  C CG  . PHE A 1 36 ? 6.010   1.200   -5.707  1.00 35.54 ? 77  PHE A CG  1 
ATOM   302  C CD1 . PHE A 1 36 ? 6.810   0.064   -5.737  1.00 35.05 ? 77  PHE A CD1 1 
ATOM   303  C CD2 . PHE A 1 36 ? 4.699   1.104   -6.164  1.00 36.58 ? 77  PHE A CD2 1 
ATOM   304  C CE1 . PHE A 1 36 ? 6.316   -1.144  -6.216  1.00 35.09 ? 77  PHE A CE1 1 
ATOM   305  C CE2 . PHE A 1 36 ? 4.195   -0.099  -6.647  1.00 34.63 ? 77  PHE A CE2 1 
ATOM   306  C CZ  . PHE A 1 36 ? 5.005   -1.224  -6.673  1.00 35.08 ? 77  PHE A CZ  1 
ATOM   307  N N   . ASP A 1 37 ? 8.685   5.200   -5.831  1.00 37.42 ? 78  ASP A N   1 
ATOM   308  C CA  . ASP A 1 37 ? 9.032   6.545   -5.369  1.00 36.28 ? 78  ASP A CA  1 
ATOM   309  C C   . ASP A 1 37 ? 8.654   7.580   -6.415  1.00 34.90 ? 78  ASP A C   1 
ATOM   310  O O   . ASP A 1 37 ? 8.578   8.770   -6.119  1.00 34.87 ? 78  ASP A O   1 
ATOM   311  C CB  . ASP A 1 37 ? 10.531  6.674   -5.089  1.00 40.76 ? 78  ASP A CB  1 
ATOM   312  C CG  . ASP A 1 37 ? 10.965  5.910   -3.857  1.00 45.21 ? 78  ASP A CG  1 
ATOM   313  O OD1 . ASP A 1 37 ? 10.089  5.577   -3.027  1.00 47.65 ? 78  ASP A OD1 1 
ATOM   314  O OD2 . ASP A 1 37 ? 12.186  5.659   -3.710  1.00 46.17 ? 78  ASP A OD2 1 
ATOM   315  N N   . LEU A 1 38 ? 8.426   7.124   -7.640  1.00 32.19 ? 79  LEU A N   1 
ATOM   316  C CA  . LEU A 1 38 ? 8.079   8.028   -8.725  1.00 31.86 ? 79  LEU A CA  1 
ATOM   317  C C   . LEU A 1 38 ? 6.569   8.236   -8.837  1.00 30.60 ? 79  LEU A C   1 
ATOM   318  O O   . LEU A 1 38 ? 6.087   8.910   -9.740  1.00 28.15 ? 79  LEU A O   1 
ATOM   319  C CB  . LEU A 1 38 ? 8.664   7.497   -10.038 1.00 31.77 ? 79  LEU A CB  1 
ATOM   320  C CG  . LEU A 1 38 ? 10.186  7.307   -9.953  1.00 33.95 ? 79  LEU A CG  1 
ATOM   321  C CD1 . LEU A 1 38 ? 10.729  6.735   -11.267 1.00 32.70 ? 79  LEU A CD1 1 
ATOM   322  C CD2 . LEU A 1 38 ? 10.855  8.658   -9.631  1.00 31.56 ? 79  LEU A CD2 1 
ATOM   323  N N   . PHE A 1 39 ? 5.825   7.651   -7.908  1.00 31.79 ? 80  PHE A N   1 
ATOM   324  C CA  . PHE A 1 39 ? 4.376   7.806   -7.907  1.00 33.05 ? 80  PHE A CA  1 
ATOM   325  C C   . PHE A 1 39 ? 3.884   8.288   -6.538  1.00 34.03 ? 80  PHE A C   1 
ATOM   326  O O   . PHE A 1 39 ? 2.844   7.835   -6.050  1.00 33.08 ? 80  PHE A O   1 
ATOM   327  C CB  . PHE A 1 39 ? 3.698   6.482   -8.277  1.00 31.09 ? 80  PHE A CB  1 
ATOM   328  C CG  . PHE A 1 39 ? 3.969   6.038   -9.690  1.00 30.89 ? 80  PHE A CG  1 
ATOM   329  C CD1 . PHE A 1 39 ? 5.014   5.167   -9.976  1.00 28.59 ? 80  PHE A CD1 1 
ATOM   330  C CD2 . PHE A 1 39 ? 3.198   6.528   -10.740 1.00 31.94 ? 80  PHE A CD2 1 
ATOM   331  C CE1 . PHE A 1 39 ? 5.288   4.787   -11.291 1.00 31.45 ? 80  PHE A CE1 1 
ATOM   332  C CE2 . PHE A 1 39 ? 3.465   6.158   -12.058 1.00 32.84 ? 80  PHE A CE2 1 
ATOM   333  C CZ  . PHE A 1 39 ? 4.515   5.284   -12.333 1.00 29.69 ? 80  PHE A CZ  1 
ATOM   334  N N   . GLN A 1 40 ? 4.642   9.194   -5.920  1.00 33.94 ? 81  GLN A N   1 
ATOM   335  C CA  . GLN A 1 40 ? 4.280   9.740   -4.605  1.00 36.98 ? 81  GLN A CA  1 
ATOM   336  C C   . GLN A 1 40 ? 3.260   10.843  -4.833  1.00 36.26 ? 81  GLN A C   1 
ATOM   337  O O   . GLN A 1 40 ? 3.595   12.031  -4.811  1.00 37.74 ? 81  GLN A O   1 
ATOM   338  C CB  . GLN A 1 40 ? 5.504   10.339  -3.902  1.00 39.89 ? 81  GLN A CB  1 
ATOM   339  C CG  . GLN A 1 40 ? 6.585   9.351   -3.516  1.00 42.22 ? 81  GLN A CG  1 
ATOM   340  C CD  . GLN A 1 40 ? 7.770   10.040  -2.846  1.00 45.01 ? 81  GLN A CD  1 
ATOM   341  O OE1 . GLN A 1 40 ? 7.647   10.581  -1.745  1.00 46.55 ? 81  GLN A OE1 1 
ATOM   342  N NE2 . GLN A 1 40 ? 8.920   10.031  -3.515  1.00 42.76 ? 81  GLN A NE2 1 
ATOM   343  N N   . MET A 1 41 ? 2.014   10.451  -5.062  1.00 32.71 ? 82  MET A N   1 
ATOM   344  C CA  . MET A 1 41 ? 0.967   11.419  -5.321  1.00 29.66 ? 82  MET A CA  1 
ATOM   345  C C   . MET A 1 41 ? -0.386  10.791  -5.031  1.00 28.75 ? 82  MET A C   1 
ATOM   346  O O   . MET A 1 41 ? -0.506  9.563   -4.983  1.00 27.44 ? 82  MET A O   1 
ATOM   347  C CB  . MET A 1 41 ? 1.039   11.857  -6.778  1.00 30.74 ? 82  MET A CB  1 
ATOM   348  C CG  . MET A 1 41 ? 0.948   10.705  -7.768  1.00 29.10 ? 82  MET A CG  1 
ATOM   349  S SD  . MET A 1 41 ? 1.124   11.274  -9.439  1.00 32.30 ? 82  MET A SD  1 
ATOM   350  C CE  . MET A 1 41 ? 2.930   11.332  -9.588  1.00 32.96 ? 82  MET A CE  1 
ATOM   351  N N   . ASN A 1 42 ? -1.403  11.625  -4.833  1.00 27.63 ? 83  ASN A N   1 
ATOM   352  C CA  . ASN A 1 42 ? -2.731  11.099  -4.559  1.00 27.78 ? 83  ASN A CA  1 
ATOM   353  C C   . ASN A 1 42 ? -3.462  10.825  -5.878  1.00 26.69 ? 83  ASN A C   1 
ATOM   354  O O   . ASN A 1 42 ? -2.947  11.125  -6.954  1.00 26.07 ? 83  ASN A O   1 
ATOM   355  C CB  . ASN A 1 42 ? -3.538  12.058  -3.653  1.00 25.79 ? 83  ASN A CB  1 
ATOM   356  C CG  . ASN A 1 42 ? -3.903  13.378  -4.338  1.00 27.80 ? 83  ASN A CG  1 
ATOM   357  O OD1 . ASN A 1 42 ? -3.564  13.611  -5.498  1.00 28.67 ? 83  ASN A OD1 1 
ATOM   358  N ND2 . ASN A 1 42 ? -4.604  14.250  -3.604  1.00 26.14 ? 83  ASN A ND2 1 
ATOM   359  N N   . GLY A 1 43 ? -4.655  10.247  -5.786  1.00 27.42 ? 84  GLY A N   1 
ATOM   360  C CA  . GLY A 1 43 ? -5.416  9.922   -6.976  1.00 28.06 ? 84  GLY A CA  1 
ATOM   361  C C   . GLY A 1 43 ? -5.690  11.085  -7.907  1.00 28.91 ? 84  GLY A C   1 
ATOM   362  O O   . GLY A 1 43 ? -5.676  10.922  -9.127  1.00 28.38 ? 84  GLY A O   1 
ATOM   363  N N   . LYS A 1 44 ? -5.945  12.262  -7.345  1.00 29.42 ? 85  LYS A N   1 
ATOM   364  C CA  . LYS A 1 44 ? -6.235  13.431  -8.170  1.00 29.74 ? 85  LYS A CA  1 
ATOM   365  C C   . LYS A 1 44 ? -5.097  13.715  -9.137  1.00 29.49 ? 85  LYS A C   1 
ATOM   366  O O   . LYS A 1 44 ? -5.326  13.963  -10.325 1.00 26.79 ? 85  LYS A O   1 
ATOM   367  C CB  . LYS A 1 44 ? -6.484  14.672  -7.306  1.00 32.34 ? 85  LYS A CB  1 
ATOM   368  C CG  . LYS A 1 44 ? -6.791  15.917  -8.134  1.00 34.29 ? 85  LYS A CG  1 
ATOM   369  C CD  . LYS A 1 44 ? -6.857  17.169  -7.279  1.00 36.76 ? 85  LYS A CD  1 
ATOM   370  C CE  . LYS A 1 44 ? -6.991  18.415  -8.154  1.00 39.20 ? 85  LYS A CE  1 
ATOM   371  N NZ  . LYS A 1 44 ? -6.924  19.680  -7.380  1.00 41.37 ? 85  LYS A NZ  1 
ATOM   372  N N   . ARG A 1 45 ? -3.868  13.681  -8.629  1.00 29.59 ? 86  ARG A N   1 
ATOM   373  C CA  . ARG A 1 45 ? -2.710  13.945  -9.477  1.00 30.25 ? 86  ARG A CA  1 
ATOM   374  C C   . ARG A 1 45 ? -2.450  12.778  -10.410 1.00 28.53 ? 86  ARG A C   1 
ATOM   375  O O   . ARG A 1 45 ? -2.106  12.975  -11.571 1.00 28.00 ? 86  ARG A O   1 
ATOM   376  C CB  . ARG A 1 45 ? -1.464  14.234  -8.629  1.00 30.18 ? 86  ARG A CB  1 
ATOM   377  C CG  . ARG A 1 45 ? -1.428  15.664  -8.065  1.00 34.70 ? 86  ARG A CG  1 
ATOM   378  C CD  . ARG A 1 45 ? 0.019   16.137  -7.850  1.00 36.34 ? 86  ARG A CD  1 
ATOM   379  N NE  . ARG A 1 45 ? 0.588   15.632  -6.606  1.00 39.08 ? 86  ARG A NE  1 
ATOM   380  C CZ  . ARG A 1 45 ? 1.883   15.411  -6.416  1.00 40.01 ? 86  ARG A CZ  1 
ATOM   381  N NH1 . ARG A 1 45 ? 2.746   15.644  -7.397  1.00 41.44 ? 86  ARG A NH1 1 
ATOM   382  N NH2 . ARG A 1 45 ? 2.313   14.963  -5.245  1.00 39.85 ? 86  ARG A NH2 1 
ATOM   383  N N   . LEU A 1 46 ? -2.624  11.561  -9.911  1.00 26.25 ? 87  LEU A N   1 
ATOM   384  C CA  . LEU A 1 46 ? -2.403  10.392  -10.749 1.00 27.67 ? 87  LEU A CA  1 
ATOM   385  C C   . LEU A 1 46 ? -3.268  10.465  -12.007 1.00 26.78 ? 87  LEU A C   1 
ATOM   386  O O   . LEU A 1 46 ? -2.792  10.206  -13.114 1.00 28.01 ? 87  LEU A O   1 
ATOM   387  C CB  . LEU A 1 46 ? -2.737  9.095   -9.992  1.00 24.71 ? 87  LEU A CB  1 
ATOM   388  C CG  . LEU A 1 46 ? -2.270  7.828   -10.726 1.00 22.25 ? 87  LEU A CG  1 
ATOM   389  C CD1 . LEU A 1 46 ? -0.758  7.727   -10.640 1.00 21.80 ? 87  LEU A CD1 1 
ATOM   390  C CD2 . LEU A 1 46 ? -2.919  6.579   -10.112 1.00 21.18 ? 87  LEU A CD2 1 
ATOM   391  N N   . CYS A 1 47 ? -4.539  10.821  -11.836 1.00 25.26 ? 88  CYS A N   1 
ATOM   392  C CA  . CYS A 1 47 ? -5.455  10.894  -12.969 1.00 27.54 ? 88  CYS A CA  1 
ATOM   393  C C   . CYS A 1 47 ? -5.154  12.046  -13.914 1.00 29.83 ? 88  CYS A C   1 
ATOM   394  O O   . CYS A 1 47 ? -5.733  12.131  -15.003 1.00 29.93 ? 88  CYS A O   1 
ATOM   395  C CB  . CYS A 1 47 ? -6.902  11.000  -12.486 1.00 27.20 ? 88  CYS A CB  1 
ATOM   396  S SG  . CYS A 1 47 ? -7.444  9.571   -11.534 1.00 30.33 ? 88  CYS A SG  1 
ATOM   397  N N   . LEU A 1 48 ? -4.257  12.935  -13.503 1.00 30.27 ? 89  LEU A N   1 
ATOM   398  C CA  . LEU A 1 48 ? -3.891  14.060  -14.354 1.00 32.69 ? 89  LEU A CA  1 
ATOM   399  C C   . LEU A 1 48 ? -2.637  13.766  -15.178 1.00 31.81 ? 89  LEU A C   1 
ATOM   400  O O   . LEU A 1 48 ? -2.315  14.498  -16.119 1.00 32.92 ? 89  LEU A O   1 
ATOM   401  C CB  . LEU A 1 48 ? -3.709  15.328  -13.508 1.00 33.87 ? 89  LEU A CB  1 
ATOM   402  C CG  . LEU A 1 48 ? -5.052  15.892  -13.027 1.00 36.33 ? 89  LEU A CG  1 
ATOM   403  C CD1 . LEU A 1 48 ? -4.846  17.065  -12.072 1.00 36.29 ? 89  LEU A CD1 1 
ATOM   404  C CD2 . LEU A 1 48 ? -5.859  16.329  -14.249 1.00 35.36 ? 89  LEU A CD2 1 
ATOM   405  N N   . LEU A 1 49 ? -1.933  12.691  -14.837 1.00 31.27 ? 90  LEU A N   1 
ATOM   406  C CA  . LEU A 1 49 ? -0.741  12.322  -15.593 1.00 30.88 ? 90  LEU A CA  1 
ATOM   407  C C   . LEU A 1 49 ? -1.126  11.975  -17.019 1.00 30.59 ? 90  LEU A C   1 
ATOM   408  O O   . LEU A 1 49 ? -2.191  11.416  -17.265 1.00 28.14 ? 90  LEU A O   1 
ATOM   409  C CB  . LEU A 1 49 ? -0.043  11.111  -14.978 1.00 30.96 ? 90  LEU A CB  1 
ATOM   410  C CG  . LEU A 1 49 ? 0.530   11.288  -13.578 1.00 31.45 ? 90  LEU A CG  1 
ATOM   411  C CD1 . LEU A 1 49 ? 1.195   9.988   -13.139 1.00 29.81 ? 90  LEU A CD1 1 
ATOM   412  C CD2 . LEU A 1 49 ? 1.527   12.452  -13.579 1.00 31.29 ? 90  LEU A CD2 1 
ATOM   413  N N   . THR A 1 50 ? -0.248  12.319  -17.952 1.00 31.85 ? 91  THR A N   1 
ATOM   414  C CA  . THR A 1 50 ? -0.456  12.027  -19.364 1.00 32.38 ? 91  THR A CA  1 
ATOM   415  C C   . THR A 1 50 ? 0.177   10.667  -19.642 1.00 32.72 ? 91  THR A C   1 
ATOM   416  O O   . THR A 1 50 ? 0.946   10.161  -18.821 1.00 30.17 ? 91  THR A O   1 
ATOM   417  C CB  . THR A 1 50 ? 0.264   13.059  -20.248 1.00 33.41 ? 91  THR A CB  1 
ATOM   418  O OG1 . THR A 1 50 ? 1.670   13.016  -19.961 1.00 34.26 ? 91  THR A OG1 1 
ATOM   419  C CG2 . THR A 1 50 ? -0.254  14.463  -19.963 1.00 31.28 ? 91  THR A CG2 1 
ATOM   420  N N   . ARG A 1 51 ? -0.139  10.079  -20.793 1.00 33.96 ? 92  ARG A N   1 
ATOM   421  C CA  . ARG A 1 51 ? 0.456   8.802   -21.168 1.00 34.73 ? 92  ARG A CA  1 
ATOM   422  C C   . ARG A 1 51 ? 1.968   9.006   -21.103 1.00 34.89 ? 92  ARG A C   1 
ATOM   423  O O   . ARG A 1 51 ? 2.700   8.170   -20.575 1.00 32.93 ? 92  ARG A O   1 
ATOM   424  C CB  . ARG A 1 51 ? 0.046   8.416   -22.594 1.00 39.08 ? 92  ARG A CB  1 
ATOM   425  C CG  . ARG A 1 51 ? 0.591   7.073   -23.090 1.00 45.03 ? 92  ARG A CG  1 
ATOM   426  C CD  . ARG A 1 51 ? 1.417   7.226   -24.372 1.00 50.21 ? 92  ARG A CD  1 
ATOM   427  N NE  . ARG A 1 51 ? 2.850   7.105   -24.105 1.00 56.14 ? 92  ARG A NE  1 
ATOM   428  C CZ  . ARG A 1 51 ? 3.779   7.934   -24.574 1.00 58.06 ? 92  ARG A CZ  1 
ATOM   429  N NH1 . ARG A 1 51 ? 3.434   8.958   -25.342 1.00 57.90 ? 92  ARG A NH1 1 
ATOM   430  N NH2 . ARG A 1 51 ? 5.056   7.745   -24.263 1.00 60.49 ? 92  ARG A NH2 1 
ATOM   431  N N   . ALA A 1 52 ? 2.424   10.146  -21.623 1.00 34.77 ? 93  ALA A N   1 
ATOM   432  C CA  . ALA A 1 52 ? 3.846   10.476  -21.631 1.00 34.90 ? 93  ALA A CA  1 
ATOM   433  C C   . ALA A 1 52 ? 4.435   10.505  -20.231 1.00 35.54 ? 93  ALA A C   1 
ATOM   434  O O   . ALA A 1 52 ? 5.551   10.024  -20.021 1.00 36.39 ? 93  ALA A O   1 
ATOM   435  C CB  . ALA A 1 52 ? 4.071   11.828  -22.319 1.00 36.42 ? 93  ALA A CB  1 
ATOM   436  N N   . ASP A 1 53 ? 3.700   11.079  -19.278 1.00 35.54 ? 94  ASP A N   1 
ATOM   437  C CA  . ASP A 1 53 ? 4.168   11.155  -17.896 1.00 32.83 ? 94  ASP A CA  1 
ATOM   438  C C   . ASP A 1 53 ? 4.363   9.760   -17.303 1.00 32.75 ? 94  ASP A C   1 
ATOM   439  O O   . ASP A 1 53 ? 5.369   9.490   -16.641 1.00 32.25 ? 94  ASP A O   1 
ATOM   440  C CB  . ASP A 1 53 ? 3.184   11.952  -17.028 1.00 36.35 ? 94  ASP A CB  1 
ATOM   441  C CG  . ASP A 1 53 ? 3.108   13.412  -17.425 1.00 40.01 ? 94  ASP A CG  1 
ATOM   442  O OD1 . ASP A 1 53 ? 4.181   14.027  -17.626 1.00 40.10 ? 94  ASP A OD1 1 
ATOM   443  O OD2 . ASP A 1 53 ? 1.981   13.947  -17.528 1.00 42.49 ? 94  ASP A OD2 1 
ATOM   444  N N   . PHE A 1 54 ? 3.394   8.875   -17.512 1.00 30.80 ? 95  PHE A N   1 
ATOM   445  C CA  . PHE A 1 54 ? 3.541   7.514   -17.008 1.00 29.56 ? 95  PHE A CA  1 
ATOM   446  C C   . PHE A 1 54 ? 4.783   6.914   -17.654 1.00 29.70 ? 95  PHE A C   1 
ATOM   447  O O   . PHE A 1 54 ? 5.561   6.215   -17.007 1.00 31.07 ? 95  PHE A O   1 
ATOM   448  C CB  . PHE A 1 54 ? 2.318   6.660   -17.361 1.00 28.39 ? 95  PHE A CB  1 
ATOM   449  C CG  . PHE A 1 54 ? 1.225   6.705   -16.325 1.00 26.96 ? 95  PHE A CG  1 
ATOM   450  C CD1 . PHE A 1 54 ? 0.104   7.511   -16.507 1.00 22.75 ? 95  PHE A CD1 1 
ATOM   451  C CD2 . PHE A 1 54 ? 1.323   5.938   -15.163 1.00 25.57 ? 95  PHE A CD2 1 
ATOM   452  C CE1 . PHE A 1 54 ? -0.906  7.554   -15.549 1.00 25.27 ? 95  PHE A CE1 1 
ATOM   453  C CE2 . PHE A 1 54 ? 0.318   5.972   -14.188 1.00 22.65 ? 95  PHE A CE2 1 
ATOM   454  C CZ  . PHE A 1 54 ? -0.799  6.782   -14.383 1.00 25.34 ? 95  PHE A CZ  1 
ATOM   455  N N   . GLY A 1 55 ? 4.962   7.210   -18.938 1.00 33.58 ? 96  GLY A N   1 
ATOM   456  C CA  . GLY A 1 55 ? 6.103   6.698   -19.674 1.00 35.00 ? 96  GLY A CA  1 
ATOM   457  C C   . GLY A 1 55 ? 7.450   7.017   -19.052 1.00 36.90 ? 96  GLY A C   1 
ATOM   458  O O   . GLY A 1 55 ? 8.342   6.166   -19.026 1.00 37.29 ? 96  GLY A O   1 
ATOM   459  N N   . HIS A 1 56 ? 7.616   8.236   -18.550 1.00 37.09 ? 97  HIS A N   1 
ATOM   460  C CA  . HIS A 1 56 ? 8.886   8.605   -17.935 1.00 38.70 ? 97  HIS A CA  1 
ATOM   461  C C   . HIS A 1 56 ? 9.091   7.907   -16.594 1.00 37.63 ? 97  HIS A C   1 
ATOM   462  O O   . HIS A 1 56 ? 10.217  7.580   -16.222 1.00 38.19 ? 97  HIS A O   1 
ATOM   463  C CB  . HIS A 1 56 ? 8.970   10.117  -17.729 1.00 42.11 ? 97  HIS A CB  1 
ATOM   464  C CG  . HIS A 1 56 ? 9.014   10.903  -19.001 1.00 46.99 ? 97  HIS A CG  1 
ATOM   465  N ND1 . HIS A 1 56 ? 7.948   10.967  -19.873 1.00 50.80 ? 97  HIS A ND1 1 
ATOM   466  C CD2 . HIS A 1 56 ? 10.001  11.642  -19.560 1.00 47.76 ? 97  HIS A CD2 1 
ATOM   467  C CE1 . HIS A 1 56 ? 8.276   11.711  -20.915 1.00 50.68 ? 97  HIS A CE1 1 
ATOM   468  N NE2 . HIS A 1 56 ? 9.515   12.132  -20.748 1.00 51.39 ? 97  HIS A NE2 1 
ATOM   469  N N   . ARG A 1 57 ? 8.006   7.672   -15.868 1.00 35.59 ? 98  ARG A N   1 
ATOM   470  C CA  . ARG A 1 57 ? 8.120   7.032   -14.563 1.00 35.43 ? 98  ARG A CA  1 
ATOM   471  C C   . ARG A 1 57 ? 8.160   5.514   -14.640 1.00 36.15 ? 98  ARG A C   1 
ATOM   472  O O   . ARG A 1 57 ? 8.461   4.853   -13.648 1.00 37.97 ? 98  ARG A O   1 
ATOM   473  C CB  . ARG A 1 57 ? 6.974   7.494   -13.660 1.00 35.09 ? 98  ARG A CB  1 
ATOM   474  C CG  . ARG A 1 57 ? 6.996   8.992   -13.380 1.00 36.40 ? 98  ARG A CG  1 
ATOM   475  C CD  . ARG A 1 57 ? 5.642   9.493   -12.889 1.00 39.68 ? 98  ARG A CD  1 
ATOM   476  N NE  . ARG A 1 57 ? 5.568   10.955  -12.884 1.00 41.62 ? 98  ARG A NE  1 
ATOM   477  C CZ  . ARG A 1 57 ? 6.072   11.733  -11.929 1.00 43.09 ? 98  ARG A CZ  1 
ATOM   478  N NH1 . ARG A 1 57 ? 6.686   11.199  -10.884 1.00 41.50 ? 98  ARG A NH1 1 
ATOM   479  N NH2 . ARG A 1 57 ? 5.970   13.053  -12.028 1.00 44.50 ? 98  ARG A NH2 1 
ATOM   480  N N   . CYS A 1 58 ? 7.856   4.963   -15.816 1.00 35.71 ? 99  CYS A N   1 
ATOM   481  C CA  . CYS A 1 58 ? 7.866   3.514   -16.032 1.00 33.66 ? 99  CYS A CA  1 
ATOM   482  C C   . CYS A 1 58 ? 8.027   3.288   -17.539 1.00 34.18 ? 99  CYS A C   1 
ATOM   483  O O   . CYS A 1 58 ? 7.051   3.083   -18.264 1.00 32.13 ? 99  CYS A O   1 
ATOM   484  C CB  . CYS A 1 58 ? 6.556   2.892   -15.531 1.00 32.23 ? 99  CYS A CB  1 
ATOM   485  S SG  . CYS A 1 58 ? 6.479   1.065   -15.609 1.00 35.34 ? 99  CYS A SG  1 
ATOM   486  N N   . PRO A 1 59 ? 9.271   3.348   -18.030 1.00 34.78 ? 100 PRO A N   1 
ATOM   487  C CA  . PRO A 1 59 ? 9.582   3.160   -19.452 1.00 33.78 ? 100 PRO A CA  1 
ATOM   488  C C   . PRO A 1 59 ? 9.112   1.817   -19.981 1.00 34.81 ? 100 PRO A C   1 
ATOM   489  O O   . PRO A 1 59 ? 8.723   1.692   -21.145 1.00 34.47 ? 100 PRO A O   1 
ATOM   490  C CB  . PRO A 1 59 ? 11.101  3.289   -19.498 1.00 34.56 ? 100 PRO A CB  1 
ATOM   491  C CG  . PRO A 1 59 ? 11.407  4.204   -18.336 1.00 35.40 ? 100 PRO A CG  1 
ATOM   492  C CD  . PRO A 1 59 ? 10.489  3.670   -17.264 1.00 36.67 ? 100 PRO A CD  1 
ATOM   493  N N   . GLY A 1 60 ? 9.157   0.810   -19.118 1.00 34.92 ? 101 GLY A N   1 
ATOM   494  C CA  . GLY A 1 60 ? 8.743   -0.519  -19.517 1.00 33.65 ? 101 GLY A CA  1 
ATOM   495  C C   . GLY A 1 60 ? 7.253   -0.720  -19.735 1.00 34.88 ? 101 GLY A C   1 
ATOM   496  O O   . GLY A 1 60 ? 6.844   -1.318  -20.738 1.00 33.57 ? 101 GLY A O   1 
ATOM   497  N N   . ALA A 1 61 ? 6.425   -0.218  -18.824 1.00 34.76 ? 102 ALA A N   1 
ATOM   498  C CA  . ALA A 1 61 ? 4.995   -0.438  -18.962 1.00 34.72 ? 102 ALA A CA  1 
ATOM   499  C C   . ALA A 1 61 ? 4.091   0.719   -18.584 1.00 35.32 ? 102 ALA A C   1 
ATOM   500  O O   . ALA A 1 61 ? 2.981   0.506   -18.102 1.00 34.64 ? 102 ALA A O   1 
ATOM   501  C CB  . ALA A 1 61 ? 4.603   -1.670  -18.168 1.00 34.72 ? 102 ALA A CB  1 
ATOM   502  N N   . GLY A 1 62 ? 4.552   1.939   -18.819 1.00 34.97 ? 103 GLY A N   1 
ATOM   503  C CA  . GLY A 1 62 ? 3.742   3.098   -18.501 1.00 33.41 ? 103 GLY A CA  1 
ATOM   504  C C   . GLY A 1 62 ? 2.375   3.099   -19.170 1.00 33.22 ? 103 GLY A C   1 
ATOM   505  O O   . GLY A 1 62 ? 1.374   3.432   -18.535 1.00 30.19 ? 103 GLY A O   1 
ATOM   506  N N   . ASP A 1 63 ? 2.321   2.729   -20.451 1.00 34.24 ? 104 ASP A N   1 
ATOM   507  C CA  . ASP A 1 63 ? 1.053   2.708   -21.188 1.00 34.07 ? 104 ASP A CA  1 
ATOM   508  C C   . ASP A 1 63 ? -0.009  1.836   -20.521 1.00 33.46 ? 104 ASP A C   1 
ATOM   509  O O   . ASP A 1 63 ? -1.187  2.188   -20.490 1.00 34.52 ? 104 ASP A O   1 
ATOM   510  C CB  . ASP A 1 63 ? 1.281   2.220   -22.624 1.00 38.49 ? 104 ASP A CB  1 
ATOM   511  C CG  . ASP A 1 63 ? 1.887   3.289   -23.521 1.00 41.09 ? 104 ASP A CG  1 
ATOM   512  O OD1 . ASP A 1 63 ? 2.868   3.949   -23.108 1.00 40.50 ? 104 ASP A OD1 1 
ATOM   513  O OD2 . ASP A 1 63 ? 1.386   3.458   -24.652 1.00 45.53 ? 104 ASP A OD2 1 
ATOM   514  N N   . VAL A 1 64 ? 0.410   0.692   -19.994 1.00 32.38 ? 105 VAL A N   1 
ATOM   515  C CA  . VAL A 1 64 ? -0.512  -0.221  -19.322 1.00 32.80 ? 105 VAL A CA  1 
ATOM   516  C C   . VAL A 1 64 ? -1.145  0.468   -18.120 1.00 30.49 ? 105 VAL A C   1 
ATOM   517  O O   . VAL A 1 64 ? -2.375  0.482   -17.955 1.00 31.35 ? 105 VAL A O   1 
ATOM   518  C CB  . VAL A 1 64 ? 0.227   -1.482  -18.841 1.00 31.87 ? 105 VAL A CB  1 
ATOM   519  C CG1 . VAL A 1 64 ? -0.723  -2.379  -18.048 1.00 31.46 ? 105 VAL A CG1 1 
ATOM   520  C CG2 . VAL A 1 64 ? 0.806   -2.218  -20.047 1.00 32.70 ? 105 VAL A CG2 1 
ATOM   521  N N   . LEU A 1 65 ? -0.291  1.040   -17.282 1.00 29.20 ? 106 LEU A N   1 
ATOM   522  C CA  . LEU A 1 65 ? -0.744  1.747   -16.092 1.00 27.93 ? 106 LEU A CA  1 
ATOM   523  C C   . LEU A 1 65 ? -1.762  2.800   -16.494 1.00 26.61 ? 106 LEU A C   1 
ATOM   524  O O   . LEU A 1 65 ? -2.888  2.833   -16.002 1.00 26.97 ? 106 LEU A O   1 
ATOM   525  C CB  . LEU A 1 65 ? 0.453   2.413   -15.405 1.00 28.83 ? 106 LEU A CB  1 
ATOM   526  C CG  . LEU A 1 65 ? 1.548   1.444   -14.938 1.00 31.61 ? 106 LEU A CG  1 
ATOM   527  C CD1 . LEU A 1 65 ? 2.683   2.204   -14.253 1.00 34.25 ? 106 LEU A CD1 1 
ATOM   528  C CD2 . LEU A 1 65 ? 0.938   0.440   -13.974 1.00 29.10 ? 106 LEU A CD2 1 
ATOM   529  N N   . HIS A 1 66 ? -1.361  3.650   -17.423 1.00 28.16 ? 107 HIS A N   1 
ATOM   530  C CA  . HIS A 1 66 ? -2.218  4.724   -17.880 1.00 29.13 ? 107 HIS A CA  1 
ATOM   531  C C   . HIS A 1 66 ? -3.540  4.215   -18.435 1.00 28.00 ? 107 HIS A C   1 
ATOM   532  O O   . HIS A 1 66 ? -4.596  4.750   -18.121 1.00 27.77 ? 107 HIS A O   1 
ATOM   533  C CB  . HIS A 1 66 ? -1.469  5.555   -18.924 1.00 29.64 ? 107 HIS A CB  1 
ATOM   534  C CG  . HIS A 1 66 ? -2.281  6.671   -19.502 1.00 31.42 ? 107 HIS A CG  1 
ATOM   535  N ND1 . HIS A 1 66 ? -3.045  6.524   -20.641 1.00 32.45 ? 107 HIS A ND1 1 
ATOM   536  C CD2 . HIS A 1 66 ? -2.471  7.944   -19.084 1.00 32.23 ? 107 HIS A CD2 1 
ATOM   537  C CE1 . HIS A 1 66 ? -3.668  7.659   -20.899 1.00 34.71 ? 107 HIS A CE1 1 
ATOM   538  N NE2 . HIS A 1 66 ? -3.339  8.537   -19.970 1.00 32.56 ? 107 HIS A NE2 1 
ATOM   539  N N   . ASN A 1 67 ? -3.482  3.174   -19.256 1.00 29.11 ? 108 ASN A N   1 
ATOM   540  C CA  . ASN A 1 67 ? -4.688  2.619   -19.850 1.00 30.63 ? 108 ASN A CA  1 
ATOM   541  C C   . ASN A 1 67 ? -5.631  2.066   -18.784 1.00 29.39 ? 108 ASN A C   1 
ATOM   542  O O   . ASN A 1 67 ? -6.818  2.387   -18.771 1.00 31.03 ? 108 ASN A O   1 
ATOM   543  C CB  . ASN A 1 67 ? -4.319  1.516   -20.845 1.00 33.46 ? 108 ASN A CB  1 
ATOM   544  C CG  . ASN A 1 67 ? -5.513  1.028   -21.641 1.00 35.90 ? 108 ASN A CG  1 
ATOM   545  O OD1 . ASN A 1 67 ? -6.075  1.765   -22.449 1.00 37.53 ? 108 ASN A OD1 1 
ATOM   546  N ND2 . ASN A 1 67 ? -5.912  -0.219  -21.407 1.00 37.36 ? 108 ASN A ND2 1 
ATOM   547  N N   . VAL A 1 68 ? -5.107  1.245   -17.882 1.00 28.59 ? 109 VAL A N   1 
ATOM   548  C CA  . VAL A 1 68 ? -5.943  0.671   -16.828 1.00 27.25 ? 109 VAL A CA  1 
ATOM   549  C C   . VAL A 1 68 ? -6.574  1.774   -15.975 1.00 25.37 ? 109 VAL A C   1 
ATOM   550  O O   . VAL A 1 68 ? -7.756  1.708   -15.644 1.00 23.02 ? 109 VAL A O   1 
ATOM   551  C CB  . VAL A 1 68 ? -5.128  -0.276  -15.923 1.00 29.29 ? 109 VAL A CB  1 
ATOM   552  C CG1 . VAL A 1 68 ? -5.996  -0.799  -14.786 1.00 30.06 ? 109 VAL A CG1 1 
ATOM   553  C CG2 . VAL A 1 68 ? -4.592  -1.440  -16.755 1.00 30.48 ? 109 VAL A CG2 1 
ATOM   554  N N   . LEU A 1 69 ? -5.793  2.795   -15.633 1.00 26.19 ? 110 LEU A N   1 
ATOM   555  C CA  . LEU A 1 69 ? -6.328  3.892   -14.827 1.00 24.31 ? 110 LEU A CA  1 
ATOM   556  C C   . LEU A 1 69 ? -7.478  4.578   -15.565 1.00 25.30 ? 110 LEU A C   1 
ATOM   557  O O   . LEU A 1 69 ? -8.524  4.859   -14.972 1.00 23.18 ? 110 LEU A O   1 
ATOM   558  C CB  . LEU A 1 69 ? -5.240  4.917   -14.507 1.00 23.08 ? 110 LEU A CB  1 
ATOM   559  C CG  . LEU A 1 69 ? -5.706  6.100   -13.648 1.00 25.65 ? 110 LEU A CG  1 
ATOM   560  C CD1 . LEU A 1 69 ? -6.419  5.597   -12.405 1.00 21.28 ? 110 LEU A CD1 1 
ATOM   561  C CD2 . LEU A 1 69 ? -4.524  6.954   -13.268 1.00 23.70 ? 110 LEU A CD2 1 
ATOM   562  N N   . GLN A 1 70 ? -7.300  4.828   -16.859 1.00 26.85 ? 111 GLN A N   1 
ATOM   563  C CA  . GLN A 1 70 ? -8.360  5.486   -17.620 1.00 32.61 ? 111 GLN A CA  1 
ATOM   564  C C   . GLN A 1 70 ? -9.639  4.662   -17.639 1.00 32.73 ? 111 GLN A C   1 
ATOM   565  O O   . GLN A 1 70 ? -10.745 5.205   -17.544 1.00 34.90 ? 111 GLN A O   1 
ATOM   566  C CB  . GLN A 1 70 ? -7.936  5.757   -19.058 1.00 33.63 ? 111 GLN A CB  1 
ATOM   567  C CG  . GLN A 1 70 ? -9.066  6.410   -19.864 1.00 38.38 ? 111 GLN A CG  1 
ATOM   568  C CD  . GLN A 1 70 ? -8.572  7.113   -21.110 1.00 38.57 ? 111 GLN A CD  1 
ATOM   569  O OE1 . GLN A 1 70 ? -8.572  6.542   -22.213 1.00 42.53 ? 111 GLN A OE1 1 
ATOM   570  N NE2 . GLN A 1 70 ? -8.147  8.364   -20.946 1.00 38.73 ? 111 GLN A NE2 1 
ATOM   571  N N   . MET A 1 71 ? -9.499  3.350   -17.765 1.00 34.39 ? 112 MET A N   1 
ATOM   572  C CA  . MET A 1 71 ? -10.678 2.502   -17.777 1.00 35.45 ? 112 MET A CA  1 
ATOM   573  C C   . MET A 1 71 ? -11.415 2.596   -16.449 1.00 35.35 ? 112 MET A C   1 
ATOM   574  O O   . MET A 1 71 ? -12.644 2.556   -16.419 1.00 35.63 ? 112 MET A O   1 
ATOM   575  C CB  . MET A 1 71 ? -10.280 1.066   -18.096 1.00 40.41 ? 112 MET A CB  1 
ATOM   576  C CG  . MET A 1 71 ? -9.599  0.979   -19.454 1.00 47.65 ? 112 MET A CG  1 
ATOM   577  S SD  . MET A 1 71 ? -9.568  -0.650  -20.186 1.00 56.85 ? 112 MET A SD  1 
ATOM   578  C CE  . MET A 1 71 ? -8.138  -1.343  -19.374 1.00 53.74 ? 112 MET A CE  1 
ATOM   579  N N   . LEU A 1 72 ? -10.674 2.743   -15.351 1.00 33.98 ? 113 LEU A N   1 
ATOM   580  C CA  . LEU A 1 72 ? -11.310 2.875   -14.044 1.00 33.39 ? 113 LEU A CA  1 
ATOM   581  C C   . LEU A 1 72 ? -12.036 4.214   -13.957 1.00 34.88 ? 113 LEU A C   1 
ATOM   582  O O   . LEU A 1 72 ? -13.130 4.304   -13.390 1.00 35.89 ? 113 LEU A O   1 
ATOM   583  C CB  . LEU A 1 72 ? -10.280 2.789   -12.915 1.00 33.99 ? 113 LEU A CB  1 
ATOM   584  C CG  . LEU A 1 72 ? -9.684  1.409   -12.657 1.00 35.48 ? 113 LEU A CG  1 
ATOM   585  C CD1 . LEU A 1 72 ? -8.814  1.458   -11.410 1.00 33.86 ? 113 LEU A CD1 1 
ATOM   586  C CD2 . LEU A 1 72 ? -10.810 0.392   -12.478 1.00 34.59 ? 113 LEU A CD2 1 
ATOM   587  N N   . ILE A 1 73 ? -11.422 5.252   -14.515 1.00 35.48 ? 114 ILE A N   1 
ATOM   588  C CA  . ILE A 1 73 ? -12.022 6.582   -14.508 1.00 39.12 ? 114 ILE A CA  1 
ATOM   589  C C   . ILE A 1 73 ? -13.323 6.525   -15.301 1.00 40.93 ? 114 ILE A C   1 
ATOM   590  O O   . ILE A 1 73 ? -14.358 7.014   -14.852 1.00 40.06 ? 114 ILE A O   1 
ATOM   591  C CB  . ILE A 1 73 ? -11.058 7.630   -15.131 1.00 38.42 ? 114 ILE A CB  1 
ATOM   592  C CG1 . ILE A 1 73 ? -9.867  7.846   -14.197 1.00 36.08 ? 114 ILE A CG1 1 
ATOM   593  C CG2 . ILE A 1 73 ? -11.789 8.945   -15.385 1.00 38.96 ? 114 ILE A CG2 1 
ATOM   594  C CD1 . ILE A 1 73 ? -8.750  8.648   -14.807 1.00 34.98 ? 114 ILE A CD1 1 
ATOM   595  N N   . ILE A 1 74 ? -13.265 5.910   -16.476 1.00 44.15 ? 115 ILE A N   1 
ATOM   596  C CA  . ILE A 1 74 ? -14.449 5.773   -17.317 1.00 47.04 ? 115 ILE A CA  1 
ATOM   597  C C   . ILE A 1 74 ? -15.493 4.947   -16.579 1.00 50.28 ? 115 ILE A C   1 
ATOM   598  O O   . ILE A 1 74 ? -16.658 5.331   -16.486 1.00 50.63 ? 115 ILE A O   1 
ATOM   599  C CB  . ILE A 1 74 ? -14.104 5.066   -18.642 1.00 46.69 ? 115 ILE A CB  1 
ATOM   600  C CG1 . ILE A 1 74 ? -13.261 5.994   -19.515 1.00 43.88 ? 115 ILE A CG1 1 
ATOM   601  C CG2 . ILE A 1 74 ? -15.373 4.640   -19.361 1.00 46.71 ? 115 ILE A CG2 1 
ATOM   602  C CD1 . ILE A 1 74 ? -12.713 5.324   -20.750 1.00 44.01 ? 115 ILE A CD1 1 
ATOM   603  N N   . GLU A 1 75 ? -15.053 3.812   -16.048 1.00 53.46 ? 116 GLU A N   1 
ATOM   604  C CA  . GLU A 1 75 ? -15.922 2.903   -15.315 1.00 56.72 ? 116 GLU A CA  1 
ATOM   605  C C   . GLU A 1 75 ? -16.595 3.559   -14.107 1.00 58.52 ? 116 GLU A C   1 
ATOM   606  O O   . GLU A 1 75 ? -17.633 3.091   -13.642 1.00 59.20 ? 116 GLU A O   1 
ATOM   607  C CB  . GLU A 1 75 ? -15.112 1.691   -14.853 1.00 58.91 ? 116 GLU A CB  1 
ATOM   608  C CG  . GLU A 1 75 ? -15.931 0.573   -14.246 1.00 61.98 ? 116 GLU A CG  1 
ATOM   609  C CD  . GLU A 1 75 ? -15.063 -0.576  -13.757 1.00 65.15 ? 116 GLU A CD  1 
ATOM   610  O OE1 . GLU A 1 75 ? -14.223 -1.063  -14.548 1.00 66.42 ? 116 GLU A OE1 1 
ATOM   611  O OE2 . GLU A 1 75 ? -15.222 -0.992  -12.585 1.00 66.31 ? 116 GLU A OE2 1 
ATOM   612  N N   . SER A 1 76 ? -16.008 4.636   -13.594 1.00 60.24 ? 117 SER A N   1 
ATOM   613  C CA  . SER A 1 76 ? -16.583 5.319   -12.439 1.00 62.55 ? 117 SER A CA  1 
ATOM   614  C C   . SER A 1 76 ? -17.516 6.444   -12.870 1.00 64.40 ? 117 SER A C   1 
ATOM   615  O O   . SER A 1 76 ? -18.484 6.753   -12.176 1.00 64.21 ? 117 SER A O   1 
ATOM   616  C CB  . SER A 1 76 ? -15.482 5.893   -11.540 1.00 61.99 ? 117 SER A CB  1 
ATOM   617  O OG  . SER A 1 76 ? -14.873 7.029   -12.131 1.00 61.39 ? 117 SER A OG  1 
ATOM   618  N N   . HIS A 1 77 ? -17.218 7.055   -14.015 1.00 66.93 ? 118 HIS A N   1 
ATOM   619  C CA  . HIS A 1 77 ? -18.031 8.144   -14.541 1.00 70.26 ? 118 HIS A CA  1 
ATOM   620  C C   . HIS A 1 77 ? -19.465 7.656   -14.716 1.00 71.08 ? 118 HIS A C   1 
ATOM   621  O O   . HIS A 1 77 ? -20.393 8.447   -14.869 1.00 71.38 ? 118 HIS A O   1 
ATOM   622  C CB  . HIS A 1 77 ? -17.471 8.621   -15.885 1.00 72.27 ? 118 HIS A CB  1 
ATOM   623  C CG  . HIS A 1 77 ? -18.062 9.909   -16.365 1.00 75.88 ? 118 HIS A CG  1 
ATOM   624  N ND1 . HIS A 1 77 ? -17.983 11.080  -15.640 1.00 77.47 ? 118 HIS A ND1 1 
ATOM   625  C CD2 . HIS A 1 77 ? -18.724 10.218  -17.506 1.00 77.83 ? 118 HIS A CD2 1 
ATOM   626  C CE1 . HIS A 1 77 ? -18.571 12.053  -16.315 1.00 77.81 ? 118 HIS A CE1 1 
ATOM   627  N NE2 . HIS A 1 77 ? -19.029 11.557  -17.450 1.00 78.24 ? 118 HIS A NE2 1 
ATOM   628  N N   . SER A 1 78 ? -19.631 6.337   -14.690 1.00 71.99 ? 119 SER A N   1 
ATOM   629  C CA  . SER A 1 78 ? -20.937 5.711   -14.826 1.00 72.76 ? 119 SER A CA  1 
ATOM   630  C C   . SER A 1 78 ? -21.161 4.752   -13.657 1.00 73.43 ? 119 SER A C   1 
ATOM   631  O O   . SER A 1 78 ? -21.301 3.531   -13.899 1.00 73.23 ? 119 SER A O   1 
ATOM   632  C CB  . SER A 1 78 ? -21.025 4.960   -16.158 1.00 72.84 ? 119 SER A CB  1 
ATOM   633  O OG  . SER A 1 78 ? -19.964 4.031   -16.298 1.00 72.87 ? 119 SER A OG  1 
ATOM   634  N N   . GLN B 1 1  ? -7.309  -12.441 7.382   1.00 66.09 ? 42  GLN B N   1 
ATOM   635  C CA  . GLN B 1 1  ? -8.159  -11.407 6.731   1.00 65.54 ? 42  GLN B CA  1 
ATOM   636  C C   . GLN B 1 1  ? -7.290  -10.343 6.063   1.00 64.29 ? 42  GLN B C   1 
ATOM   637  O O   . GLN B 1 1  ? -7.789  -9.492  5.328   1.00 64.24 ? 42  GLN B O   1 
ATOM   638  C CB  . GLN B 1 1  ? -9.063  -10.751 7.773   1.00 67.28 ? 42  GLN B CB  1 
ATOM   639  C CG  . GLN B 1 1  ? -10.059 -9.767  7.203   1.00 69.53 ? 42  GLN B CG  1 
ATOM   640  C CD  . GLN B 1 1  ? -10.787 -9.003  8.288   1.00 71.26 ? 42  GLN B CD  1 
ATOM   641  O OE1 . GLN B 1 1  ? -11.374 -9.597  9.195   1.00 72.26 ? 42  GLN B OE1 1 
ATOM   642  N NE2 . GLN B 1 1  ? -10.751 -7.679  8.204   1.00 71.98 ? 42  GLN B NE2 1 
ATOM   643  N N   . LEU B 1 2  ? -5.988  -10.398 6.327   1.00 62.52 ? 43  LEU B N   1 
ATOM   644  C CA  . LEU B 1 2  ? -5.035  -9.452  5.749   1.00 60.67 ? 43  LEU B CA  1 
ATOM   645  C C   . LEU B 1 2  ? -5.056  -9.501  4.224   1.00 59.16 ? 43  LEU B C   1 
ATOM   646  O O   . LEU B 1 2  ? -5.434  -10.512 3.631   1.00 58.84 ? 43  LEU B O   1 
ATOM   647  C CB  . LEU B 1 2  ? -3.614  -9.777  6.226   1.00 61.13 ? 43  LEU B CB  1 
ATOM   648  C CG  . LEU B 1 2  ? -3.217  -9.505  7.678   1.00 61.89 ? 43  LEU B CG  1 
ATOM   649  C CD1 . LEU B 1 2  ? -3.211  -8.005  7.914   1.00 63.49 ? 43  LEU B CD1 1 
ATOM   650  C CD2 . LEU B 1 2  ? -4.174  -10.207 8.632   1.00 62.25 ? 43  LEU B CD2 1 
ATOM   651  N N   . PRO B 1 3  ? -4.655  -8.402  3.566   1.00 58.05 ? 44  PRO B N   1 
ATOM   652  C CA  . PRO B 1 3  ? -4.647  -8.399  2.100   1.00 57.62 ? 44  PRO B CA  1 
ATOM   653  C C   . PRO B 1 3  ? -3.686  -9.477  1.600   1.00 56.67 ? 44  PRO B C   1 
ATOM   654  O O   . PRO B 1 3  ? -2.520  -9.514  1.998   1.00 55.84 ? 44  PRO B O   1 
ATOM   655  C CB  . PRO B 1 3  ? -4.184  -6.982  1.758   1.00 57.99 ? 44  PRO B CB  1 
ATOM   656  C CG  . PRO B 1 3  ? -3.349  -6.598  2.944   1.00 58.49 ? 44  PRO B CG  1 
ATOM   657  C CD  . PRO B 1 3  ? -4.164  -7.120  4.098   1.00 57.90 ? 44  PRO B CD  1 
ATOM   658  N N   . PRO B 1 4  ? -4.171  -10.369 0.721   1.00 56.00 ? 45  PRO B N   1 
ATOM   659  C CA  . PRO B 1 4  ? -3.401  -11.476 0.141   1.00 54.75 ? 45  PRO B CA  1 
ATOM   660  C C   . PRO B 1 4  ? -2.081  -11.126 -0.537  1.00 53.22 ? 45  PRO B C   1 
ATOM   661  O O   . PRO B 1 4  ? -1.209  -11.984 -0.673  1.00 53.88 ? 45  PRO B O   1 
ATOM   662  C CB  . PRO B 1 4  ? -4.398  -12.124 -0.822  1.00 55.24 ? 45  PRO B CB  1 
ATOM   663  C CG  . PRO B 1 4  ? -5.287  -10.983 -1.219  1.00 55.90 ? 45  PRO B CG  1 
ATOM   664  C CD  . PRO B 1 4  ? -5.510  -10.300 0.111   1.00 56.16 ? 45  PRO B CD  1 
ATOM   665  N N   . SER B 1 5  ? -1.922  -9.877  -0.956  1.00 52.07 ? 46  SER B N   1 
ATOM   666  C CA  . SER B 1 5  ? -0.693  -9.468  -1.622  1.00 48.68 ? 46  SER B CA  1 
ATOM   667  C C   . SER B 1 5  ? 0.476   -9.445  -0.650  1.00 48.92 ? 46  SER B C   1 
ATOM   668  O O   . SER B 1 5  ? 1.623   -9.235  -1.049  1.00 49.68 ? 46  SER B O   1 
ATOM   669  C CB  . SER B 1 5  ? -0.858  -8.073  -2.232  1.00 49.25 ? 46  SER B CB  1 
ATOM   670  O OG  . SER B 1 5  ? -0.843  -7.069  -1.232  1.00 46.19 ? 46  SER B OG  1 
ATOM   671  N N   . LEU B 1 6  ? 0.187   -9.662  0.626   1.00 47.97 ? 47  LEU B N   1 
ATOM   672  C CA  . LEU B 1 6  ? 1.220   -9.635  1.655   1.00 47.65 ? 47  LEU B CA  1 
ATOM   673  C C   . LEU B 1 6  ? 1.872   -10.988 1.929   1.00 46.40 ? 47  LEU B C   1 
ATOM   674  O O   . LEU B 1 6  ? 1.182   -11.985 2.139   1.00 47.68 ? 47  LEU B O   1 
ATOM   675  C CB  . LEU B 1 6  ? 0.623   -9.090  2.959   1.00 45.85 ? 47  LEU B CB  1 
ATOM   676  C CG  . LEU B 1 6  ? 1.017   -7.704  3.475   1.00 47.16 ? 47  LEU B CG  1 
ATOM   677  C CD1 . LEU B 1 6  ? 1.227   -6.734  2.334   1.00 46.87 ? 47  LEU B CD1 1 
ATOM   678  C CD2 . LEU B 1 6  ? -0.077  -7.208  4.426   1.00 46.35 ? 47  LEU B CD2 1 
ATOM   679  N N   . PRO B 1 7  ? 3.215   -11.041 1.912   1.00 45.60 ? 48  PRO B N   1 
ATOM   680  C CA  . PRO B 1 7  ? 3.925   -12.294 2.180   1.00 44.94 ? 48  PRO B CA  1 
ATOM   681  C C   . PRO B 1 7  ? 3.557   -12.738 3.601   1.00 45.56 ? 48  PRO B C   1 
ATOM   682  O O   . PRO B 1 7  ? 3.381   -11.899 4.482   1.00 42.91 ? 48  PRO B O   1 
ATOM   683  C CB  . PRO B 1 7  ? 5.391   -11.885 2.075   1.00 45.87 ? 48  PRO B CB  1 
ATOM   684  C CG  . PRO B 1 7  ? 5.365   -10.774 1.079   1.00 46.25 ? 48  PRO B CG  1 
ATOM   685  C CD  . PRO B 1 7  ? 4.158   -9.980  1.512   1.00 45.42 ? 48  PRO B CD  1 
ATOM   686  N N   . SER B 1 8  ? 3.434   -14.042 3.824   1.00 46.66 ? 49  SER B N   1 
ATOM   687  C CA  . SER B 1 8  ? 3.078   -14.556 5.144   1.00 47.19 ? 49  SER B CA  1 
ATOM   688  C C   . SER B 1 8  ? 4.079   -14.169 6.235   1.00 47.11 ? 49  SER B C   1 
ATOM   689  O O   . SER B 1 8  ? 3.691   -13.940 7.376   1.00 47.93 ? 49  SER B O   1 
ATOM   690  C CB  . SER B 1 8  ? 2.945   -16.077 5.095   1.00 48.54 ? 49  SER B CB  1 
ATOM   691  O OG  . SER B 1 8  ? 4.179   -16.673 4.741   1.00 50.79 ? 49  SER B OG  1 
ATOM   692  N N   . ASP B 1 9  ? 5.362   -14.097 5.897   1.00 46.29 ? 50  ASP B N   1 
ATOM   693  C CA  . ASP B 1 9  ? 6.363   -13.726 6.891   1.00 45.52 ? 50  ASP B CA  1 
ATOM   694  C C   . ASP B 1 9  ? 6.684   -12.239 6.802   1.00 45.06 ? 50  ASP B C   1 
ATOM   695  O O   . ASP B 1 9  ? 7.332   -11.784 5.860   1.00 45.67 ? 50  ASP B O   1 
ATOM   696  C CB  . ASP B 1 9  ? 7.634   -14.559 6.713   1.00 45.52 ? 50  ASP B CB  1 
ATOM   697  C CG  . ASP B 1 9  ? 8.736   -14.163 7.685   1.00 47.72 ? 50  ASP B CG  1 
ATOM   698  O OD1 . ASP B 1 9  ? 8.429   -13.719 8.814   1.00 48.67 ? 50  ASP B OD1 1 
ATOM   699  O OD2 . ASP B 1 9  ? 9.920   -14.309 7.326   1.00 49.64 ? 50  ASP B OD2 1 
ATOM   700  N N   . PRO B 1 10 ? 6.233   -11.462 7.802   1.00 44.44 ? 51  PRO B N   1 
ATOM   701  C CA  . PRO B 1 10 ? 6.418   -10.012 7.918   1.00 43.22 ? 51  PRO B CA  1 
ATOM   702  C C   . PRO B 1 10 ? 7.855   -9.527  7.744   1.00 43.88 ? 51  PRO B C   1 
ATOM   703  O O   . PRO B 1 10 ? 8.089   -8.468  7.164   1.00 40.71 ? 51  PRO B O   1 
ATOM   704  C CB  . PRO B 1 10 ? 5.884   -9.707  9.315   1.00 43.30 ? 51  PRO B CB  1 
ATOM   705  C CG  . PRO B 1 10 ? 4.862   -10.764 9.528   1.00 45.01 ? 51  PRO B CG  1 
ATOM   706  C CD  . PRO B 1 10 ? 5.534   -11.992 8.985   1.00 43.75 ? 51  PRO B CD  1 
ATOM   707  N N   . ARG B 1 11 ? 8.809   -10.302 8.256   1.00 44.88 ? 52  ARG B N   1 
ATOM   708  C CA  . ARG B 1 11 ? 10.219  -9.937  8.167   1.00 46.31 ? 52  ARG B CA  1 
ATOM   709  C C   . ARG B 1 11 ? 10.743  -9.895  6.735   1.00 46.21 ? 52  ARG B C   1 
ATOM   710  O O   . ARG B 1 11 ? 11.851  -9.426  6.487   1.00 45.74 ? 52  ARG B O   1 
ATOM   711  C CB  . ARG B 1 11 ? 11.057  -10.899 9.008   1.00 49.10 ? 52  ARG B CB  1 
ATOM   712  C CG  . ARG B 1 11 ? 10.854  -10.728 10.508  1.00 52.71 ? 52  ARG B CG  1 
ATOM   713  C CD  . ARG B 1 11 ? 11.609  -11.789 11.270  1.00 56.49 ? 52  ARG B CD  1 
ATOM   714  N NE  . ARG B 1 11 ? 11.187  -13.123 10.854  1.00 59.96 ? 52  ARG B NE  1 
ATOM   715  C CZ  . ARG B 1 11 ? 11.800  -14.247 11.207  1.00 60.45 ? 52  ARG B CZ  1 
ATOM   716  N NH1 . ARG B 1 11 ? 12.873  -14.201 11.988  1.00 60.78 ? 52  ARG B NH1 1 
ATOM   717  N NH2 . ARG B 1 11 ? 11.340  -15.415 10.776  1.00 61.09 ? 52  ARG B NH2 1 
ATOM   718  N N   . LEU B 1 12 ? 9.937   -10.381 5.796   1.00 46.77 ? 53  LEU B N   1 
ATOM   719  C CA  . LEU B 1 12 ? 10.308  -10.379 4.384   1.00 45.83 ? 53  LEU B CA  1 
ATOM   720  C C   . LEU B 1 12 ? 9.532   -9.297  3.637   1.00 45.50 ? 53  LEU B C   1 
ATOM   721  O O   . LEU B 1 12 ? 9.651   -9.163  2.417   1.00 46.13 ? 53  LEU B O   1 
ATOM   722  C CB  . LEU B 1 12 ? 10.010  -11.740 3.758   1.00 47.51 ? 53  LEU B CB  1 
ATOM   723  C CG  . LEU B 1 12 ? 10.828  -12.907 4.315   1.00 50.33 ? 53  LEU B CG  1 
ATOM   724  C CD1 . LEU B 1 12 ? 10.482  -14.183 3.560   1.00 49.64 ? 53  LEU B CD1 1 
ATOM   725  C CD2 . LEU B 1 12 ? 12.318  -12.590 4.189   1.00 50.20 ? 53  LEU B CD2 1 
ATOM   726  N N   . TRP B 1 13 ? 8.732   -8.532  4.372   1.00 41.29 ? 54  TRP B N   1 
ATOM   727  C CA  . TRP B 1 13 ? 7.937   -7.471  3.766   1.00 38.33 ? 54  TRP B CA  1 
ATOM   728  C C   . TRP B 1 13 ? 8.821   -6.341  3.290   1.00 36.34 ? 54  TRP B C   1 
ATOM   729  O O   . TRP B 1 13 ? 9.803   -5.999  3.943   1.00 36.85 ? 54  TRP B O   1 
ATOM   730  C CB  . TRP B 1 13 ? 6.933   -6.896  4.771   1.00 34.63 ? 54  TRP B CB  1 
ATOM   731  C CG  . TRP B 1 13 ? 5.781   -7.788  5.090   1.00 32.69 ? 54  TRP B CG  1 
ATOM   732  C CD1 . TRP B 1 13 ? 5.490   -8.995  4.522   1.00 32.38 ? 54  TRP B CD1 1 
ATOM   733  C CD2 . TRP B 1 13 ? 4.759   -7.541  6.060   1.00 30.91 ? 54  TRP B CD2 1 
ATOM   734  N NE1 . TRP B 1 13 ? 4.349   -9.518  5.081   1.00 33.09 ? 54  TRP B NE1 1 
ATOM   735  C CE2 . TRP B 1 13 ? 3.880   -8.644  6.029   1.00 32.73 ? 54  TRP B CE2 1 
ATOM   736  C CE3 . TRP B 1 13 ? 4.500   -6.494  6.952   1.00 30.59 ? 54  TRP B CE3 1 
ATOM   737  C CZ2 . TRP B 1 13 ? 2.760   -8.731  6.863   1.00 31.75 ? 54  TRP B CZ2 1 
ATOM   738  C CZ3 . TRP B 1 13 ? 3.388   -6.578  7.778   1.00 28.41 ? 54  TRP B CZ3 1 
ATOM   739  C CH2 . TRP B 1 13 ? 2.532   -7.688  7.729   1.00 28.45 ? 54  TRP B CH2 1 
ATOM   740  N N   . SER B 1 14 ? 8.459   -5.762  2.151   1.00 36.15 ? 55  SER B N   1 
ATOM   741  C CA  . SER B 1 14 ? 9.194   -4.626  1.600   1.00 36.80 ? 55  SER B CA  1 
ATOM   742  C C   . SER B 1 14 ? 8.608   -3.389  2.261   1.00 36.56 ? 55  SER B C   1 
ATOM   743  O O   . SER B 1 14 ? 7.640   -3.487  3.015   1.00 35.55 ? 55  SER B O   1 
ATOM   744  C CB  . SER B 1 14 ? 8.974   -4.523  0.091   1.00 36.36 ? 55  SER B CB  1 
ATOM   745  O OG  . SER B 1 14 ? 7.605   -4.299  -0.193  1.00 33.41 ? 55  SER B OG  1 
ATOM   746  N N   . ARG B 1 15 ? 9.184   -2.227  1.977   1.00 37.73 ? 56  ARG B N   1 
ATOM   747  C CA  . ARG B 1 15 ? 8.668   -0.998  2.555   1.00 39.57 ? 56  ARG B CA  1 
ATOM   748  C C   . ARG B 1 15 ? 7.233   -0.804  2.103   1.00 39.05 ? 56  ARG B C   1 
ATOM   749  O O   . ARG B 1 15 ? 6.410   -0.284  2.853   1.00 38.32 ? 56  ARG B O   1 
ATOM   750  C CB  . ARG B 1 15 ? 9.509   0.204   2.134   1.00 43.64 ? 56  ARG B CB  1 
ATOM   751  C CG  . ARG B 1 15 ? 10.901  0.204   2.744   1.00 50.29 ? 56  ARG B CG  1 
ATOM   752  C CD  . ARG B 1 15 ? 11.545  1.578   2.685   1.00 53.30 ? 56  ARG B CD  1 
ATOM   753  N NE  . ARG B 1 15 ? 12.776  1.612   3.469   1.00 57.09 ? 56  ARG B NE  1 
ATOM   754  C CZ  . ARG B 1 15 ? 13.434  2.721   3.790   1.00 58.40 ? 56  ARG B CZ  1 
ATOM   755  N NH1 . ARG B 1 15 ? 12.982  3.904   3.393   1.00 59.71 ? 56  ARG B NH1 1 
ATOM   756  N NH2 . ARG B 1 15 ? 14.544  2.646   4.515   1.00 59.83 ? 56  ARG B NH2 1 
ATOM   757  N N   . GLU B 1 16 ? 6.937   -1.232  0.877   1.00 37.93 ? 57  GLU B N   1 
ATOM   758  C CA  . GLU B 1 16 ? 5.591   -1.109  0.339   1.00 38.20 ? 57  GLU B CA  1 
ATOM   759  C C   . GLU B 1 16 ? 4.631   -2.073  1.012   1.00 36.83 ? 57  GLU B C   1 
ATOM   760  O O   . GLU B 1 16 ? 3.470   -1.736  1.229   1.00 38.71 ? 57  GLU B O   1 
ATOM   761  C CB  . GLU B 1 16 ? 5.581   -1.334  -1.177  1.00 39.19 ? 57  GLU B CB  1 
ATOM   762  C CG  . GLU B 1 16 ? 6.138   -0.157  -1.969  1.00 41.47 ? 57  GLU B CG  1 
ATOM   763  C CD  . GLU B 1 16 ? 7.656   -0.078  -1.925  1.00 44.61 ? 57  GLU B CD  1 
ATOM   764  O OE1 . GLU B 1 16 ? 8.200   1.021   -2.160  1.00 45.69 ? 57  GLU B OE1 1 
ATOM   765  O OE2 . GLU B 1 16 ? 8.304   -1.118  -1.669  1.00 44.98 ? 57  GLU B OE2 1 
ATOM   766  N N   . ASP B 1 17 ? 5.096   -3.273  1.339   1.00 34.49 ? 58  ASP B N   1 
ATOM   767  C CA  . ASP B 1 17 ? 4.216   -4.219  2.011   1.00 34.11 ? 58  ASP B CA  1 
ATOM   768  C C   . ASP B 1 17 ? 3.811   -3.624  3.364   1.00 32.42 ? 58  ASP B C   1 
ATOM   769  O O   . ASP B 1 17 ? 2.642   -3.662  3.740   1.00 34.71 ? 58  ASP B O   1 
ATOM   770  C CB  . ASP B 1 17 ? 4.905   -5.567  2.227   1.00 35.56 ? 58  ASP B CB  1 
ATOM   771  C CG  . ASP B 1 17 ? 5.185   -6.300  0.926   1.00 36.69 ? 58  ASP B CG  1 
ATOM   772  O OD1 . ASP B 1 17 ? 4.332   -6.250  0.018   1.00 34.79 ? 58  ASP B OD1 1 
ATOM   773  O OD2 . ASP B 1 17 ? 6.251   -6.940  0.821   1.00 35.95 ? 58  ASP B OD2 1 
ATOM   774  N N   . VAL B 1 18 ? 4.786   -3.070  4.080   1.00 30.08 ? 59  VAL B N   1 
ATOM   775  C CA  . VAL B 1 18 ? 4.552   -2.446  5.381   1.00 29.67 ? 59  VAL B CA  1 
ATOM   776  C C   . VAL B 1 18 ? 3.467   -1.357  5.263   1.00 30.56 ? 59  VAL B C   1 
ATOM   777  O O   . VAL B 1 18 ? 2.553   -1.290  6.082   1.00 30.30 ? 59  VAL B O   1 
ATOM   778  C CB  . VAL B 1 18 ? 5.850   -1.810  5.924   1.00 29.34 ? 59  VAL B CB  1 
ATOM   779  C CG1 . VAL B 1 18 ? 5.548   -0.930  7.125   1.00 30.25 ? 59  VAL B CG1 1 
ATOM   780  C CG2 . VAL B 1 18 ? 6.841   -2.900  6.313   1.00 32.33 ? 59  VAL B CG2 1 
ATOM   781  N N   . LEU B 1 19 ? 3.575   -0.512  4.246   1.00 28.25 ? 60  LEU B N   1 
ATOM   782  C CA  . LEU B 1 19 ? 2.591   0.538   4.032   1.00 30.88 ? 60  LEU B CA  1 
ATOM   783  C C   . LEU B 1 19 ? 1.224   -0.098  3.838   1.00 32.12 ? 60  LEU B C   1 
ATOM   784  O O   . LEU B 1 19 ? 0.244   0.299   4.467   1.00 34.69 ? 60  LEU B O   1 
ATOM   785  C CB  . LEU B 1 19 ? 2.982   1.375   2.812   1.00 32.60 ? 60  LEU B CB  1 
ATOM   786  C CG  . LEU B 1 19 ? 3.505   2.787   3.120   1.00 37.48 ? 60  LEU B CG  1 
ATOM   787  C CD1 . LEU B 1 19 ? 4.456   2.749   4.301   1.00 37.71 ? 60  LEU B CD1 1 
ATOM   788  C CD2 . LEU B 1 19 ? 4.190   3.375   1.883   1.00 37.09 ? 60  LEU B CD2 1 
ATOM   789  N N   . VAL B 1 20 ? 1.170   -1.107  2.981   1.00 31.78 ? 61  VAL B N   1 
ATOM   790  C CA  . VAL B 1 20 ? -0.062  -1.831  2.702   1.00 30.89 ? 61  VAL B CA  1 
ATOM   791  C C   . VAL B 1 20 ? -0.678  -2.405  3.982   1.00 31.42 ? 61  VAL B C   1 
ATOM   792  O O   . VAL B 1 20 ? -1.893  -2.340  4.178   1.00 31.05 ? 61  VAL B O   1 
ATOM   793  C CB  . VAL B 1 20 ? 0.226   -2.976  1.708   1.00 32.13 ? 61  VAL B CB  1 
ATOM   794  C CG1 . VAL B 1 20 ? -0.957  -3.929  1.624   1.00 30.32 ? 61  VAL B CG1 1 
ATOM   795  C CG2 . VAL B 1 20 ? 0.554   -2.378  0.334   1.00 30.21 ? 61  VAL B CG2 1 
ATOM   796  N N   . PHE B 1 21 ? 0.166   -2.971  4.843   1.00 29.16 ? 62  PHE B N   1 
ATOM   797  C CA  . PHE B 1 21 ? -0.281  -3.549  6.112   1.00 28.34 ? 62  PHE B CA  1 
ATOM   798  C C   . PHE B 1 21 ? -0.893  -2.496  7.026   1.00 25.95 ? 62  PHE B C   1 
ATOM   799  O O   . PHE B 1 21 ? -1.937  -2.720  7.632   1.00 28.42 ? 62  PHE B O   1 
ATOM   800  C CB  . PHE B 1 21 ? 0.894   -4.186  6.848   1.00 28.86 ? 62  PHE B CB  1 
ATOM   801  C CG  . PHE B 1 21 ? 0.580   -4.573  8.258   1.00 29.25 ? 62  PHE B CG  1 
ATOM   802  C CD1 . PHE B 1 21 ? -0.329  -5.590  8.529   1.00 31.55 ? 62  PHE B CD1 1 
ATOM   803  C CD2 . PHE B 1 21 ? 1.190   -3.919  9.324   1.00 31.12 ? 62  PHE B CD2 1 
ATOM   804  C CE1 . PHE B 1 21 ? -0.623  -5.954  9.847   1.00 30.38 ? 62  PHE B CE1 1 
ATOM   805  C CE2 . PHE B 1 21 ? 0.902   -4.276  10.644  1.00 30.69 ? 62  PHE B CE2 1 
ATOM   806  C CZ  . PHE B 1 21 ? -0.005  -5.296  10.904  1.00 29.96 ? 62  PHE B CZ  1 
ATOM   807  N N   . LEU B 1 22 ? -0.224  -1.355  7.135   1.00 26.08 ? 63  LEU B N   1 
ATOM   808  C CA  . LEU B 1 22 ? -0.691  -0.270  7.982   1.00 25.36 ? 63  LEU B CA  1 
ATOM   809  C C   . LEU B 1 22 ? -2.013  0.306   7.469   1.00 27.69 ? 63  LEU B C   1 
ATOM   810  O O   . LEU B 1 22 ? -2.951  0.520   8.244   1.00 29.66 ? 63  LEU B O   1 
ATOM   811  C CB  . LEU B 1 22 ? 0.383   0.815   8.048   1.00 24.99 ? 63  LEU B CB  1 
ATOM   812  C CG  . LEU B 1 22 ? 1.722   0.343   8.654   1.00 22.28 ? 63  LEU B CG  1 
ATOM   813  C CD1 . LEU B 1 22 ? 2.731   1.501   8.648   1.00 18.81 ? 63  LEU B CD1 1 
ATOM   814  C CD2 . LEU B 1 22 ? 1.492   -0.151  10.074  1.00 21.17 ? 63  LEU B CD2 1 
ATOM   815  N N   . ARG B 1 23 ? -2.080  0.560   6.164   1.00 27.19 ? 64  ARG B N   1 
ATOM   816  C CA  . ARG B 1 23 ? -3.290  1.080   5.537   1.00 27.04 ? 64  ARG B CA  1 
ATOM   817  C C   . ARG B 1 23 ? -4.431  0.195   5.991   1.00 27.41 ? 64  ARG B C   1 
ATOM   818  O O   . ARG B 1 23 ? -5.472  0.676   6.422   1.00 29.14 ? 64  ARG B O   1 
ATOM   819  C CB  . ARG B 1 23 ? -3.153  1.020   4.006   1.00 29.37 ? 64  ARG B CB  1 
ATOM   820  C CG  . ARG B 1 23 ? -4.419  1.339   3.216   1.00 27.17 ? 64  ARG B CG  1 
ATOM   821  C CD  . ARG B 1 23 ? -4.094  1.504   1.727   1.00 27.37 ? 64  ARG B CD  1 
ATOM   822  N NE  . ARG B 1 23 ? -5.271  1.689   0.867   1.00 27.41 ? 64  ARG B NE  1 
ATOM   823  C CZ  . ARG B 1 23 ? -6.174  0.743   0.588   1.00 30.03 ? 64  ARG B CZ  1 
ATOM   824  N NH1 . ARG B 1 23 ? -6.062  -0.480  1.101   1.00 27.29 ? 64  ARG B NH1 1 
ATOM   825  N NH2 . ARG B 1 23 ? -7.188  1.017   -0.227  1.00 30.86 ? 64  ARG B NH2 1 
ATOM   826  N N   . PHE B 1 24 ? -4.213  -1.112  5.901   1.00 27.30 ? 65  PHE B N   1 
ATOM   827  C CA  . PHE B 1 24 ? -5.204  -2.105  6.297   1.00 27.74 ? 65  PHE B CA  1 
ATOM   828  C C   . PHE B 1 24 ? -5.644  -1.910  7.745   1.00 28.88 ? 65  PHE B C   1 
ATOM   829  O O   . PHE B 1 24 ? -6.836  -1.864  8.044   1.00 28.25 ? 65  PHE B O   1 
ATOM   830  C CB  . PHE B 1 24 ? -4.622  -3.508  6.134   1.00 30.10 ? 65  PHE B CB  1 
ATOM   831  C CG  . PHE B 1 24 ? -5.479  -4.591  6.710   1.00 30.29 ? 65  PHE B CG  1 
ATOM   832  C CD1 . PHE B 1 24 ? -6.587  -5.058  6.021   1.00 32.20 ? 65  PHE B CD1 1 
ATOM   833  C CD2 . PHE B 1 24 ? -5.197  -5.119  7.968   1.00 31.39 ? 65  PHE B CD2 1 
ATOM   834  C CE1 . PHE B 1 24 ? -7.410  -6.038  6.573   1.00 34.86 ? 65  PHE B CE1 1 
ATOM   835  C CE2 . PHE B 1 24 ? -6.011  -6.097  8.532   1.00 33.90 ? 65  PHE B CE2 1 
ATOM   836  C CZ  . PHE B 1 24 ? -7.121  -6.560  7.836   1.00 34.03 ? 65  PHE B CZ  1 
ATOM   837  N N   . CYS B 1 25 ? -4.668  -1.806  8.643   1.00 28.32 ? 66  CYS B N   1 
ATOM   838  C CA  . CYS B 1 25 ? -4.957  -1.635  10.062  1.00 28.74 ? 66  CYS B CA  1 
ATOM   839  C C   . CYS B 1 25 ? -5.737  -0.371  10.371  1.00 26.55 ? 66  CYS B C   1 
ATOM   840  O O   . CYS B 1 25 ? -6.668  -0.407  11.161  1.00 27.57 ? 66  CYS B O   1 
ATOM   841  C CB  . CYS B 1 25 ? -3.658  -1.648  10.868  1.00 27.32 ? 66  CYS B CB  1 
ATOM   842  S SG  . CYS B 1 25 ? -2.913  -3.283  10.910  1.00 30.24 ? 66  CYS B SG  1 
ATOM   843  N N   . VAL B 1 26 ? -5.349  0.741   9.755   1.00 27.16 ? 67  VAL B N   1 
ATOM   844  C CA  . VAL B 1 26 ? -6.031  2.011   9.975   1.00 27.19 ? 67  VAL B CA  1 
ATOM   845  C C   . VAL B 1 26 ? -7.533  1.873   9.735   1.00 29.96 ? 67  VAL B C   1 
ATOM   846  O O   . VAL B 1 26 ? -8.341  2.298   10.564  1.00 29.17 ? 67  VAL B O   1 
ATOM   847  C CB  . VAL B 1 26 ? -5.485  3.136   9.043   1.00 26.83 ? 67  VAL B CB  1 
ATOM   848  C CG1 . VAL B 1 26 ? -6.384  4.380   9.134   1.00 29.11 ? 67  VAL B CG1 1 
ATOM   849  C CG2 . VAL B 1 26 ? -4.062  3.524   9.454   1.00 26.04 ? 67  VAL B CG2 1 
ATOM   850  N N   . ARG B 1 27 ? -7.898  1.268   8.607   1.00 29.77 ? 68  ARG B N   1 
ATOM   851  C CA  . ARG B 1 27 ? -9.302  1.093   8.252   1.00 29.97 ? 68  ARG B CA  1 
ATOM   852  C C   . ARG B 1 27 ? -10.004 0.057   9.127   1.00 33.10 ? 68  ARG B C   1 
ATOM   853  O O   . ARG B 1 27 ? -11.025 0.342   9.758   1.00 30.61 ? 68  ARG B O   1 
ATOM   854  C CB  . ARG B 1 27 ? -9.416  0.677   6.778   1.00 30.92 ? 68  ARG B CB  1 
ATOM   855  C CG  . ARG B 1 27 ? -10.838 0.641   6.234   1.00 32.07 ? 68  ARG B CG  1 
ATOM   856  C CD  . ARG B 1 27 ? -10.905 0.041   4.820   1.00 33.16 ? 68  ARG B CD  1 
ATOM   857  N NE  . ARG B 1 27 ? -10.604 -1.389  4.813   1.00 36.11 ? 68  ARG B NE  1 
ATOM   858  C CZ  . ARG B 1 27 ? -9.462  -1.916  4.375   1.00 37.89 ? 68  ARG B CZ  1 
ATOM   859  N NH1 . ARG B 1 27 ? -8.497  -1.135  3.893   1.00 38.22 ? 68  ARG B NH1 1 
ATOM   860  N NH2 . ARG B 1 27 ? -9.274  -3.230  4.437   1.00 39.73 ? 68  ARG B NH2 1 
ATOM   861  N N   . GLU B 1 28 ? -9.445  -1.147  9.161   1.00 34.05 ? 69  GLU B N   1 
ATOM   862  C CA  . GLU B 1 28 ? -10.022 -2.254  9.912   1.00 38.31 ? 69  GLU B CA  1 
ATOM   863  C C   . GLU B 1 28 ? -10.174 -2.049  11.423  1.00 37.77 ? 69  GLU B C   1 
ATOM   864  O O   . GLU B 1 28 ? -11.123 -2.556  12.017  1.00 37.75 ? 69  GLU B O   1 
ATOM   865  C CB  . GLU B 1 28 ? -9.211  -3.525  9.639   1.00 42.29 ? 69  GLU B CB  1 
ATOM   866  C CG  . GLU B 1 28 ? -10.053 -4.752  9.333   1.00 50.68 ? 69  GLU B CG  1 
ATOM   867  C CD  . GLU B 1 28 ? -11.072 -4.509  8.222   1.00 55.12 ? 69  GLU B CD  1 
ATOM   868  O OE1 . GLU B 1 28 ? -10.714 -3.896  7.189   1.00 57.32 ? 69  GLU B OE1 1 
ATOM   869  O OE2 . GLU B 1 28 ? -12.233 -4.943  8.385   1.00 57.17 ? 69  GLU B OE2 1 
ATOM   870  N N   . PHE B 1 29 ? -9.254  -1.321  12.049  1.00 37.66 ? 70  PHE B N   1 
ATOM   871  C CA  . PHE B 1 29 ? -9.334  -1.092  13.492  1.00 39.09 ? 70  PHE B CA  1 
ATOM   872  C C   . PHE B 1 29 ? -9.649  0.363   13.824  1.00 38.17 ? 70  PHE B C   1 
ATOM   873  O O   . PHE B 1 29 ? -9.666  0.757   14.993  1.00 37.02 ? 70  PHE B O   1 
ATOM   874  C CB  . PHE B 1 29 ? -8.026  -1.497  14.187  1.00 38.00 ? 70  PHE B CB  1 
ATOM   875  C CG  . PHE B 1 29 ? -7.615  -2.915  13.926  1.00 39.51 ? 70  PHE B CG  1 
ATOM   876  C CD1 . PHE B 1 29 ? -6.684  -3.210  12.933  1.00 39.81 ? 70  PHE B CD1 1 
ATOM   877  C CD2 . PHE B 1 29 ? -8.173  -3.960  14.655  1.00 40.50 ? 70  PHE B CD2 1 
ATOM   878  C CE1 . PHE B 1 29 ? -6.312  -4.525  12.662  1.00 37.08 ? 70  PHE B CE1 1 
ATOM   879  C CE2 . PHE B 1 29 ? -7.810  -5.282  14.394  1.00 41.24 ? 70  PHE B CE2 1 
ATOM   880  C CZ  . PHE B 1 29 ? -6.874  -5.564  13.390  1.00 40.25 ? 70  PHE B CZ  1 
ATOM   881  N N   . ASP B 1 30 ? -9.908  1.153   12.788  1.00 37.77 ? 71  ASP B N   1 
ATOM   882  C CA  . ASP B 1 30 ? -10.219 2.569   12.945  1.00 37.10 ? 71  ASP B CA  1 
ATOM   883  C C   . ASP B 1 30 ? -9.177  3.290   13.800  1.00 38.32 ? 71  ASP B C   1 
ATOM   884  O O   . ASP B 1 30 ? -9.493  3.890   14.833  1.00 35.41 ? 71  ASP B O   1 
ATOM   885  C CB  . ASP B 1 30 ? -11.623 2.757   13.542  1.00 32.81 ? 71  ASP B CB  1 
ATOM   886  C CG  . ASP B 1 30 ? -12.100 4.202   13.463  1.00 31.76 ? 71  ASP B CG  1 
ATOM   887  O OD1 . ASP B 1 30 ? -11.500 4.986   12.711  1.00 33.18 ? 71  ASP B OD1 1 
ATOM   888  O OD2 . ASP B 1 30 ? -13.076 4.570   14.141  1.00 34.88 ? 71  ASP B OD2 1 
ATOM   889  N N   . LEU B 1 31 ? -7.925  3.197   13.369  1.00 39.93 ? 72  LEU B N   1 
ATOM   890  C CA  . LEU B 1 31 ? -6.824  3.866   14.045  1.00 43.35 ? 72  LEU B CA  1 
ATOM   891  C C   . LEU B 1 31 ? -6.936  5.259   13.466  1.00 46.76 ? 72  LEU B C   1 
ATOM   892  O O   . LEU B 1 31 ? -7.310  5.414   12.311  1.00 49.56 ? 72  LEU B O   1 
ATOM   893  C CB  . LEU B 1 31 ? -5.490  3.228   13.651  1.00 40.34 ? 72  LEU B CB  1 
ATOM   894  C CG  . LEU B 1 31 ? -5.036  1.934   14.337  1.00 40.19 ? 72  LEU B CG  1 
ATOM   895  C CD1 . LEU B 1 31 ? -6.201  1.182   14.928  1.00 40.35 ? 72  LEU B CD1 1 
ATOM   896  C CD2 . LEU B 1 31 ? -4.289  1.080   13.319  1.00 38.86 ? 72  LEU B CD2 1 
ATOM   897  N N   . PRO B 1 32 ? -6.629  6.297   14.246  1.00 51.25 ? 73  PRO B N   1 
ATOM   898  C CA  . PRO B 1 32 ? -6.803  7.569   13.536  1.00 53.41 ? 73  PRO B CA  1 
ATOM   899  C C   . PRO B 1 32 ? -5.589  8.486   13.375  1.00 55.39 ? 73  PRO B C   1 
ATOM   900  O O   . PRO B 1 32 ? -5.597  9.387   12.532  1.00 55.84 ? 73  PRO B O   1 
ATOM   901  C CB  . PRO B 1 32 ? -7.904  8.231   14.343  1.00 53.49 ? 73  PRO B CB  1 
ATOM   902  C CG  . PRO B 1 32 ? -7.479  7.880   15.768  1.00 53.81 ? 73  PRO B CG  1 
ATOM   903  C CD  . PRO B 1 32 ? -6.894  6.458   15.687  1.00 51.82 ? 73  PRO B CD  1 
ATOM   904  N N   . LYS B 1 33 ? -4.551  8.269   14.173  1.00 56.35 ? 74  LYS B N   1 
ATOM   905  C CA  . LYS B 1 33 ? -3.377  9.131   14.100  1.00 56.54 ? 74  LYS B CA  1 
ATOM   906  C C   . LYS B 1 33 ? -2.131  8.378   13.650  1.00 54.47 ? 74  LYS B C   1 
ATOM   907  O O   . LYS B 1 33 ? -1.119  8.373   14.353  1.00 55.29 ? 74  LYS B O   1 
ATOM   908  C CB  . LYS B 1 33 ? -3.126  9.762   15.474  1.00 60.15 ? 74  LYS B CB  1 
ATOM   909  C CG  . LYS B 1 33 ? -2.532  11.164  15.445  1.00 64.55 ? 74  LYS B CG  1 
ATOM   910  C CD  . LYS B 1 33 ? -2.191  11.621  16.857  1.00 68.77 ? 74  LYS B CD  1 
ATOM   911  C CE  . LYS B 1 33 ? -1.776  13.082  16.902  1.00 71.01 ? 74  LYS B CE  1 
ATOM   912  N NZ  . LYS B 1 33 ? -1.358  13.486  18.274  1.00 73.26 ? 74  LYS B NZ  1 
ATOM   913  N N   . LEU B 1 34 ? -2.195  7.750   12.479  1.00 51.72 ? 75  LEU B N   1 
ATOM   914  C CA  . LEU B 1 34 ? -1.044  7.007   11.977  1.00 49.91 ? 75  LEU B CA  1 
ATOM   915  C C   . LEU B 1 34 ? -0.335  7.765   10.866  1.00 48.06 ? 75  LEU B C   1 
ATOM   916  O O   . LEU B 1 34 ? -0.881  7.963   9.780   1.00 47.74 ? 75  LEU B O   1 
ATOM   917  C CB  . LEU B 1 34 ? -1.481  5.621   11.487  1.00 49.57 ? 75  LEU B CB  1 
ATOM   918  C CG  . LEU B 1 34 ? -0.382  4.561   11.356  1.00 47.78 ? 75  LEU B CG  1 
ATOM   919  C CD1 . LEU B 1 34 ? -1.019  3.200   11.197  1.00 47.37 ? 75  LEU B CD1 1 
ATOM   920  C CD2 . LEU B 1 34 ? 0.523   4.874   10.178  1.00 47.39 ? 75  LEU B CD2 1 
ATOM   921  N N   . ASP B 1 35 ? 0.890   8.193   11.155  1.00 47.53 ? 76  ASP B N   1 
ATOM   922  C CA  . ASP B 1 35 ? 1.707   8.936   10.201  1.00 45.42 ? 76  ASP B CA  1 
ATOM   923  C C   . ASP B 1 35 ? 2.700   7.992   9.519   1.00 44.73 ? 76  ASP B C   1 
ATOM   924  O O   . ASP B 1 35 ? 3.707   7.590   10.109  1.00 43.65 ? 76  ASP B O   1 
ATOM   925  C CB  . ASP B 1 35 ? 2.441   10.062  10.933  1.00 47.15 ? 76  ASP B CB  1 
ATOM   926  C CG  . ASP B 1 35 ? 3.385   10.837  10.034  1.00 48.31 ? 76  ASP B CG  1 
ATOM   927  O OD1 . ASP B 1 35 ? 3.338   10.658  8.795   1.00 47.30 ? 76  ASP B OD1 1 
ATOM   928  O OD2 . ASP B 1 35 ? 4.174   11.639  10.579  1.00 48.97 ? 76  ASP B OD2 1 
ATOM   929  N N   . PHE B 1 36 ? 2.408   7.648   8.268   1.00 42.66 ? 77  PHE B N   1 
ATOM   930  C CA  . PHE B 1 36 ? 3.245   6.732   7.503   1.00 40.88 ? 77  PHE B CA  1 
ATOM   931  C C   . PHE B 1 36 ? 4.708   7.111   7.426   1.00 40.12 ? 77  PHE B C   1 
ATOM   932  O O   . PHE B 1 36 ? 5.555   6.235   7.267   1.00 39.13 ? 77  PHE B O   1 
ATOM   933  C CB  . PHE B 1 36 ? 2.679   6.554   6.092   1.00 40.71 ? 77  PHE B CB  1 
ATOM   934  C CG  . PHE B 1 36 ? 1.287   6.000   6.078   1.00 40.57 ? 77  PHE B CG  1 
ATOM   935  C CD1 . PHE B 1 36 ? 0.221   6.765   5.618   1.00 42.30 ? 77  PHE B CD1 1 
ATOM   936  C CD2 . PHE B 1 36 ? 1.030   4.732   6.580   1.00 39.72 ? 77  PHE B CD2 1 
ATOM   937  C CE1 . PHE B 1 36 ? -1.087  6.274   5.665   1.00 40.81 ? 77  PHE B CE1 1 
ATOM   938  C CE2 . PHE B 1 36 ? -0.269  4.233   6.632   1.00 41.78 ? 77  PHE B CE2 1 
ATOM   939  C CZ  . PHE B 1 36 ? -1.331  5.008   6.174   1.00 39.19 ? 77  PHE B CZ  1 
ATOM   940  N N   . ASP B 1 37 ? 5.017   8.400   7.544   1.00 40.17 ? 78  ASP B N   1 
ATOM   941  C CA  . ASP B 1 37 ? 6.411   8.829   7.485   1.00 40.69 ? 78  ASP B CA  1 
ATOM   942  C C   . ASP B 1 37 ? 7.193   8.268   8.665   1.00 40.85 ? 78  ASP B C   1 
ATOM   943  O O   . ASP B 1 37 ? 8.423   8.230   8.643   1.00 39.52 ? 78  ASP B O   1 
ATOM   944  C CB  . ASP B 1 37 ? 6.529   10.354  7.480   1.00 43.64 ? 78  ASP B CB  1 
ATOM   945  C CG  . ASP B 1 37 ? 5.968   10.979  6.218   1.00 46.23 ? 78  ASP B CG  1 
ATOM   946  O OD1 . ASP B 1 37 ? 6.073   10.351  5.144   1.00 46.26 ? 78  ASP B OD1 1 
ATOM   947  O OD2 . ASP B 1 37 ? 5.434   12.106  6.301   1.00 49.51 ? 78  ASP B OD2 1 
ATOM   948  N N   . LEU B 1 38 ? 6.479   7.837   9.701   1.00 39.49 ? 79  LEU B N   1 
ATOM   949  C CA  . LEU B 1 38 ? 7.138   7.260   10.867  1.00 38.76 ? 79  LEU B CA  1 
ATOM   950  C C   . LEU B 1 38 ? 7.355   5.762   10.631  1.00 37.50 ? 79  LEU B C   1 
ATOM   951  O O   . LEU B 1 38 ? 7.931   5.065   11.464  1.00 38.06 ? 79  LEU B O   1 
ATOM   952  C CB  . LEU B 1 38 ? 6.295   7.494   12.125  1.00 38.80 ? 79  LEU B CB  1 
ATOM   953  C CG  . LEU B 1 38 ? 5.975   8.963   12.430  1.00 40.56 ? 79  LEU B CG  1 
ATOM   954  C CD1 . LEU B 1 38 ? 5.184   9.063   13.726  1.00 41.53 ? 79  LEU B CD1 1 
ATOM   955  C CD2 . LEU B 1 38 ? 7.261   9.763   12.536  1.00 41.88 ? 79  LEU B CD2 1 
ATOM   956  N N   . PHE B 1 39 ? 6.896   5.275   9.481   1.00 35.79 ? 80  PHE B N   1 
ATOM   957  C CA  . PHE B 1 39 ? 7.045   3.864   9.143   1.00 35.53 ? 80  PHE B CA  1 
ATOM   958  C C   . PHE B 1 39 ? 7.719   3.622   7.799   1.00 36.61 ? 80  PHE B C   1 
ATOM   959  O O   . PHE B 1 39 ? 7.305   2.739   7.051   1.00 33.62 ? 80  PHE B O   1 
ATOM   960  C CB  . PHE B 1 39 ? 5.689   3.151   9.132   1.00 33.45 ? 80  PHE B CB  1 
ATOM   961  C CG  . PHE B 1 39 ? 5.027   3.067   10.474  1.00 32.27 ? 80  PHE B CG  1 
ATOM   962  C CD1 . PHE B 1 39 ? 4.157   4.064   10.898  1.00 32.19 ? 80  PHE B CD1 1 
ATOM   963  C CD2 . PHE B 1 39 ? 5.270   1.983   11.312  1.00 33.42 ? 80  PHE B CD2 1 
ATOM   964  C CE1 . PHE B 1 39 ? 3.532   3.983   12.139  1.00 33.62 ? 80  PHE B CE1 1 
ATOM   965  C CE2 . PHE B 1 39 ? 4.652   1.892   12.553  1.00 33.60 ? 80  PHE B CE2 1 
ATOM   966  C CZ  . PHE B 1 39 ? 3.779   2.899   12.967  1.00 32.79 ? 80  PHE B CZ  1 
ATOM   967  N N   . GLN B 1 40 ? 8.743   4.405   7.480   1.00 40.24 ? 81  GLN B N   1 
ATOM   968  C CA  . GLN B 1 40 ? 9.463   4.199   6.227   1.00 43.25 ? 81  GLN B CA  1 
ATOM   969  C C   . GLN B 1 40 ? 10.537  3.163   6.521   1.00 43.79 ? 81  GLN B C   1 
ATOM   970  O O   . GLN B 1 40 ? 11.699  3.494   6.775   1.00 44.31 ? 81  GLN B O   1 
ATOM   971  C CB  . GLN B 1 40 ? 10.090  5.506   5.737   1.00 46.06 ? 81  GLN B CB  1 
ATOM   972  C CG  . GLN B 1 40 ? 9.067   6.494   5.200   1.00 50.37 ? 81  GLN B CG  1 
ATOM   973  C CD  . GLN B 1 40 ? 8.109   5.843   4.207   1.00 53.77 ? 81  GLN B CD  1 
ATOM   974  O OE1 . GLN B 1 40 ? 8.531   5.242   3.211   1.00 54.25 ? 81  GLN B OE1 1 
ATOM   975  N NE2 . GLN B 1 40 ? 6.810   5.958   4.476   1.00 54.78 ? 81  GLN B NE2 1 
ATOM   976  N N   . MET B 1 41 ? 10.129  1.898   6.493   1.00 41.94 ? 82  MET B N   1 
ATOM   977  C CA  . MET B 1 41 ? 11.029  0.800   6.792   1.00 40.53 ? 82  MET B CA  1 
ATOM   978  C C   . MET B 1 41 ? 10.456  -0.480  6.218   1.00 41.07 ? 82  MET B C   1 
ATOM   979  O O   . MET B 1 41 ? 9.276   -0.533  5.860   1.00 41.45 ? 82  MET B O   1 
ATOM   980  C CB  . MET B 1 41 ? 11.161  0.653   8.310   1.00 40.71 ? 82  MET B CB  1 
ATOM   981  C CG  . MET B 1 41 ? 9.817   0.397   9.015   1.00 39.81 ? 82  MET B CG  1 
ATOM   982  S SD  . MET B 1 41 ? 9.918   0.302   10.826  1.00 41.50 ? 82  MET B SD  1 
ATOM   983  C CE  . MET B 1 41 ? 9.853   2.045   11.264  1.00 38.43 ? 82  MET B CE  1 
ATOM   984  N N   . ASN B 1 42 ? 11.288  -1.510  6.129   1.00 39.84 ? 83  ASN B N   1 
ATOM   985  C CA  . ASN B 1 42 ? 10.839  -2.795  5.617   1.00 39.93 ? 83  ASN B CA  1 
ATOM   986  C C   . ASN B 1 42 ? 10.353  -3.657  6.781   1.00 37.89 ? 83  ASN B C   1 
ATOM   987  O O   . ASN B 1 42 ? 10.359  -3.216  7.933   1.00 36.41 ? 83  ASN B O   1 
ATOM   988  C CB  . ASN B 1 42 ? 11.971  -3.512  4.869   1.00 42.74 ? 83  ASN B CB  1 
ATOM   989  C CG  . ASN B 1 42 ? 13.213  -3.711  5.724   1.00 45.64 ? 83  ASN B CG  1 
ATOM   990  O OD1 . ASN B 1 42 ? 13.167  -3.617  6.955   1.00 44.62 ? 83  ASN B OD1 1 
ATOM   991  N ND2 . ASN B 1 42 ? 14.333  -4.002  5.070   1.00 47.31 ? 83  ASN B ND2 1 
ATOM   992  N N   . GLY B 1 43 ? 9.935   -4.881  6.474   1.00 35.86 ? 84  GLY B N   1 
ATOM   993  C CA  . GLY B 1 43 ? 9.434   -5.777  7.498   1.00 37.90 ? 84  GLY B CA  1 
ATOM   994  C C   . GLY B 1 43 ? 10.432  -6.133  8.584   1.00 39.88 ? 84  GLY B C   1 
ATOM   995  O O   . GLY B 1 43 ? 10.060  -6.273  9.747   1.00 37.28 ? 84  GLY B O   1 
ATOM   996  N N   . LYS B 1 44 ? 11.701  -6.277  8.215   1.00 40.45 ? 85  LYS B N   1 
ATOM   997  C CA  . LYS B 1 44 ? 12.711  -6.631  9.199   1.00 42.35 ? 85  LYS B CA  1 
ATOM   998  C C   . LYS B 1 44 ? 12.716  -5.634  10.349  1.00 41.25 ? 85  LYS B C   1 
ATOM   999  O O   . LYS B 1 44 ? 12.611  -6.012  11.514  1.00 40.19 ? 85  LYS B O   1 
ATOM   1000 C CB  . LYS B 1 44 ? 14.102  -6.690  8.554   1.00 45.77 ? 85  LYS B CB  1 
ATOM   1001 C CG  . LYS B 1 44 ? 14.286  -7.832  7.560   1.00 50.28 ? 85  LYS B CG  1 
ATOM   1002 C CD  . LYS B 1 44 ? 15.725  -7.899  7.017   1.00 55.07 ? 85  LYS B CD  1 
ATOM   1003 C CE  . LYS B 1 44 ? 16.086  -6.669  6.179   1.00 56.84 ? 85  LYS B CE  1 
ATOM   1004 N NZ  . LYS B 1 44 ? 17.473  -6.725  5.620   1.00 58.90 ? 85  LYS B NZ  1 
ATOM   1005 N N   . ARG B 1 45 ? 12.833  -4.356  10.026  1.00 39.84 ? 86  ARG B N   1 
ATOM   1006 C CA  . ARG B 1 45 ? 12.847  -3.357  11.071  1.00 40.82 ? 86  ARG B CA  1 
ATOM   1007 C C   . ARG B 1 45 ? 11.484  -3.226  11.760  1.00 39.49 ? 86  ARG B C   1 
ATOM   1008 O O   . ARG B 1 45 ? 11.420  -2.978  12.967  1.00 37.85 ? 86  ARG B O   1 
ATOM   1009 C CB  . ARG B 1 45 ? 13.285  -2.008  10.505  1.00 45.33 ? 86  ARG B CB  1 
ATOM   1010 C CG  . ARG B 1 45 ? 13.488  -0.964  11.580  1.00 51.88 ? 86  ARG B CG  1 
ATOM   1011 C CD  . ARG B 1 45 ? 13.893  0.355   10.978  1.00 58.04 ? 86  ARG B CD  1 
ATOM   1012 N NE  . ARG B 1 45 ? 13.915  1.417   11.979  1.00 60.89 ? 86  ARG B NE  1 
ATOM   1013 C CZ  . ARG B 1 45 ? 13.932  2.710   11.680  1.00 63.74 ? 86  ARG B CZ  1 
ATOM   1014 N NH1 . ARG B 1 45 ? 13.928  3.094   10.408  1.00 64.16 ? 86  ARG B NH1 1 
ATOM   1015 N NH2 . ARG B 1 45 ? 13.949  3.618   12.648  1.00 65.17 ? 86  ARG B NH2 1 
ATOM   1016 N N   . LEU B 1 46 ? 10.400  -3.395  11.001  1.00 38.65 ? 87  LEU B N   1 
ATOM   1017 C CA  . LEU B 1 46 ? 9.052   -3.297  11.564  1.00 36.86 ? 87  LEU B CA  1 
ATOM   1018 C C   . LEU B 1 46 ? 8.895   -4.326  12.682  1.00 36.05 ? 87  LEU B C   1 
ATOM   1019 O O   . LEU B 1 46 ? 8.450   -4.002  13.787  1.00 35.52 ? 87  LEU B O   1 
ATOM   1020 C CB  . LEU B 1 46 ? 7.981   -3.560  10.494  1.00 32.64 ? 87  LEU B CB  1 
ATOM   1021 C CG  . LEU B 1 46 ? 6.526   -3.367  10.963  1.00 31.88 ? 87  LEU B CG  1 
ATOM   1022 C CD1 . LEU B 1 46 ? 6.219   -1.877  11.088  1.00 31.61 ? 87  LEU B CD1 1 
ATOM   1023 C CD2 . LEU B 1 46 ? 5.562   -3.998  9.978   1.00 27.50 ? 87  LEU B CD2 1 
ATOM   1024 N N   . CYS B 1 47 ? 9.273   -5.564  12.384  1.00 36.88 ? 88  CYS B N   1 
ATOM   1025 C CA  . CYS B 1 47 ? 9.171   -6.651  13.349  1.00 38.88 ? 88  CYS B CA  1 
ATOM   1026 C C   . CYS B 1 47 ? 10.119  -6.508  14.529  1.00 40.75 ? 88  CYS B C   1 
ATOM   1027 O O   . CYS B 1 47 ? 10.097  -7.323  15.452  1.00 41.36 ? 88  CYS B O   1 
ATOM   1028 C CB  . CYS B 1 47 ? 9.418   -7.983  12.660  1.00 36.60 ? 88  CYS B CB  1 
ATOM   1029 S SG  . CYS B 1 47 ? 8.191   -8.347  11.422  1.00 37.66 ? 88  CYS B SG  1 
ATOM   1030 N N   . LEU B 1 48 ? 10.950  -5.471  14.502  1.00 42.06 ? 89  LEU B N   1 
ATOM   1031 C CA  . LEU B 1 48 ? 11.892  -5.230  15.586  1.00 42.92 ? 89  LEU B CA  1 
ATOM   1032 C C   . LEU B 1 48 ? 11.400  -4.136  16.522  1.00 42.98 ? 89  LEU B C   1 
ATOM   1033 O O   . LEU B 1 48 ? 12.006  -3.889  17.563  1.00 43.84 ? 89  LEU B O   1 
ATOM   1034 C CB  . LEU B 1 48 ? 13.261  -4.847  15.020  1.00 45.74 ? 89  LEU B CB  1 
ATOM   1035 C CG  . LEU B 1 48 ? 14.342  -5.934  14.964  1.00 46.95 ? 89  LEU B CG  1 
ATOM   1036 C CD1 . LEU B 1 48 ? 13.762  -7.272  14.508  1.00 48.81 ? 89  LEU B CD1 1 
ATOM   1037 C CD2 . LEU B 1 48 ? 15.439  -5.464  14.027  1.00 48.20 ? 89  LEU B CD2 1 
ATOM   1038 N N   . LEU B 1 49 ? 10.305  -3.475  16.153  1.00 41.24 ? 90  LEU B N   1 
ATOM   1039 C CA  . LEU B 1 49 ? 9.761   -2.413  16.986  1.00 38.96 ? 90  LEU B CA  1 
ATOM   1040 C C   . LEU B 1 49 ? 9.134   -2.998  18.246  1.00 38.60 ? 90  LEU B C   1 
ATOM   1041 O O   . LEU B 1 49 ? 8.535   -4.073  18.217  1.00 36.80 ? 90  LEU B O   1 
ATOM   1042 C CB  . LEU B 1 49 ? 8.712   -1.604  16.218  1.00 37.46 ? 90  LEU B CB  1 
ATOM   1043 C CG  . LEU B 1 49 ? 9.169   -0.783  15.005  1.00 37.89 ? 90  LEU B CG  1 
ATOM   1044 C CD1 . LEU B 1 49 ? 7.961   -0.051  14.413  1.00 36.79 ? 90  LEU B CD1 1 
ATOM   1045 C CD2 . LEU B 1 49 ? 10.252  0.214   15.404  1.00 35.21 ? 90  LEU B CD2 1 
ATOM   1046 N N   . THR B 1 50 ? 9.287   -2.287  19.357  1.00 38.98 ? 91  THR B N   1 
ATOM   1047 C CA  . THR B 1 50 ? 8.723   -2.723  20.630  1.00 39.51 ? 91  THR B CA  1 
ATOM   1048 C C   . THR B 1 50 ? 7.295   -2.189  20.731  1.00 40.68 ? 91  THR B C   1 
ATOM   1049 O O   . THR B 1 50 ? 6.871   -1.370  19.910  1.00 40.00 ? 91  THR B O   1 
ATOM   1050 C CB  . THR B 1 50 ? 9.522   -2.159  21.816  1.00 39.26 ? 91  THR B CB  1 
ATOM   1051 O OG1 . THR B 1 50 ? 9.495   -0.727  21.762  1.00 37.80 ? 91  THR B OG1 1 
ATOM   1052 C CG2 . THR B 1 50 ? 10.960  -2.629  21.763  1.00 38.54 ? 91  THR B CG2 1 
ATOM   1053 N N   . ARG B 1 51 ? 6.556   -2.638  21.738  1.00 40.08 ? 92  ARG B N   1 
ATOM   1054 C CA  . ARG B 1 51 ? 5.193   -2.166  21.902  1.00 39.37 ? 92  ARG B CA  1 
ATOM   1055 C C   . ARG B 1 51 ? 5.253   -0.658  22.115  1.00 39.30 ? 92  ARG B C   1 
ATOM   1056 O O   . ARG B 1 51 ? 4.397   0.089   21.632  1.00 36.67 ? 92  ARG B O   1 
ATOM   1057 C CB  . ARG B 1 51 ? 4.525   -2.847  23.098  1.00 41.27 ? 92  ARG B CB  1 
ATOM   1058 C CG  . ARG B 1 51 ? 3.037   -2.548  23.209  1.00 43.39 ? 92  ARG B CG  1 
ATOM   1059 C CD  . ARG B 1 51 ? 2.339   -3.559  24.110  1.00 46.74 ? 92  ARG B CD  1 
ATOM   1060 N NE  . ARG B 1 51 ? 2.828   -3.489  25.479  1.00 48.62 ? 92  ARG B NE  1 
ATOM   1061 C CZ  . ARG B 1 51 ? 2.704   -2.423  26.262  1.00 51.92 ? 92  ARG B CZ  1 
ATOM   1062 N NH1 . ARG B 1 51 ? 2.101   -1.327  25.811  1.00 53.08 ? 92  ARG B NH1 1 
ATOM   1063 N NH2 . ARG B 1 51 ? 3.186   -2.450  27.500  1.00 53.11 ? 92  ARG B NH2 1 
ATOM   1064 N N   . ALA B 1 52 ? 6.286   -0.219  22.829  1.00 37.89 ? 93  ALA B N   1 
ATOM   1065 C CA  . ALA B 1 52 ? 6.487   1.198   23.108  1.00 37.00 ? 93  ALA B CA  1 
ATOM   1066 C C   . ALA B 1 52 ? 6.726   1.985   21.816  1.00 35.32 ? 93  ALA B C   1 
ATOM   1067 O O   . ALA B 1 52 ? 6.266   3.117   21.683  1.00 37.21 ? 93  ALA B O   1 
ATOM   1068 C CB  . ALA B 1 52 ? 7.667   1.382   24.066  1.00 37.90 ? 93  ALA B CB  1 
ATOM   1069 N N   . ASP B 1 53 ? 7.442   1.387   20.869  1.00 34.68 ? 94  ASP B N   1 
ATOM   1070 C CA  . ASP B 1 53 ? 7.716   2.043   19.589  1.00 34.44 ? 94  ASP B CA  1 
ATOM   1071 C C   . ASP B 1 53 ? 6.413   2.308   18.841  1.00 32.88 ? 94  ASP B C   1 
ATOM   1072 O O   . ASP B 1 53 ? 6.211   3.391   18.294  1.00 31.71 ? 94  ASP B O   1 
ATOM   1073 C CB  . ASP B 1 53 ? 8.621   1.178   18.695  1.00 36.52 ? 94  ASP B CB  1 
ATOM   1074 C CG  . ASP B 1 53 ? 10.062  1.109   19.190  1.00 40.62 ? 94  ASP B CG  1 
ATOM   1075 O OD1 . ASP B 1 53 ? 10.574  2.138   19.675  1.00 39.37 ? 94  ASP B OD1 1 
ATOM   1076 O OD2 . ASP B 1 53 ? 10.685  0.026   19.073  1.00 42.22 ? 94  ASP B OD2 1 
ATOM   1077 N N   . PHE B 1 54 ? 5.539   1.304   18.804  1.00 30.84 ? 95  PHE B N   1 
ATOM   1078 C CA  . PHE B 1 54 ? 4.259   1.445   18.122  1.00 31.57 ? 95  PHE B CA  1 
ATOM   1079 C C   . PHE B 1 54 ? 3.415   2.513   18.793  1.00 32.13 ? 95  PHE B C   1 
ATOM   1080 O O   . PHE B 1 54 ? 2.680   3.242   18.127  1.00 30.20 ? 95  PHE B O   1 
ATOM   1081 C CB  . PHE B 1 54 ? 3.499   0.118   18.103  1.00 30.33 ? 95  PHE B CB  1 
ATOM   1082 C CG  . PHE B 1 54 ? 3.978   -0.830  17.045  1.00 33.62 ? 95  PHE B CG  1 
ATOM   1083 C CD1 . PHE B 1 54 ? 4.757   -1.935  17.378  1.00 33.91 ? 95  PHE B CD1 1 
ATOM   1084 C CD2 . PHE B 1 54 ? 3.663   -0.612  15.705  1.00 32.77 ? 95  PHE B CD2 1 
ATOM   1085 C CE1 . PHE B 1 54 ? 5.218   -2.812  16.395  1.00 31.36 ? 95  PHE B CE1 1 
ATOM   1086 C CE2 . PHE B 1 54 ? 4.118   -1.482  14.710  1.00 33.01 ? 95  PHE B CE2 1 
ATOM   1087 C CZ  . PHE B 1 54 ? 4.899   -2.587  15.056  1.00 32.57 ? 95  PHE B CZ  1 
ATOM   1088 N N   . GLY B 1 55 ? 3.528   2.604   20.115  1.00 33.64 ? 96  GLY B N   1 
ATOM   1089 C CA  . GLY B 1 55 ? 2.768   3.598   20.845  1.00 35.31 ? 96  GLY B CA  1 
ATOM   1090 C C   . GLY B 1 55 ? 3.203   4.990   20.431  1.00 36.73 ? 96  GLY B C   1 
ATOM   1091 O O   . GLY B 1 55 ? 2.380   5.877   20.209  1.00 35.98 ? 96  GLY B O   1 
ATOM   1092 N N   . HIS B 1 56 ? 4.513   5.168   20.311  1.00 39.81 ? 97  HIS B N   1 
ATOM   1093 C CA  . HIS B 1 56 ? 5.081   6.451   19.930  1.00 43.41 ? 97  HIS B CA  1 
ATOM   1094 C C   . HIS B 1 56 ? 4.594   6.908   18.553  1.00 42.70 ? 97  HIS B C   1 
ATOM   1095 O O   . HIS B 1 56 ? 4.242   8.071   18.364  1.00 42.53 ? 97  HIS B O   1 
ATOM   1096 C CB  . HIS B 1 56 ? 6.613   6.355   19.956  1.00 48.99 ? 97  HIS B CB  1 
ATOM   1097 C CG  . HIS B 1 56 ? 7.312   7.662   19.725  1.00 56.26 ? 97  HIS B CG  1 
ATOM   1098 N ND1 . HIS B 1 56 ? 7.495   8.201   18.469  1.00 59.56 ? 97  HIS B ND1 1 
ATOM   1099 C CD2 . HIS B 1 56 ? 7.864   8.543   20.595  1.00 57.65 ? 97  HIS B CD2 1 
ATOM   1100 C CE1 . HIS B 1 56 ? 8.128   9.355   18.574  1.00 59.51 ? 97  HIS B CE1 1 
ATOM   1101 N NE2 . HIS B 1 56 ? 8.364   9.586   19.854  1.00 59.50 ? 97  HIS B NE2 1 
ATOM   1102 N N   . ARG B 1 57 ? 4.540   5.983   17.599  1.00 42.19 ? 98  ARG B N   1 
ATOM   1103 C CA  . ARG B 1 57 ? 4.130   6.321   16.239  1.00 39.67 ? 98  ARG B CA  1 
ATOM   1104 C C   . ARG B 1 57 ? 2.628   6.272   15.986  1.00 37.64 ? 98  ARG B C   1 
ATOM   1105 O O   . ARG B 1 57 ? 2.161   6.684   14.924  1.00 38.93 ? 98  ARG B O   1 
ATOM   1106 C CB  . ARG B 1 57 ? 4.854   5.401   15.257  1.00 40.68 ? 98  ARG B CB  1 
ATOM   1107 C CG  . ARG B 1 57 ? 6.359   5.433   15.433  1.00 41.57 ? 98  ARG B CG  1 
ATOM   1108 C CD  . ARG B 1 57 ? 7.006   4.121   15.019  1.00 43.23 ? 98  ARG B CD  1 
ATOM   1109 N NE  . ARG B 1 57 ? 8.361   4.011   15.560  1.00 47.38 ? 98  ARG B NE  1 
ATOM   1110 C CZ  . ARG B 1 57 ? 9.465   4.265   14.869  1.00 49.90 ? 98  ARG B CZ  1 
ATOM   1111 N NH1 . ARG B 1 57 ? 9.383   4.640   13.602  1.00 53.03 ? 98  ARG B NH1 1 
ATOM   1112 N NH2 . ARG B 1 57 ? 10.653  4.159   15.448  1.00 53.02 ? 98  ARG B NH2 1 
ATOM   1113 N N   . CYS B 1 58 ? 1.872   5.762   16.951  1.00 34.27 ? 99  CYS B N   1 
ATOM   1114 C CA  . CYS B 1 58 ? 0.421   5.684   16.811  1.00 34.53 ? 99  CYS B CA  1 
ATOM   1115 C C   . CYS B 1 58 ? -0.170  5.750   18.210  1.00 34.40 ? 99  CYS B C   1 
ATOM   1116 O O   . CYS B 1 58 ? -0.742  4.768   18.708  1.00 30.13 ? 99  CYS B O   1 
ATOM   1117 C CB  . CYS B 1 58 ? 0.005   4.375   16.136  1.00 33.47 ? 99  CYS B CB  1 
ATOM   1118 S SG  . CYS B 1 58 ? -1.777  4.277   15.779  1.00 38.73 ? 99  CYS B SG  1 
ATOM   1119 N N   . PRO B 1 59 ? -0.031  6.915   18.865  1.00 36.14 ? 100 PRO B N   1 
ATOM   1120 C CA  . PRO B 1 59 ? -0.535  7.142   20.223  1.00 35.47 ? 100 PRO B CA  1 
ATOM   1121 C C   . PRO B 1 59 ? -2.038  6.936   20.337  1.00 33.72 ? 100 PRO B C   1 
ATOM   1122 O O   . PRO B 1 59 ? -2.817  7.532   19.603  1.00 33.21 ? 100 PRO B O   1 
ATOM   1123 C CB  . PRO B 1 59 ? -0.089  8.575   20.523  1.00 36.50 ? 100 PRO B CB  1 
ATOM   1124 C CG  . PRO B 1 59 ? -0.093  9.219   19.192  1.00 38.06 ? 100 PRO B CG  1 
ATOM   1125 C CD  . PRO B 1 59 ? 0.509   8.163   18.292  1.00 37.61 ? 100 PRO B CD  1 
ATOM   1126 N N   . GLY B 1 60 ? -2.427  6.068   21.261  1.00 33.43 ? 101 GLY B N   1 
ATOM   1127 C CA  . GLY B 1 60 ? -3.828  5.765   21.454  1.00 33.04 ? 101 GLY B CA  1 
ATOM   1128 C C   . GLY B 1 60 ? -4.186  4.362   20.987  1.00 33.78 ? 101 GLY B C   1 
ATOM   1129 O O   . GLY B 1 60 ? -5.172  3.780   21.447  1.00 34.22 ? 101 GLY B O   1 
ATOM   1130 N N   . ALA B 1 61 ? -3.392  3.810   20.075  1.00 32.33 ? 102 ALA B N   1 
ATOM   1131 C CA  . ALA B 1 61 ? -3.655  2.466   19.560  1.00 31.38 ? 102 ALA B CA  1 
ATOM   1132 C C   . ALA B 1 61 ? -2.372  1.721   19.226  1.00 31.78 ? 102 ALA B C   1 
ATOM   1133 O O   . ALA B 1 61 ? -2.318  0.959   18.262  1.00 32.51 ? 102 ALA B O   1 
ATOM   1134 C CB  . ALA B 1 61 ? -4.553  2.543   18.330  1.00 27.81 ? 102 ALA B CB  1 
ATOM   1135 N N   . GLY B 1 62 ? -1.335  1.943   20.025  1.00 32.13 ? 103 GLY B N   1 
ATOM   1136 C CA  . GLY B 1 62 ? -0.073  1.264   19.788  1.00 31.93 ? 103 GLY B CA  1 
ATOM   1137 C C   . GLY B 1 62 ? -0.154  -0.247  19.966  1.00 32.38 ? 103 GLY B C   1 
ATOM   1138 O O   . GLY B 1 62 ? 0.466   -0.986  19.201  1.00 32.88 ? 103 GLY B O   1 
ATOM   1139 N N   . ASP B 1 63 ? -0.914  -0.716  20.956  1.00 30.58 ? 104 ASP B N   1 
ATOM   1140 C CA  . ASP B 1 63 ? -1.017  -2.159  21.200  1.00 31.93 ? 104 ASP B CA  1 
ATOM   1141 C C   . ASP B 1 63 ? -1.706  -2.912  20.067  1.00 30.89 ? 104 ASP B C   1 
ATOM   1142 O O   . ASP B 1 63 ? -1.437  -4.086  19.843  1.00 30.60 ? 104 ASP B O   1 
ATOM   1143 C CB  . ASP B 1 63 ? -1.772  -2.450  22.497  1.00 32.63 ? 104 ASP B CB  1 
ATOM   1144 C CG  . ASP B 1 63 ? -1.204  -1.699  23.686  1.00 37.40 ? 104 ASP B CG  1 
ATOM   1145 O OD1 . ASP B 1 63 ? 0.018   -1.432  23.708  1.00 36.55 ? 104 ASP B OD1 1 
ATOM   1146 O OD2 . ASP B 1 63 ? -1.990  -1.385  24.604  1.00 37.72 ? 104 ASP B OD2 1 
ATOM   1147 N N   . VAL B 1 64 ? -2.613  -2.236  19.376  1.00 30.73 ? 105 VAL B N   1 
ATOM   1148 C CA  . VAL B 1 64 ? -3.344  -2.839  18.268  1.00 30.46 ? 105 VAL B CA  1 
ATOM   1149 C C   . VAL B 1 64 ? -2.374  -3.265  17.170  1.00 29.38 ? 105 VAL B C   1 
ATOM   1150 O O   . VAL B 1 64 ? -2.363  -4.423  16.751  1.00 28.69 ? 105 VAL B O   1 
ATOM   1151 C CB  . VAL B 1 64 ? -4.381  -1.839  17.681  1.00 31.19 ? 105 VAL B CB  1 
ATOM   1152 C CG1 . VAL B 1 64 ? -5.016  -2.409  16.406  1.00 30.07 ? 105 VAL B CG1 1 
ATOM   1153 C CG2 . VAL B 1 64 ? -5.460  -1.550  18.726  1.00 31.77 ? 105 VAL B CG2 1 
ATOM   1154 N N   . LEU B 1 65 ? -1.563  -2.321  16.709  1.00 27.89 ? 106 LEU B N   1 
ATOM   1155 C CA  . LEU B 1 65 ? -0.590  -2.600  15.659  1.00 28.29 ? 106 LEU B CA  1 
ATOM   1156 C C   . LEU B 1 65 ? 0.406   -3.665  16.113  1.00 29.51 ? 106 LEU B C   1 
ATOM   1157 O O   . LEU B 1 65 ? 0.687   -4.614  15.386  1.00 27.88 ? 106 LEU B O   1 
ATOM   1158 C CB  . LEU B 1 65 ? 0.160   -1.321  15.289  1.00 28.69 ? 106 LEU B CB  1 
ATOM   1159 C CG  . LEU B 1 65 ? -0.667  -0.208  14.646  1.00 30.01 ? 106 LEU B CG  1 
ATOM   1160 C CD1 . LEU B 1 65 ? 0.186   1.031   14.488  1.00 29.62 ? 106 LEU B CD1 1 
ATOM   1161 C CD2 . LEU B 1 65 ? -1.197  -0.685  13.293  1.00 26.74 ? 106 LEU B CD2 1 
ATOM   1162 N N   . HIS B 1 66 ? 0.926   -3.509  17.326  1.00 29.64 ? 107 HIS B N   1 
ATOM   1163 C CA  . HIS B 1 66 ? 1.895   -4.458  17.855  1.00 32.04 ? 107 HIS B CA  1 
ATOM   1164 C C   . HIS B 1 66 ? 1.323   -5.873  18.016  1.00 31.98 ? 107 HIS B C   1 
ATOM   1165 O O   . HIS B 1 66 ? 1.993   -6.857  17.693  1.00 31.60 ? 107 HIS B O   1 
ATOM   1166 C CB  . HIS B 1 66 ? 2.459   -3.929  19.177  1.00 34.24 ? 107 HIS B CB  1 
ATOM   1167 C CG  . HIS B 1 66 ? 3.425   -4.858  19.841  1.00 35.96 ? 107 HIS B CG  1 
ATOM   1168 N ND1 . HIS B 1 66 ? 3.028   -5.827  20.734  1.00 38.28 ? 107 HIS B ND1 1 
ATOM   1169 C CD2 . HIS B 1 66 ? 4.767   -4.980  19.722  1.00 37.15 ? 107 HIS B CD2 1 
ATOM   1170 C CE1 . HIS B 1 66 ? 4.084   -6.510  21.138  1.00 37.98 ? 107 HIS B CE1 1 
ATOM   1171 N NE2 . HIS B 1 66 ? 5.152   -6.016  20.538  1.00 39.84 ? 107 HIS B NE2 1 
ATOM   1172 N N   . ASN B 1 67 ? 0.089   -5.975  18.498  1.00 30.27 ? 108 ASN B N   1 
ATOM   1173 C CA  . ASN B 1 67 ? -0.555  -7.274  18.681  1.00 31.28 ? 108 ASN B CA  1 
ATOM   1174 C C   . ASN B 1 67 ? -0.851  -7.958  17.352  1.00 30.47 ? 108 ASN B C   1 
ATOM   1175 O O   . ASN B 1 67 ? -0.713  -9.178  17.230  1.00 30.94 ? 108 ASN B O   1 
ATOM   1176 C CB  . ASN B 1 67 ? -1.870  -7.132  19.458  1.00 33.46 ? 108 ASN B CB  1 
ATOM   1177 C CG  . ASN B 1 67 ? -1.659  -7.003  20.963  1.00 36.85 ? 108 ASN B CG  1 
ATOM   1178 O OD1 . ASN B 1 67 ? -0.540  -6.822  21.436  1.00 35.48 ? 108 ASN B OD1 1 
ATOM   1179 N ND2 . ASN B 1 67 ? -2.748  -7.093  21.719  1.00 38.84 ? 108 ASN B ND2 1 
ATOM   1180 N N   . VAL B 1 68 ? -1.286  -7.185  16.363  1.00 28.99 ? 109 VAL B N   1 
ATOM   1181 C CA  . VAL B 1 68 ? -1.591  -7.754  15.058  1.00 29.64 ? 109 VAL B CA  1 
ATOM   1182 C C   . VAL B 1 68 ? -0.310  -8.294  14.452  1.00 29.33 ? 109 VAL B C   1 
ATOM   1183 O O   . VAL B 1 68 ? -0.276  -9.419  13.958  1.00 30.72 ? 109 VAL B O   1 
ATOM   1184 C CB  . VAL B 1 68 ? -2.195  -6.711  14.084  1.00 28.21 ? 109 VAL B CB  1 
ATOM   1185 C CG1 . VAL B 1 68 ? -2.238  -7.291  12.671  1.00 28.56 ? 109 VAL B CG1 1 
ATOM   1186 C CG2 . VAL B 1 68 ? -3.603  -6.334  14.522  1.00 27.98 ? 109 VAL B CG2 1 
ATOM   1187 N N   . LEU B 1 69 ? 0.750   -7.499  14.502  1.00 30.45 ? 110 LEU B N   1 
ATOM   1188 C CA  . LEU B 1 69 ? 2.022   -7.931  13.941  1.00 33.39 ? 110 LEU B CA  1 
ATOM   1189 C C   . LEU B 1 69 ? 2.570   -9.175  14.647  1.00 34.84 ? 110 LEU B C   1 
ATOM   1190 O O   . LEU B 1 69 ? 3.072   -10.086 13.990  1.00 34.42 ? 110 LEU B O   1 
ATOM   1191 C CB  . LEU B 1 69 ? 3.059   -6.812  14.030  1.00 33.64 ? 110 LEU B CB  1 
ATOM   1192 C CG  . LEU B 1 69 ? 4.041   -6.632  12.862  1.00 37.15 ? 110 LEU B CG  1 
ATOM   1193 C CD1 . LEU B 1 69 ? 5.408   -6.294  13.424  1.00 38.14 ? 110 LEU B CD1 1 
ATOM   1194 C CD2 . LEU B 1 69 ? 4.124   -7.886  12.001  1.00 36.68 ? 110 LEU B CD2 1 
ATOM   1195 N N   . GLN B 1 70 ? 2.477   -9.208  15.976  1.00 34.96 ? 111 GLN B N   1 
ATOM   1196 C CA  . GLN B 1 70 ? 2.988   -10.342 16.748  1.00 37.60 ? 111 GLN B CA  1 
ATOM   1197 C C   . GLN B 1 70 ? 2.285   -11.638 16.396  1.00 37.37 ? 111 GLN B C   1 
ATOM   1198 O O   . GLN B 1 70 ? 2.900   -12.696 16.359  1.00 35.65 ? 111 GLN B O   1 
ATOM   1199 C CB  . GLN B 1 70 ? 2.862   -10.084 18.251  1.00 38.32 ? 111 GLN B CB  1 
ATOM   1200 C CG  . GLN B 1 70 ? 3.831   -9.032  18.760  1.00 47.73 ? 111 GLN B CG  1 
ATOM   1201 C CD  . GLN B 1 70 ? 5.288   -9.435  18.576  1.00 51.83 ? 111 GLN B CD  1 
ATOM   1202 O OE1 . GLN B 1 70 ? 5.604   -10.336 17.801  1.00 56.66 ? 111 GLN B OE1 1 
ATOM   1203 N NE2 . GLN B 1 70 ? 6.181   -8.757  19.278  1.00 55.83 ? 111 GLN B NE2 1 
ATOM   1204 N N   . MET B 1 71 ? 0.993   -11.550 16.131  1.00 37.08 ? 112 MET B N   1 
ATOM   1205 C CA  . MET B 1 71 ? 0.234   -12.727 15.770  1.00 40.35 ? 112 MET B CA  1 
ATOM   1206 C C   . MET B 1 71 ? 0.830   -13.235 14.461  1.00 41.25 ? 112 MET B C   1 
ATOM   1207 O O   . MET B 1 71 ? 1.059   -14.430 14.291  1.00 38.77 ? 112 MET B O   1 
ATOM   1208 C CB  . MET B 1 71 ? -1.229  -12.353 15.579  1.00 42.78 ? 112 MET B CB  1 
ATOM   1209 C CG  . MET B 1 71 ? -2.217  -13.393 16.052  1.00 50.88 ? 112 MET B CG  1 
ATOM   1210 S SD  . MET B 1 71 ? -3.540  -12.600 17.008  1.00 57.52 ? 112 MET B SD  1 
ATOM   1211 C CE  . MET B 1 71 ? -4.146  -11.347 15.833  1.00 54.04 ? 112 MET B CE  1 
ATOM   1212 N N   . LEU B 1 72 ? 1.092   -12.307 13.544  1.00 42.15 ? 113 LEU B N   1 
ATOM   1213 C CA  . LEU B 1 72 ? 1.674   -12.644 12.248  1.00 43.22 ? 113 LEU B CA  1 
ATOM   1214 C C   . LEU B 1 72 ? 3.088   -13.215 12.409  1.00 42.34 ? 113 LEU B C   1 
ATOM   1215 O O   . LEU B 1 72 ? 3.458   -14.171 11.734  1.00 41.06 ? 113 LEU B O   1 
ATOM   1216 C CB  . LEU B 1 72 ? 1.689   -11.402 11.343  1.00 41.79 ? 113 LEU B CB  1 
ATOM   1217 C CG  . LEU B 1 72 ? 0.586   -11.236 10.281  1.00 42.58 ? 113 LEU B CG  1 
ATOM   1218 C CD1 . LEU B 1 72 ? -0.708  -11.906 10.706  1.00 42.36 ? 113 LEU B CD1 1 
ATOM   1219 C CD2 . LEU B 1 72 ? 0.370   -9.748  10.007  1.00 40.22 ? 113 LEU B CD2 1 
ATOM   1220 N N   . ILE B 1 73 ? 3.868   -12.632 13.313  1.00 43.07 ? 114 ILE B N   1 
ATOM   1221 C CA  . ILE B 1 73 ? 5.227   -13.094 13.567  1.00 44.54 ? 114 ILE B CA  1 
ATOM   1222 C C   . ILE B 1 73 ? 5.233   -14.460 14.261  1.00 47.51 ? 114 ILE B C   1 
ATOM   1223 O O   . ILE B 1 73 ? 6.019   -15.339 13.907  1.00 46.88 ? 114 ILE B O   1 
ATOM   1224 C CB  . ILE B 1 73 ? 6.001   -12.083 14.437  1.00 43.11 ? 114 ILE B CB  1 
ATOM   1225 C CG1 . ILE B 1 73 ? 6.261   -10.802 13.643  1.00 43.36 ? 114 ILE B CG1 1 
ATOM   1226 C CG2 . ILE B 1 73 ? 7.314   -12.687 14.909  1.00 44.87 ? 114 ILE B CG2 1 
ATOM   1227 C CD1 . ILE B 1 73 ? 6.911   -9.695  14.457  1.00 41.33 ? 114 ILE B CD1 1 
ATOM   1228 N N   . ILE B 1 74 ? 4.366   -14.639 15.252  1.00 50.18 ? 115 ILE B N   1 
ATOM   1229 C CA  . ILE B 1 74 ? 4.295   -15.912 15.963  1.00 54.21 ? 115 ILE B CA  1 
ATOM   1230 C C   . ILE B 1 74 ? 3.912   -17.003 14.979  1.00 56.04 ? 115 ILE B C   1 
ATOM   1231 O O   . ILE B 1 74 ? 4.507   -18.077 14.977  1.00 57.49 ? 115 ILE B O   1 
ATOM   1232 C CB  . ILE B 1 74 ? 3.250   -15.887 17.106  1.00 54.74 ? 115 ILE B CB  1 
ATOM   1233 C CG1 . ILE B 1 74 ? 3.668   -14.884 18.185  1.00 55.63 ? 115 ILE B CG1 1 
ATOM   1234 C CG2 . ILE B 1 74 ? 3.101   -17.277 17.706  1.00 55.64 ? 115 ILE B CG2 1 
ATOM   1235 C CD1 . ILE B 1 74 ? 5.046   -15.131 18.776  1.00 57.89 ? 115 ILE B CD1 1 
ATOM   1236 N N   . GLU B 1 75 ? 2.913   -16.726 14.148  1.00 58.38 ? 116 GLU B N   1 
ATOM   1237 C CA  . GLU B 1 75 ? 2.468   -17.680 13.144  1.00 61.76 ? 116 GLU B CA  1 
ATOM   1238 C C   . GLU B 1 75 ? 3.632   -18.002 12.216  1.00 62.79 ? 116 GLU B C   1 
ATOM   1239 O O   . GLU B 1 75 ? 3.705   -19.086 11.641  1.00 62.09 ? 116 GLU B O   1 
ATOM   1240 C CB  . GLU B 1 75 ? 1.314   -17.097 12.335  1.00 64.23 ? 116 GLU B CB  1 
ATOM   1241 C CG  . GLU B 1 75 ? -0.009  -17.791 12.565  1.00 69.77 ? 116 GLU B CG  1 
ATOM   1242 C CD  . GLU B 1 75 ? -1.136  -17.132 11.802  1.00 73.38 ? 116 GLU B CD  1 
ATOM   1243 O OE1 . GLU B 1 75 ? -0.959  -16.893 10.589  1.00 75.66 ? 116 GLU B OE1 1 
ATOM   1244 O OE2 . GLU B 1 75 ? -2.197  -16.856 12.408  1.00 75.85 ? 116 GLU B OE2 1 
ATOM   1245 N N   . SER B 1 76 ? 4.537   -17.040 12.073  1.00 63.71 ? 117 SER B N   1 
ATOM   1246 C CA  . SER B 1 76 ? 5.712   -17.215 11.234  1.00 65.94 ? 117 SER B CA  1 
ATOM   1247 C C   . SER B 1 76 ? 6.666   -18.165 11.951  1.00 67.52 ? 117 SER B C   1 
ATOM   1248 O O   . SER B 1 76 ? 6.918   -19.271 11.472  1.00 68.31 ? 117 SER B O   1 
ATOM   1249 C CB  . SER B 1 76 ? 6.393   -15.867 10.988  1.00 65.66 ? 117 SER B CB  1 
ATOM   1250 O OG  . SER B 1 76 ? 7.597   -16.019 10.257  1.00 66.89 ? 117 SER B OG  1 
ATOM   1251 N N   . HIS B 1 77 ? 7.183   -17.735 13.103  1.00 68.58 ? 118 HIS B N   1 
ATOM   1252 C CA  . HIS B 1 77 ? 8.101   -18.555 13.893  1.00 70.30 ? 118 HIS B CA  1 
ATOM   1253 C C   . HIS B 1 77 ? 7.470   -19.913 14.145  1.00 72.10 ? 118 HIS B C   1 
ATOM   1254 O O   . HIS B 1 77 ? 8.162   -20.896 14.412  1.00 72.63 ? 118 HIS B O   1 
ATOM   1255 C CB  . HIS B 1 77 ? 8.398   -17.907 15.250  1.00 68.86 ? 118 HIS B CB  1 
ATOM   1256 C CG  . HIS B 1 77 ? 9.057   -16.567 15.159  1.00 68.21 ? 118 HIS B CG  1 
ATOM   1257 N ND1 . HIS B 1 77 ? 9.848   -16.193 14.093  1.00 67.90 ? 118 HIS B ND1 1 
ATOM   1258 C CD2 . HIS B 1 77 ? 9.096   -15.535 16.035  1.00 66.91 ? 118 HIS B CD2 1 
ATOM   1259 C CE1 . HIS B 1 77 ? 10.347  -14.991 14.317  1.00 66.80 ? 118 HIS B CE1 1 
ATOM   1260 N NE2 . HIS B 1 77 ? 9.906   -14.569 15.489  1.00 66.42 ? 118 HIS B NE2 1 
ATOM   1261 N N   . SER B 1 78 ? 6.146   -19.947 14.060  1.00 73.94 ? 119 SER B N   1 
ATOM   1262 C CA  . SER B 1 78 ? 5.375   -21.158 14.280  1.00 76.04 ? 119 SER B CA  1 
ATOM   1263 C C   . SER B 1 78 ? 5.910   -22.338 13.474  1.00 77.68 ? 119 SER B C   1 
ATOM   1264 O O   . SER B 1 78 ? 6.761   -23.088 13.952  1.00 78.40 ? 119 SER B O   1 
ATOM   1265 C CB  . SER B 1 78 ? 3.905   -20.906 13.923  1.00 76.45 ? 119 SER B CB  1 
ATOM   1266 O OG  . SER B 1 78 ? 3.081   -21.989 14.310  1.00 76.12 ? 119 SER B OG  1 
ATOM   1267 N N   . ARG B 1 79 ? 5.419   -22.493 12.249  1.00 79.04 ? 120 ARG B N   1 
ATOM   1268 C CA  . ARG B 1 79 ? 5.836   -23.605 11.399  1.00 80.63 ? 120 ARG B CA  1 
ATOM   1269 C C   . ARG B 1 79 ? 7.241   -23.459 10.829  1.00 80.49 ? 120 ARG B C   1 
ATOM   1270 O O   . ARG B 1 79 ? 7.866   -22.396 11.037  1.00 79.94 ? 120 ARG B O   1 
ATOM   1271 C CB  . ARG B 1 79 ? 4.830   -23.790 10.260  1.00 81.80 ? 120 ARG B CB  1 
ATOM   1272 C CG  . ARG B 1 79 ? 3.487   -24.360 10.706  1.00 83.90 ? 120 ARG B CG  1 
ATOM   1273 C CD  . ARG B 1 79 ? 2.890   -23.565 11.860  1.00 85.63 ? 120 ARG B CD  1 
ATOM   1274 N NE  . ARG B 1 79 ? 1.604   -24.097 12.300  1.00 87.51 ? 120 ARG B NE  1 
ATOM   1275 C CZ  . ARG B 1 79 ? 0.478   -24.012 11.597  1.00 88.99 ? 120 ARG B CZ  1 
ATOM   1276 N NH1 . ARG B 1 79 ? 0.479   -23.410 10.413  1.00 88.99 ? 120 ARG B NH1 1 
ATOM   1277 N NH2 . ARG B 1 79 ? -0.648  -24.530 12.074  1.00 89.46 ? 120 ARG B NH2 1 
HETATM 1278 O O   . HOH C 2 .  ? -3.678  9.506   -15.848 1.00 22.50 ? 127 HOH A O   1 
HETATM 1279 O O   . HOH C 2 .  ? -7.100  12.116  -4.723  1.00 24.52 ? 128 HOH A O   1 
HETATM 1280 O O   . HOH C 2 .  ? -16.095 6.111   -5.171  1.00 23.66 ? 129 HOH A O   1 
HETATM 1281 O O   . HOH C 2 .  ? -15.253 0.834   -3.877  1.00 31.00 ? 130 HOH A O   1 
HETATM 1282 O O   . HOH C 2 .  ? -5.243  12.919  -0.842  1.00 31.59 ? 131 HOH A O   1 
HETATM 1283 O O   . HOH C 2 .  ? -6.531  5.228   2.170   1.00 35.94 ? 132 HOH A O   1 
HETATM 1284 O O   . HOH C 2 .  ? 0.854   11.557  -23.661 1.00 48.03 ? 133 HOH A O   1 
HETATM 1285 O O   . HOH C 2 .  ? 7.106   8.745   -22.332 1.00 45.59 ? 134 HOH A O   1 
HETATM 1286 O O   . HOH C 2 .  ? -15.681 -1.313  -2.175  1.00 29.27 ? 135 HOH A O   1 
HETATM 1287 O O   . HOH C 2 .  ? 10.180  0.055   -16.362 1.00 36.06 ? 136 HOH A O   1 
HETATM 1288 O O   . HOH C 2 .  ? -3.010  10.862  0.584   1.00 34.39 ? 137 HOH A O   1 
HETATM 1289 O O   . HOH C 2 .  ? 9.670   10.779  -0.102  1.00 40.11 ? 138 HOH A O   1 
HETATM 1290 O O   . HOH C 2 .  ? -5.366  7.784   -16.953 1.00 32.23 ? 139 HOH A O   1 
HETATM 1291 O O   . HOH C 2 .  ? 4.579   15.737  -1.499  1.00 42.34 ? 140 HOH A O   1 
HETATM 1292 O O   . HOH C 2 .  ? 9.209   -2.381  -6.863  1.00 51.97 ? 141 HOH A O   1 
HETATM 1293 O O   . HOH C 2 .  ? -2.468  4.505   -22.673 1.00 43.15 ? 142 HOH A O   1 
HETATM 1294 O O   . HOH C 2 .  ? -2.997  -4.255  -4.489  1.00 34.01 ? 143 HOH A O   1 
HETATM 1295 O O   . HOH C 2 .  ? -14.496 13.358  -8.421  1.00 58.10 ? 144 HOH A O   1 
HETATM 1296 O O   . HOH C 2 .  ? 1.666   6.633   -3.755  1.00 31.39 ? 145 HOH A O   1 
HETATM 1297 O O   . HOH C 2 .  ? 2.638   -6.229  -6.787  1.00 37.67 ? 146 HOH A O   1 
HETATM 1298 O O   . HOH C 2 .  ? -0.450  -11.085 -17.307 1.00 54.69 ? 147 HOH A O   1 
HETATM 1299 O O   . HOH C 2 .  ? -7.669  12.861  0.182   1.00 26.60 ? 148 HOH A O   1 
HETATM 1300 O O   . HOH C 2 .  ? -9.656  2.766   1.632   1.00 23.77 ? 149 HOH A O   1 
HETATM 1301 O O   . HOH C 2 .  ? 4.974   -3.585  -3.776  1.00 36.78 ? 150 HOH A O   1 
HETATM 1302 O O   . HOH C 2 .  ? 0.976   9.351   -26.356 1.00 45.19 ? 151 HOH A O   1 
HETATM 1303 O O   . HOH C 2 .  ? 8.718   2.544   -12.663 1.00 41.65 ? 152 HOH A O   1 
HETATM 1304 O O   . HOH C 2 .  ? 1.251   -7.232  -4.931  1.00 36.63 ? 153 HOH A O   1 
HETATM 1305 O O   . HOH C 2 .  ? 0.736   1.314   -25.869 1.00 39.00 ? 154 HOH A O   1 
HETATM 1306 O O   . HOH C 2 .  ? -10.645 3.468   4.044   1.00 30.51 ? 155 HOH A O   1 
HETATM 1307 O O   . HOH C 2 .  ? 7.266   -4.085  -8.135  1.00 51.25 ? 156 HOH A O   1 
HETATM 1308 O O   . HOH C 2 .  ? 4.773   -4.543  -6.335  1.00 36.78 ? 157 HOH A O   1 
HETATM 1309 O O   . HOH C 2 .  ? -14.279 15.105  -6.544  1.00 50.29 ? 158 HOH A O   1 
HETATM 1310 O O   . HOH C 2 .  ? -9.707  5.588   0.686   1.00 41.98 ? 159 HOH A O   1 
HETATM 1311 O O   . HOH C 2 .  ? -17.806 6.262   -8.930  1.00 47.21 ? 160 HOH A O   1 
HETATM 1312 O O   . HOH C 2 .  ? 3.430   5.432   -20.795 1.00 34.08 ? 161 HOH A O   1 
HETATM 1313 O O   . HOH C 2 .  ? -8.045  14.416  -11.207 1.00 32.76 ? 162 HOH A O   1 
HETATM 1314 O O   . HOH C 2 .  ? -12.119 -7.074  -9.814  1.00 54.96 ? 163 HOH A O   1 
HETATM 1315 O O   . HOH C 2 .  ? -7.531  9.535   -18.334 1.00 49.90 ? 164 HOH A O   1 
HETATM 1316 O O   . HOH C 2 .  ? -8.018  5.225   -24.448 1.00 66.71 ? 165 HOH A O   1 
HETATM 1317 O O   . HOH C 2 .  ? -8.015  -4.639  -0.611  1.00 45.74 ? 166 HOH A O   1 
HETATM 1318 O O   . HOH C 2 .  ? -6.055  7.719   -19.304 1.00 62.37 ? 167 HOH A O   1 
HETATM 1319 O O   . HOH C 2 .  ? -0.535  15.212  -11.874 1.00 45.79 ? 168 HOH A O   1 
HETATM 1320 O O   . HOH D 2 .  ? -2.052  -4.410  -2.180  1.00 22.58 ? 127 HOH B O   1 
HETATM 1321 O O   . HOH D 2 .  ? -6.683  2.983   5.323   1.00 27.31 ? 128 HOH B O   1 
HETATM 1322 O O   . HOH D 2 .  ? -4.169  -2.077  2.488   1.00 25.82 ? 129 HOH B O   1 
HETATM 1323 O O   . HOH D 2 .  ? 10.029  5.840   9.326   1.00 47.96 ? 130 HOH B O   1 
HETATM 1324 O O   . HOH D 2 .  ? 7.351   -5.553  16.259  1.00 32.35 ? 131 HOH B O   1 
HETATM 1325 O O   . HOH D 2 .  ? 12.143  -7.150  5.107   1.00 36.84 ? 132 HOH B O   1 
HETATM 1326 O O   . HOH D 2 .  ? -9.586  5.706   11.245  1.00 31.95 ? 133 HOH B O   1 
HETATM 1327 O O   . HOH D 2 .  ? -6.504  -3.278  2.912   1.00 36.23 ? 134 HOH B O   1 
HETATM 1328 O O   . HOH D 2 .  ? -8.910  -0.447  17.381  1.00 42.26 ? 135 HOH B O   1 
HETATM 1329 O O   . HOH D 2 .  ? -13.525 -1.681  5.224   1.00 48.41 ? 136 HOH B O   1 
HETATM 1330 O O   . HOH D 2 .  ? -8.114  1.697   3.353   1.00 34.47 ? 137 HOH B O   1 
HETATM 1331 O O   . HOH D 2 .  ? -4.814  4.823   5.327   1.00 26.05 ? 138 HOH B O   1 
HETATM 1332 O O   . HOH D 2 .  ? 12.040  -2.265  0.820   1.00 39.31 ? 139 HOH B O   1 
HETATM 1333 O O   . HOH D 2 .  ? -4.164  -3.860  0.033   1.00 36.62 ? 140 HOH B O   1 
HETATM 1334 O O   . HOH D 2 .  ? -1.787  -5.741  24.305  1.00 43.13 ? 141 HOH B O   1 
HETATM 1335 O O   . HOH D 2 .  ? 7.709   -3.066  -3.161  1.00 47.77 ? 142 HOH B O   1 
HETATM 1336 O O   . HOH D 2 .  ? -6.648  1.540   21.326  1.00 30.72 ? 143 HOH B O   1 
HETATM 1337 O O   . HOH D 2 .  ? 4.903   -7.750  -2.404  1.00 43.56 ? 144 HOH B O   1 
HETATM 1338 O O   . HOH D 2 .  ? -8.514  1.466   19.066  1.00 41.24 ? 145 HOH B O   1 
HETATM 1339 O O   . HOH D 2 .  ? 14.329  -0.417  6.227   1.00 59.62 ? 146 HOH B O   1 
HETATM 1340 O O   . HOH D 2 .  ? 5.234   -6.883  17.135  1.00 38.73 ? 147 HOH B O   1 
HETATM 1341 O O   . HOH D 2 .  ? 7.229   -27.252 11.517  1.00 54.63 ? 148 HOH B O   1 
HETATM 1342 O O   . HOH D 2 .  ? -11.602 2.335   18.443  1.00 56.11 ? 149 HOH B O   1 
HETATM 1343 O O   . HOH D 2 .  ? 6.134   -10.397 -2.080  1.00 50.28 ? 150 HOH B O   1 
HETATM 1344 O O   . HOH D 2 .  ? 7.566   1.657   4.119   1.00 49.42 ? 151 HOH B O   1 
HETATM 1345 O O   . HOH D 2 .  ? -3.958  -3.186  24.744  1.00 52.76 ? 152 HOH B O   1 
HETATM 1346 O O   . HOH D 2 .  ? -5.752  -2.688  22.900  1.00 47.98 ? 153 HOH B O   1 
# 
loop_
_pdbx_poly_seq_scheme.asym_id 
_pdbx_poly_seq_scheme.entity_id 
_pdbx_poly_seq_scheme.seq_id 
_pdbx_poly_seq_scheme.mon_id 
_pdbx_poly_seq_scheme.ndb_seq_num 
_pdbx_poly_seq_scheme.pdb_seq_num 
_pdbx_poly_seq_scheme.auth_seq_num 
_pdbx_poly_seq_scheme.pdb_mon_id 
_pdbx_poly_seq_scheme.auth_mon_id 
_pdbx_poly_seq_scheme.pdb_strand_id 
_pdbx_poly_seq_scheme.pdb_ins_code 
_pdbx_poly_seq_scheme.hetero 
A 1 1  GLN 1  42  42  GLN GLN A . n 
A 1 2  LEU 2  43  43  LEU LEU A . n 
A 1 3  PRO 3  44  44  PRO PRO A . n 
A 1 4  PRO 4  45  45  PRO PRO A . n 
A 1 5  SER 5  46  46  SER SER A . n 
A 1 6  LEU 6  47  47  LEU LEU A . n 
A 1 7  PRO 7  48  48  PRO PRO A . n 
A 1 8  SER 8  49  49  SER SER A . n 
A 1 9  ASP 9  50  50  ASP ASP A . n 
A 1 10 PRO 10 51  51  PRO PRO A . n 
A 1 11 ARG 11 52  52  ARG ARG A . n 
A 1 12 LEU 12 53  53  LEU LEU A . n 
A 1 13 TRP 13 54  54  TRP TRP A . n 
A 1 14 SER 14 55  55  SER SER A . n 
A 1 15 ARG 15 56  56  ARG ARG A . n 
A 1 16 GLU 16 57  57  GLU GLU A . n 
A 1 17 ASP 17 58  58  ASP ASP A . n 
A 1 18 VAL 18 59  59  VAL VAL A . n 
A 1 19 LEU 19 60  60  LEU LEU A . n 
A 1 20 VAL 20 61  61  VAL VAL A . n 
A 1 21 PHE 21 62  62  PHE PHE A . n 
A 1 22 LEU 22 63  63  LEU LEU A . n 
A 1 23 ARG 23 64  64  ARG ARG A . n 
A 1 24 PHE 24 65  65  PHE PHE A . n 
A 1 25 CYS 25 66  66  CYS CYS A . n 
A 1 26 VAL 26 67  67  VAL VAL A . n 
A 1 27 ARG 27 68  68  ARG ARG A . n 
A 1 28 GLU 28 69  69  GLU GLU A . n 
A 1 29 PHE 29 70  70  PHE PHE A . n 
A 1 30 ASP 30 71  71  ASP ASP A . n 
A 1 31 LEU 31 72  72  LEU LEU A . n 
A 1 32 PRO 32 73  73  PRO PRO A . n 
A 1 33 LYS 33 74  74  LYS LYS A . n 
A 1 34 LEU 34 75  75  LEU LEU A . n 
A 1 35 ASP 35 76  76  ASP ASP A . n 
A 1 36 PHE 36 77  77  PHE PHE A . n 
A 1 37 ASP 37 78  78  ASP ASP A . n 
A 1 38 LEU 38 79  79  LEU LEU A . n 
A 1 39 PHE 39 80  80  PHE PHE A . n 
A 1 40 GLN 40 81  81  GLN GLN A . n 
A 1 41 MET 41 82  82  MET MET A . n 
A 1 42 ASN 42 83  83  ASN ASN A . n 
A 1 43 GLY 43 84  84  GLY GLY A . n 
A 1 44 LYS 44 85  85  LYS LYS A . n 
A 1 45 ARG 45 86  86  ARG ARG A . n 
A 1 46 LEU 46 87  87  LEU LEU A . n 
A 1 47 CYS 47 88  88  CYS CYS A . n 
A 1 48 LEU 48 89  89  LEU LEU A . n 
A 1 49 LEU 49 90  90  LEU LEU A . n 
A 1 50 THR 50 91  91  THR THR A . n 
A 1 51 ARG 51 92  92  ARG ARG A . n 
A 1 52 ALA 52 93  93  ALA ALA A . n 
A 1 53 ASP 53 94  94  ASP ASP A . n 
A 1 54 PHE 54 95  95  PHE PHE A . n 
A 1 55 GLY 55 96  96  GLY GLY A . n 
A 1 56 HIS 56 97  97  HIS HIS A . n 
A 1 57 ARG 57 98  98  ARG ARG A . n 
A 1 58 CYS 58 99  99  CYS CYS A . n 
A 1 59 PRO 59 100 100 PRO PRO A . n 
A 1 60 GLY 60 101 101 GLY GLY A . n 
A 1 61 ALA 61 102 102 ALA ALA A . n 
A 1 62 GLY 62 103 103 GLY GLY A . n 
A 1 63 ASP 63 104 104 ASP ASP A . n 
A 1 64 VAL 64 105 105 VAL VAL A . n 
A 1 65 LEU 65 106 106 LEU LEU A . n 
A 1 66 HIS 66 107 107 HIS HIS A . n 
A 1 67 ASN 67 108 108 ASN ASN A . n 
A 1 68 VAL 68 109 109 VAL VAL A . n 
A 1 69 LEU 69 110 110 LEU LEU A . n 
A 1 70 GLN 70 111 111 GLN GLN A . n 
A 1 71 MET 71 112 112 MET MET A . n 
A 1 72 LEU 72 113 113 LEU LEU A . n 
A 1 73 ILE 73 114 114 ILE ILE A . n 
A 1 74 ILE 74 115 115 ILE ILE A . n 
A 1 75 GLU 75 116 116 GLU GLU A . n 
A 1 76 SER 76 117 117 SER SER A . n 
A 1 77 HIS 77 118 118 HIS HIS A . n 
A 1 78 SER 78 119 119 SER SER A . n 
A 1 79 ARG 79 120 ?   ?   ?   A . n 
A 1 80 HIS 80 121 ?   ?   ?   A . n 
A 1 81 HIS 81 122 ?   ?   ?   A . n 
A 1 82 HIS 82 123 ?   ?   ?   A . n 
A 1 83 HIS 83 124 ?   ?   ?   A . n 
A 1 84 HIS 84 125 ?   ?   ?   A . n 
A 1 85 HIS 85 126 ?   ?   ?   A . n 
B 1 1  GLN 1  42  42  GLN GLN B . n 
B 1 2  LEU 2  43  43  LEU LEU B . n 
B 1 3  PRO 3  44  44  PRO PRO B . n 
B 1 4  PRO 4  45  45  PRO PRO B . n 
B 1 5  SER 5  46  46  SER SER B . n 
B 1 6  LEU 6  47  47  LEU LEU B . n 
B 1 7  PRO 7  48  48  PRO PRO B . n 
B 1 8  SER 8  49  49  SER SER B . n 
B 1 9  ASP 9  50  50  ASP ASP B . n 
B 1 10 PRO 10 51  51  PRO PRO B . n 
B 1 11 ARG 11 52  52  ARG ARG B . n 
B 1 12 LEU 12 53  53  LEU LEU B . n 
B 1 13 TRP 13 54  54  TRP TRP B . n 
B 1 14 SER 14 55  55  SER SER B . n 
B 1 15 ARG 15 56  56  ARG ARG B . n 
B 1 16 GLU 16 57  57  GLU GLU B . n 
B 1 17 ASP 17 58  58  ASP ASP B . n 
B 1 18 VAL 18 59  59  VAL VAL B . n 
B 1 19 LEU 19 60  60  LEU LEU B . n 
B 1 20 VAL 20 61  61  VAL VAL B . n 
B 1 21 PHE 21 62  62  PHE PHE B . n 
B 1 22 LEU 22 63  63  LEU LEU B . n 
B 1 23 ARG 23 64  64  ARG ARG B . n 
B 1 24 PHE 24 65  65  PHE PHE B . n 
B 1 25 CYS 25 66  66  CYS CYS B . n 
B 1 26 VAL 26 67  67  VAL VAL B . n 
B 1 27 ARG 27 68  68  ARG ARG B . n 
B 1 28 GLU 28 69  69  GLU GLU B . n 
B 1 29 PHE 29 70  70  PHE PHE B . n 
B 1 30 ASP 30 71  71  ASP ASP B . n 
B 1 31 LEU 31 72  72  LEU LEU B . n 
B 1 32 PRO 32 73  73  PRO PRO B . n 
B 1 33 LYS 33 74  74  LYS LYS B . n 
B 1 34 LEU 34 75  75  LEU LEU B . n 
B 1 35 ASP 35 76  76  ASP ASP B . n 
B 1 36 PHE 36 77  77  PHE PHE B . n 
B 1 37 ASP 37 78  78  ASP ASP B . n 
B 1 38 LEU 38 79  79  LEU LEU B . n 
B 1 39 PHE 39 80  80  PHE PHE B . n 
B 1 40 GLN 40 81  81  GLN GLN B . n 
B 1 41 MET 41 82  82  MET MET B . n 
B 1 42 ASN 42 83  83  ASN ASN B . n 
B 1 43 GLY 43 84  84  GLY GLY B . n 
B 1 44 LYS 44 85  85  LYS LYS B . n 
B 1 45 ARG 45 86  86  ARG ARG B . n 
B 1 46 LEU 46 87  87  LEU LEU B . n 
B 1 47 CYS 47 88  88  CYS CYS B . n 
B 1 48 LEU 48 89  89  LEU LEU B . n 
B 1 49 LEU 49 90  90  LEU LEU B . n 
B 1 50 THR 50 91  91  THR THR B . n 
B 1 51 ARG 51 92  92  ARG ARG B . n 
B 1 52 ALA 52 93  93  ALA ALA B . n 
B 1 53 ASP 53 94  94  ASP ASP B . n 
B 1 54 PHE 54 95  95  PHE PHE B . n 
B 1 55 GLY 55 96  96  GLY GLY B . n 
B 1 56 HIS 56 97  97  HIS HIS B . n 
B 1 57 ARG 57 98  98  ARG ARG B . n 
B 1 58 CYS 58 99  99  CYS CYS B . n 
B 1 59 PRO 59 100 100 PRO PRO B . n 
B 1 60 GLY 60 101 101 GLY GLY B . n 
B 1 61 ALA 61 102 102 ALA ALA B . n 
B 1 62 GLY 62 103 103 GLY GLY B . n 
B 1 63 ASP 63 104 104 ASP ASP B . n 
B 1 64 VAL 64 105 105 VAL VAL B . n 
B 1 65 LEU 65 106 106 LEU LEU B . n 
B 1 66 HIS 66 107 107 HIS HIS B . n 
B 1 67 ASN 67 108 108 ASN ASN B . n 
B 1 68 VAL 68 109 109 VAL VAL B . n 
B 1 69 LEU 69 110 110 LEU LEU B . n 
B 1 70 GLN 70 111 111 GLN GLN B . n 
B 1 71 MET 71 112 112 MET MET B . n 
B 1 72 LEU 72 113 113 LEU LEU B . n 
B 1 73 ILE 73 114 114 ILE ILE B . n 
B 1 74 ILE 74 115 115 ILE ILE B . n 
B 1 75 GLU 75 116 116 GLU GLU B . n 
B 1 76 SER 76 117 117 SER SER B . n 
B 1 77 HIS 77 118 118 HIS HIS B . n 
B 1 78 SER 78 119 119 SER SER B . n 
B 1 79 ARG 79 120 120 ARG ARG B . n 
B 1 80 HIS 80 121 ?   ?   ?   B . n 
B 1 81 HIS 81 122 ?   ?   ?   B . n 
B 1 82 HIS 82 123 ?   ?   ?   B . n 
B 1 83 HIS 83 124 ?   ?   ?   B . n 
B 1 84 HIS 84 125 ?   ?   ?   B . n 
B 1 85 HIS 85 126 ?   ?   ?   B . n 
# 
loop_
_pdbx_nonpoly_scheme.asym_id 
_pdbx_nonpoly_scheme.entity_id 
_pdbx_nonpoly_scheme.mon_id 
_pdbx_nonpoly_scheme.ndb_seq_num 
_pdbx_nonpoly_scheme.pdb_seq_num 
_pdbx_nonpoly_scheme.auth_seq_num 
_pdbx_nonpoly_scheme.pdb_mon_id 
_pdbx_nonpoly_scheme.auth_mon_id 
_pdbx_nonpoly_scheme.pdb_strand_id 
_pdbx_nonpoly_scheme.pdb_ins_code 
C 2 HOH 1  127 1  HOH TIP A . 
C 2 HOH 2  128 2  HOH TIP A . 
C 2 HOH 3  129 3  HOH TIP A . 
C 2 HOH 4  130 7  HOH TIP A . 
C 2 HOH 5  131 9  HOH TIP A . 
C 2 HOH 6  132 10 HOH TIP A . 
C 2 HOH 7  133 12 HOH TIP A . 
C 2 HOH 8  134 13 HOH TIP A . 
C 2 HOH 9  135 14 HOH TIP A . 
C 2 HOH 10 136 16 HOH TIP A . 
C 2 HOH 11 137 17 HOH TIP A . 
C 2 HOH 12 138 18 HOH TIP A . 
C 2 HOH 13 139 19 HOH TIP A . 
C 2 HOH 14 140 21 HOH TIP A . 
C 2 HOH 15 141 22 HOH TIP A . 
C 2 HOH 16 142 26 HOH TIP A . 
C 2 HOH 17 143 27 HOH TIP A . 
C 2 HOH 18 144 28 HOH TIP A . 
C 2 HOH 19 145 30 HOH TIP A . 
C 2 HOH 20 146 31 HOH TIP A . 
C 2 HOH 21 147 32 HOH TIP A . 
C 2 HOH 22 148 33 HOH TIP A . 
C 2 HOH 23 149 37 HOH TIP A . 
C 2 HOH 24 150 38 HOH TIP A . 
C 2 HOH 25 151 39 HOH TIP A . 
C 2 HOH 26 152 40 HOH TIP A . 
C 2 HOH 27 153 45 HOH TIP A . 
C 2 HOH 28 154 46 HOH TIP A . 
C 2 HOH 29 155 47 HOH TIP A . 
C 2 HOH 30 156 50 HOH TIP A . 
C 2 HOH 31 157 51 HOH TIP A . 
C 2 HOH 32 158 53 HOH TIP A . 
C 2 HOH 33 159 55 HOH TIP A . 
C 2 HOH 34 160 57 HOH TIP A . 
C 2 HOH 35 161 58 HOH TIP A . 
C 2 HOH 36 162 59 HOH TIP A . 
C 2 HOH 37 163 60 HOH TIP A . 
C 2 HOH 38 164 67 HOH TIP A . 
C 2 HOH 39 165 68 HOH TIP A . 
C 2 HOH 40 166 75 HOH TIP A . 
C 2 HOH 41 167 82 HOH TIP A . 
C 2 HOH 42 168 88 HOH TIP A . 
D 2 HOH 1  127 4  HOH TIP B . 
D 2 HOH 2  128 5  HOH TIP B . 
D 2 HOH 3  129 6  HOH TIP B . 
D 2 HOH 4  130 8  HOH TIP B . 
D 2 HOH 5  131 11 HOH TIP B . 
D 2 HOH 6  132 15 HOH TIP B . 
D 2 HOH 7  133 20 HOH TIP B . 
D 2 HOH 8  134 23 HOH TIP B . 
D 2 HOH 9  135 24 HOH TIP B . 
D 2 HOH 10 136 25 HOH TIP B . 
D 2 HOH 11 137 29 HOH TIP B . 
D 2 HOH 12 138 34 HOH TIP B . 
D 2 HOH 13 139 35 HOH TIP B . 
D 2 HOH 14 140 36 HOH TIP B . 
D 2 HOH 15 141 41 HOH TIP B . 
D 2 HOH 16 142 42 HOH TIP B . 
D 2 HOH 17 143 43 HOH TIP B . 
D 2 HOH 18 144 44 HOH TIP B . 
D 2 HOH 19 145 48 HOH TIP B . 
D 2 HOH 20 146 49 HOH TIP B . 
D 2 HOH 21 147 54 HOH TIP B . 
D 2 HOH 22 148 56 HOH TIP B . 
D 2 HOH 23 149 71 HOH TIP B . 
D 2 HOH 24 150 73 HOH TIP B . 
D 2 HOH 25 151 78 HOH TIP B . 
D 2 HOH 26 152 81 HOH TIP B . 
D 2 HOH 27 153 84 HOH TIP B . 
# 
loop_
_pdbx_struct_assembly.id 
_pdbx_struct_assembly.details 
_pdbx_struct_assembly.method_details 
_pdbx_struct_assembly.oligomeric_details 
_pdbx_struct_assembly.oligomeric_count 
1 author_defined_assembly ? monomeric 1 
2 author_defined_assembly ? monomeric 1 
# 
loop_
_pdbx_struct_assembly_gen.assembly_id 
_pdbx_struct_assembly_gen.oper_expression 
_pdbx_struct_assembly_gen.asym_id_list 
1 1 A,C 
2 1 B,D 
# 
_pdbx_struct_oper_list.id                   1 
_pdbx_struct_oper_list.type                 'identity operation' 
_pdbx_struct_oper_list.name                 1_555 
_pdbx_struct_oper_list.symmetry_operation   x,y,z 
_pdbx_struct_oper_list.matrix[1][1]         1.0000000000 
_pdbx_struct_oper_list.matrix[1][2]         0.0000000000 
_pdbx_struct_oper_list.matrix[1][3]         0.0000000000 
_pdbx_struct_oper_list.vector[1]            0.0000000000 
_pdbx_struct_oper_list.matrix[2][1]         0.0000000000 
_pdbx_struct_oper_list.matrix[2][2]         1.0000000000 
_pdbx_struct_oper_list.matrix[2][3]         0.0000000000 
_pdbx_struct_oper_list.vector[2]            0.0000000000 
_pdbx_struct_oper_list.matrix[3][1]         0.0000000000 
_pdbx_struct_oper_list.matrix[3][2]         0.0000000000 
_pdbx_struct_oper_list.matrix[3][3]         1.0000000000 
_pdbx_struct_oper_list.vector[3]            0.0000000000 
# 
loop_
_pdbx_audit_revision_history.ordinal 
_pdbx_audit_revision_history.data_content_type 
_pdbx_audit_revision_history.major_revision 
_pdbx_audit_revision_history.minor_revision 
_pdbx_audit_revision_history.revision_date 
1 'Structure model' 1 0 2004-07-27 
2 'Structure model' 1 1 2008-04-30 
3 'Structure model' 1 2 2011-07-13 
4 'Structure model' 1 3 2021-10-27 
5 'Structure model' 1 4 2023-08-23 
# 
_pdbx_audit_revision_details.ordinal             1 
_pdbx_audit_revision_details.revision_ordinal    1 
_pdbx_audit_revision_details.data_content_type   'Structure model' 
_pdbx_audit_revision_details.provider            repository 
_pdbx_audit_revision_details.type                'Initial release' 
_pdbx_audit_revision_details.description         ? 
_pdbx_audit_revision_details.details             ? 
# 
loop_
_pdbx_audit_revision_group.ordinal 
_pdbx_audit_revision_group.revision_ordinal 
_pdbx_audit_revision_group.data_content_type 
_pdbx_audit_revision_group.group 
1 2 'Structure model' 'Version format compliance' 
2 3 'Structure model' 'Version format compliance' 
3 4 'Structure model' 'Database references'       
4 5 'Structure model' 'Data collection'           
5 5 'Structure model' 'Refinement description'    
# 
loop_
_pdbx_audit_revision_category.ordinal 
_pdbx_audit_revision_category.revision_ordinal 
_pdbx_audit_revision_category.data_content_type 
_pdbx_audit_revision_category.category 
1 4 'Structure model' database_2                    
2 4 'Structure model' struct_ref_seq_dif            
3 5 'Structure model' chem_comp_atom                
4 5 'Structure model' chem_comp_bond                
5 5 'Structure model' pdbx_initial_refinement_model 
# 
loop_
_pdbx_audit_revision_item.ordinal 
_pdbx_audit_revision_item.revision_ordinal 
_pdbx_audit_revision_item.data_content_type 
_pdbx_audit_revision_item.item 
1 4 'Structure model' '_database_2.pdbx_DOI'                
2 4 'Structure model' '_database_2.pdbx_database_accession' 
3 4 'Structure model' '_struct_ref_seq_dif.details'         
# 
loop_
_software.name 
_software.classification 
_software.version 
_software.citation_id 
_software.pdbx_ordinal 
CNS       refinement       1.1 ? 1 
DENZO     'data reduction' .   ? 2 
SCALEPACK 'data scaling'   .   ? 3 
EPMR      phasing          .   ? 4 
# 
loop_
_pdbx_validate_torsion.id 
_pdbx_validate_torsion.PDB_model_num 
_pdbx_validate_torsion.auth_comp_id 
_pdbx_validate_torsion.auth_asym_id 
_pdbx_validate_torsion.auth_seq_id 
_pdbx_validate_torsion.PDB_ins_code 
_pdbx_validate_torsion.label_alt_id 
_pdbx_validate_torsion.phi 
_pdbx_validate_torsion.psi 
1 1 PRO A 73  ? ? -71.95  -162.10 
2 1 CYS A 99  ? ? -157.87 82.18   
3 1 ALA A 102 ? ? -141.55 33.37   
4 1 LYS B 74  ? ? -116.07 57.18   
5 1 CYS B 99  ? ? -151.80 67.44   
6 1 ALA B 102 ? ? -146.78 35.87   
7 1 SER B 119 ? ? -49.88  -88.96  
# 
loop_
_pdbx_unobs_or_zero_occ_residues.id 
_pdbx_unobs_or_zero_occ_residues.PDB_model_num 
_pdbx_unobs_or_zero_occ_residues.polymer_flag 
_pdbx_unobs_or_zero_occ_residues.occupancy_flag 
_pdbx_unobs_or_zero_occ_residues.auth_asym_id 
_pdbx_unobs_or_zero_occ_residues.auth_comp_id 
_pdbx_unobs_or_zero_occ_residues.auth_seq_id 
_pdbx_unobs_or_zero_occ_residues.PDB_ins_code 
_pdbx_unobs_or_zero_occ_residues.label_asym_id 
_pdbx_unobs_or_zero_occ_residues.label_comp_id 
_pdbx_unobs_or_zero_occ_residues.label_seq_id 
1  1 Y 1 A ARG 120 ? A ARG 79 
2  1 Y 1 A HIS 121 ? A HIS 80 
3  1 Y 1 A HIS 122 ? A HIS 81 
4  1 Y 1 A HIS 123 ? A HIS 82 
5  1 Y 1 A HIS 124 ? A HIS 83 
6  1 Y 1 A HIS 125 ? A HIS 84 
7  1 Y 1 A HIS 126 ? A HIS 85 
8  1 Y 1 B HIS 121 ? B HIS 80 
9  1 Y 1 B HIS 122 ? B HIS 81 
10 1 Y 1 B HIS 123 ? B HIS 82 
11 1 Y 1 B HIS 124 ? B HIS 83 
12 1 Y 1 B HIS 125 ? B HIS 84 
13 1 Y 1 B HIS 126 ? B HIS 85 
# 
loop_
_chem_comp_atom.comp_id 
_chem_comp_atom.atom_id 
_chem_comp_atom.type_symbol 
_chem_comp_atom.pdbx_aromatic_flag 
_chem_comp_atom.pdbx_stereo_config 
_chem_comp_atom.pdbx_ordinal 
ALA N    N N N 1   
ALA CA   C N S 2   
ALA C    C N N 3   
ALA O    O N N 4   
ALA CB   C N N 5   
ALA OXT  O N N 6   
ALA H    H N N 7   
ALA H2   H N N 8   
ALA HA   H N N 9   
ALA HB1  H N N 10  
ALA HB2  H N N 11  
ALA HB3  H N N 12  
ALA HXT  H N N 13  
ARG N    N N N 14  
ARG CA   C N S 15  
ARG C    C N N 16  
ARG O    O N N 17  
ARG CB   C N N 18  
ARG CG   C N N 19  
ARG CD   C N N 20  
ARG NE   N N N 21  
ARG CZ   C N N 22  
ARG NH1  N N N 23  
ARG NH2  N N N 24  
ARG OXT  O N N 25  
ARG H    H N N 26  
ARG H2   H N N 27  
ARG HA   H N N 28  
ARG HB2  H N N 29  
ARG HB3  H N N 30  
ARG HG2  H N N 31  
ARG HG3  H N N 32  
ARG HD2  H N N 33  
ARG HD3  H N N 34  
ARG HE   H N N 35  
ARG HH11 H N N 36  
ARG HH12 H N N 37  
ARG HH21 H N N 38  
ARG HH22 H N N 39  
ARG HXT  H N N 40  
ASN N    N N N 41  
ASN CA   C N S 42  
ASN C    C N N 43  
ASN O    O N N 44  
ASN CB   C N N 45  
ASN CG   C N N 46  
ASN OD1  O N N 47  
ASN ND2  N N N 48  
ASN OXT  O N N 49  
ASN H    H N N 50  
ASN H2   H N N 51  
ASN HA   H N N 52  
ASN HB2  H N N 53  
ASN HB3  H N N 54  
ASN HD21 H N N 55  
ASN HD22 H N N 56  
ASN HXT  H N N 57  
ASP N    N N N 58  
ASP CA   C N S 59  
ASP C    C N N 60  
ASP O    O N N 61  
ASP CB   C N N 62  
ASP CG   C N N 63  
ASP OD1  O N N 64  
ASP OD2  O N N 65  
ASP OXT  O N N 66  
ASP H    H N N 67  
ASP H2   H N N 68  
ASP HA   H N N 69  
ASP HB2  H N N 70  
ASP HB3  H N N 71  
ASP HD2  H N N 72  
ASP HXT  H N N 73  
CYS N    N N N 74  
CYS CA   C N R 75  
CYS C    C N N 76  
CYS O    O N N 77  
CYS CB   C N N 78  
CYS SG   S N N 79  
CYS OXT  O N N 80  
CYS H    H N N 81  
CYS H2   H N N 82  
CYS HA   H N N 83  
CYS HB2  H N N 84  
CYS HB3  H N N 85  
CYS HG   H N N 86  
CYS HXT  H N N 87  
GLN N    N N N 88  
GLN CA   C N S 89  
GLN C    C N N 90  
GLN O    O N N 91  
GLN CB   C N N 92  
GLN CG   C N N 93  
GLN CD   C N N 94  
GLN OE1  O N N 95  
GLN NE2  N N N 96  
GLN OXT  O N N 97  
GLN H    H N N 98  
GLN H2   H N N 99  
GLN HA   H N N 100 
GLN HB2  H N N 101 
GLN HB3  H N N 102 
GLN HG2  H N N 103 
GLN HG3  H N N 104 
GLN HE21 H N N 105 
GLN HE22 H N N 106 
GLN HXT  H N N 107 
GLU N    N N N 108 
GLU CA   C N S 109 
GLU C    C N N 110 
GLU O    O N N 111 
GLU CB   C N N 112 
GLU CG   C N N 113 
GLU CD   C N N 114 
GLU OE1  O N N 115 
GLU OE2  O N N 116 
GLU OXT  O N N 117 
GLU H    H N N 118 
GLU H2   H N N 119 
GLU HA   H N N 120 
GLU HB2  H N N 121 
GLU HB3  H N N 122 
GLU HG2  H N N 123 
GLU HG3  H N N 124 
GLU HE2  H N N 125 
GLU HXT  H N N 126 
GLY N    N N N 127 
GLY CA   C N N 128 
GLY C    C N N 129 
GLY O    O N N 130 
GLY OXT  O N N 131 
GLY H    H N N 132 
GLY H2   H N N 133 
GLY HA2  H N N 134 
GLY HA3  H N N 135 
GLY HXT  H N N 136 
HIS N    N N N 137 
HIS CA   C N S 138 
HIS C    C N N 139 
HIS O    O N N 140 
HIS CB   C N N 141 
HIS CG   C Y N 142 
HIS ND1  N Y N 143 
HIS CD2  C Y N 144 
HIS CE1  C Y N 145 
HIS NE2  N Y N 146 
HIS OXT  O N N 147 
HIS H    H N N 148 
HIS H2   H N N 149 
HIS HA   H N N 150 
HIS HB2  H N N 151 
HIS HB3  H N N 152 
HIS HD1  H N N 153 
HIS HD2  H N N 154 
HIS HE1  H N N 155 
HIS HE2  H N N 156 
HIS HXT  H N N 157 
HOH O    O N N 158 
HOH H1   H N N 159 
HOH H2   H N N 160 
ILE N    N N N 161 
ILE CA   C N S 162 
ILE C    C N N 163 
ILE O    O N N 164 
ILE CB   C N S 165 
ILE CG1  C N N 166 
ILE CG2  C N N 167 
ILE CD1  C N N 168 
ILE OXT  O N N 169 
ILE H    H N N 170 
ILE H2   H N N 171 
ILE HA   H N N 172 
ILE HB   H N N 173 
ILE HG12 H N N 174 
ILE HG13 H N N 175 
ILE HG21 H N N 176 
ILE HG22 H N N 177 
ILE HG23 H N N 178 
ILE HD11 H N N 179 
ILE HD12 H N N 180 
ILE HD13 H N N 181 
ILE HXT  H N N 182 
LEU N    N N N 183 
LEU CA   C N S 184 
LEU C    C N N 185 
LEU O    O N N 186 
LEU CB   C N N 187 
LEU CG   C N N 188 
LEU CD1  C N N 189 
LEU CD2  C N N 190 
LEU OXT  O N N 191 
LEU H    H N N 192 
LEU H2   H N N 193 
LEU HA   H N N 194 
LEU HB2  H N N 195 
LEU HB3  H N N 196 
LEU HG   H N N 197 
LEU HD11 H N N 198 
LEU HD12 H N N 199 
LEU HD13 H N N 200 
LEU HD21 H N N 201 
LEU HD22 H N N 202 
LEU HD23 H N N 203 
LEU HXT  H N N 204 
LYS N    N N N 205 
LYS CA   C N S 206 
LYS C    C N N 207 
LYS O    O N N 208 
LYS CB   C N N 209 
LYS CG   C N N 210 
LYS CD   C N N 211 
LYS CE   C N N 212 
LYS NZ   N N N 213 
LYS OXT  O N N 214 
LYS H    H N N 215 
LYS H2   H N N 216 
LYS HA   H N N 217 
LYS HB2  H N N 218 
LYS HB3  H N N 219 
LYS HG2  H N N 220 
LYS HG3  H N N 221 
LYS HD2  H N N 222 
LYS HD3  H N N 223 
LYS HE2  H N N 224 
LYS HE3  H N N 225 
LYS HZ1  H N N 226 
LYS HZ2  H N N 227 
LYS HZ3  H N N 228 
LYS HXT  H N N 229 
MET N    N N N 230 
MET CA   C N S 231 
MET C    C N N 232 
MET O    O N N 233 
MET CB   C N N 234 
MET CG   C N N 235 
MET SD   S N N 236 
MET CE   C N N 237 
MET OXT  O N N 238 
MET H    H N N 239 
MET H2   H N N 240 
MET HA   H N N 241 
MET HB2  H N N 242 
MET HB3  H N N 243 
MET HG2  H N N 244 
MET HG3  H N N 245 
MET HE1  H N N 246 
MET HE2  H N N 247 
MET HE3  H N N 248 
MET HXT  H N N 249 
PHE N    N N N 250 
PHE CA   C N S 251 
PHE C    C N N 252 
PHE O    O N N 253 
PHE CB   C N N 254 
PHE CG   C Y N 255 
PHE CD1  C Y N 256 
PHE CD2  C Y N 257 
PHE CE1  C Y N 258 
PHE CE2  C Y N 259 
PHE CZ   C Y N 260 
PHE OXT  O N N 261 
PHE H    H N N 262 
PHE H2   H N N 263 
PHE HA   H N N 264 
PHE HB2  H N N 265 
PHE HB3  H N N 266 
PHE HD1  H N N 267 
PHE HD2  H N N 268 
PHE HE1  H N N 269 
PHE HE2  H N N 270 
PHE HZ   H N N 271 
PHE HXT  H N N 272 
PRO N    N N N 273 
PRO CA   C N S 274 
PRO C    C N N 275 
PRO O    O N N 276 
PRO CB   C N N 277 
PRO CG   C N N 278 
PRO CD   C N N 279 
PRO OXT  O N N 280 
PRO H    H N N 281 
PRO HA   H N N 282 
PRO HB2  H N N 283 
PRO HB3  H N N 284 
PRO HG2  H N N 285 
PRO HG3  H N N 286 
PRO HD2  H N N 287 
PRO HD3  H N N 288 
PRO HXT  H N N 289 
SER N    N N N 290 
SER CA   C N S 291 
SER C    C N N 292 
SER O    O N N 293 
SER CB   C N N 294 
SER OG   O N N 295 
SER OXT  O N N 296 
SER H    H N N 297 
SER H2   H N N 298 
SER HA   H N N 299 
SER HB2  H N N 300 
SER HB3  H N N 301 
SER HG   H N N 302 
SER HXT  H N N 303 
THR N    N N N 304 
THR CA   C N S 305 
THR C    C N N 306 
THR O    O N N 307 
THR CB   C N R 308 
THR OG1  O N N 309 
THR CG2  C N N 310 
THR OXT  O N N 311 
THR H    H N N 312 
THR H2   H N N 313 
THR HA   H N N 314 
THR HB   H N N 315 
THR HG1  H N N 316 
THR HG21 H N N 317 
THR HG22 H N N 318 
THR HG23 H N N 319 
THR HXT  H N N 320 
TRP N    N N N 321 
TRP CA   C N S 322 
TRP C    C N N 323 
TRP O    O N N 324 
TRP CB   C N N 325 
TRP CG   C Y N 326 
TRP CD1  C Y N 327 
TRP CD2  C Y N 328 
TRP NE1  N Y N 329 
TRP CE2  C Y N 330 
TRP CE3  C Y N 331 
TRP CZ2  C Y N 332 
TRP CZ3  C Y N 333 
TRP CH2  C Y N 334 
TRP OXT  O N N 335 
TRP H    H N N 336 
TRP H2   H N N 337 
TRP HA   H N N 338 
TRP HB2  H N N 339 
TRP HB3  H N N 340 
TRP HD1  H N N 341 
TRP HE1  H N N 342 
TRP HE3  H N N 343 
TRP HZ2  H N N 344 
TRP HZ3  H N N 345 
TRP HH2  H N N 346 
TRP HXT  H N N 347 
VAL N    N N N 348 
VAL CA   C N S 349 
VAL C    C N N 350 
VAL O    O N N 351 
VAL CB   C N N 352 
VAL CG1  C N N 353 
VAL CG2  C N N 354 
VAL OXT  O N N 355 
VAL H    H N N 356 
VAL H2   H N N 357 
VAL HA   H N N 358 
VAL HB   H N N 359 
VAL HG11 H N N 360 
VAL HG12 H N N 361 
VAL HG13 H N N 362 
VAL HG21 H N N 363 
VAL HG22 H N N 364 
VAL HG23 H N N 365 
VAL HXT  H N N 366 
# 
loop_
_chem_comp_bond.comp_id 
_chem_comp_bond.atom_id_1 
_chem_comp_bond.atom_id_2 
_chem_comp_bond.value_order 
_chem_comp_bond.pdbx_aromatic_flag 
_chem_comp_bond.pdbx_stereo_config 
_chem_comp_bond.pdbx_ordinal 
ALA N   CA   sing N N 1   
ALA N   H    sing N N 2   
ALA N   H2   sing N N 3   
ALA CA  C    sing N N 4   
ALA CA  CB   sing N N 5   
ALA CA  HA   sing N N 6   
ALA C   O    doub N N 7   
ALA C   OXT  sing N N 8   
ALA CB  HB1  sing N N 9   
ALA CB  HB2  sing N N 10  
ALA CB  HB3  sing N N 11  
ALA OXT HXT  sing N N 12  
ARG N   CA   sing N N 13  
ARG N   H    sing N N 14  
ARG N   H2   sing N N 15  
ARG CA  C    sing N N 16  
ARG CA  CB   sing N N 17  
ARG CA  HA   sing N N 18  
ARG C   O    doub N N 19  
ARG C   OXT  sing N N 20  
ARG CB  CG   sing N N 21  
ARG CB  HB2  sing N N 22  
ARG CB  HB3  sing N N 23  
ARG CG  CD   sing N N 24  
ARG CG  HG2  sing N N 25  
ARG CG  HG3  sing N N 26  
ARG CD  NE   sing N N 27  
ARG CD  HD2  sing N N 28  
ARG CD  HD3  sing N N 29  
ARG NE  CZ   sing N N 30  
ARG NE  HE   sing N N 31  
ARG CZ  NH1  sing N N 32  
ARG CZ  NH2  doub N N 33  
ARG NH1 HH11 sing N N 34  
ARG NH1 HH12 sing N N 35  
ARG NH2 HH21 sing N N 36  
ARG NH2 HH22 sing N N 37  
ARG OXT HXT  sing N N 38  
ASN N   CA   sing N N 39  
ASN N   H    sing N N 40  
ASN N   H2   sing N N 41  
ASN CA  C    sing N N 42  
ASN CA  CB   sing N N 43  
ASN CA  HA   sing N N 44  
ASN C   O    doub N N 45  
ASN C   OXT  sing N N 46  
ASN CB  CG   sing N N 47  
ASN CB  HB2  sing N N 48  
ASN CB  HB3  sing N N 49  
ASN CG  OD1  doub N N 50  
ASN CG  ND2  sing N N 51  
ASN ND2 HD21 sing N N 52  
ASN ND2 HD22 sing N N 53  
ASN OXT HXT  sing N N 54  
ASP N   CA   sing N N 55  
ASP N   H    sing N N 56  
ASP N   H2   sing N N 57  
ASP CA  C    sing N N 58  
ASP CA  CB   sing N N 59  
ASP CA  HA   sing N N 60  
ASP C   O    doub N N 61  
ASP C   OXT  sing N N 62  
ASP CB  CG   sing N N 63  
ASP CB  HB2  sing N N 64  
ASP CB  HB3  sing N N 65  
ASP CG  OD1  doub N N 66  
ASP CG  OD2  sing N N 67  
ASP OD2 HD2  sing N N 68  
ASP OXT HXT  sing N N 69  
CYS N   CA   sing N N 70  
CYS N   H    sing N N 71  
CYS N   H2   sing N N 72  
CYS CA  C    sing N N 73  
CYS CA  CB   sing N N 74  
CYS CA  HA   sing N N 75  
CYS C   O    doub N N 76  
CYS C   OXT  sing N N 77  
CYS CB  SG   sing N N 78  
CYS CB  HB2  sing N N 79  
CYS CB  HB3  sing N N 80  
CYS SG  HG   sing N N 81  
CYS OXT HXT  sing N N 82  
GLN N   CA   sing N N 83  
GLN N   H    sing N N 84  
GLN N   H2   sing N N 85  
GLN CA  C    sing N N 86  
GLN CA  CB   sing N N 87  
GLN CA  HA   sing N N 88  
GLN C   O    doub N N 89  
GLN C   OXT  sing N N 90  
GLN CB  CG   sing N N 91  
GLN CB  HB2  sing N N 92  
GLN CB  HB3  sing N N 93  
GLN CG  CD   sing N N 94  
GLN CG  HG2  sing N N 95  
GLN CG  HG3  sing N N 96  
GLN CD  OE1  doub N N 97  
GLN CD  NE2  sing N N 98  
GLN NE2 HE21 sing N N 99  
GLN NE2 HE22 sing N N 100 
GLN OXT HXT  sing N N 101 
GLU N   CA   sing N N 102 
GLU N   H    sing N N 103 
GLU N   H2   sing N N 104 
GLU CA  C    sing N N 105 
GLU CA  CB   sing N N 106 
GLU CA  HA   sing N N 107 
GLU C   O    doub N N 108 
GLU C   OXT  sing N N 109 
GLU CB  CG   sing N N 110 
GLU CB  HB2  sing N N 111 
GLU CB  HB3  sing N N 112 
GLU CG  CD   sing N N 113 
GLU CG  HG2  sing N N 114 
GLU CG  HG3  sing N N 115 
GLU CD  OE1  doub N N 116 
GLU CD  OE2  sing N N 117 
GLU OE2 HE2  sing N N 118 
GLU OXT HXT  sing N N 119 
GLY N   CA   sing N N 120 
GLY N   H    sing N N 121 
GLY N   H2   sing N N 122 
GLY CA  C    sing N N 123 
GLY CA  HA2  sing N N 124 
GLY CA  HA3  sing N N 125 
GLY C   O    doub N N 126 
GLY C   OXT  sing N N 127 
GLY OXT HXT  sing N N 128 
HIS N   CA   sing N N 129 
HIS N   H    sing N N 130 
HIS N   H2   sing N N 131 
HIS CA  C    sing N N 132 
HIS CA  CB   sing N N 133 
HIS CA  HA   sing N N 134 
HIS C   O    doub N N 135 
HIS C   OXT  sing N N 136 
HIS CB  CG   sing N N 137 
HIS CB  HB2  sing N N 138 
HIS CB  HB3  sing N N 139 
HIS CG  ND1  sing Y N 140 
HIS CG  CD2  doub Y N 141 
HIS ND1 CE1  doub Y N 142 
HIS ND1 HD1  sing N N 143 
HIS CD2 NE2  sing Y N 144 
HIS CD2 HD2  sing N N 145 
HIS CE1 NE2  sing Y N 146 
HIS CE1 HE1  sing N N 147 
HIS NE2 HE2  sing N N 148 
HIS OXT HXT  sing N N 149 
HOH O   H1   sing N N 150 
HOH O   H2   sing N N 151 
ILE N   CA   sing N N 152 
ILE N   H    sing N N 153 
ILE N   H2   sing N N 154 
ILE CA  C    sing N N 155 
ILE CA  CB   sing N N 156 
ILE CA  HA   sing N N 157 
ILE C   O    doub N N 158 
ILE C   OXT  sing N N 159 
ILE CB  CG1  sing N N 160 
ILE CB  CG2  sing N N 161 
ILE CB  HB   sing N N 162 
ILE CG1 CD1  sing N N 163 
ILE CG1 HG12 sing N N 164 
ILE CG1 HG13 sing N N 165 
ILE CG2 HG21 sing N N 166 
ILE CG2 HG22 sing N N 167 
ILE CG2 HG23 sing N N 168 
ILE CD1 HD11 sing N N 169 
ILE CD1 HD12 sing N N 170 
ILE CD1 HD13 sing N N 171 
ILE OXT HXT  sing N N 172 
LEU N   CA   sing N N 173 
LEU N   H    sing N N 174 
LEU N   H2   sing N N 175 
LEU CA  C    sing N N 176 
LEU CA  CB   sing N N 177 
LEU CA  HA   sing N N 178 
LEU C   O    doub N N 179 
LEU C   OXT  sing N N 180 
LEU CB  CG   sing N N 181 
LEU CB  HB2  sing N N 182 
LEU CB  HB3  sing N N 183 
LEU CG  CD1  sing N N 184 
LEU CG  CD2  sing N N 185 
LEU CG  HG   sing N N 186 
LEU CD1 HD11 sing N N 187 
LEU CD1 HD12 sing N N 188 
LEU CD1 HD13 sing N N 189 
LEU CD2 HD21 sing N N 190 
LEU CD2 HD22 sing N N 191 
LEU CD2 HD23 sing N N 192 
LEU OXT HXT  sing N N 193 
LYS N   CA   sing N N 194 
LYS N   H    sing N N 195 
LYS N   H2   sing N N 196 
LYS CA  C    sing N N 197 
LYS CA  CB   sing N N 198 
LYS CA  HA   sing N N 199 
LYS C   O    doub N N 200 
LYS C   OXT  sing N N 201 
LYS CB  CG   sing N N 202 
LYS CB  HB2  sing N N 203 
LYS CB  HB3  sing N N 204 
LYS CG  CD   sing N N 205 
LYS CG  HG2  sing N N 206 
LYS CG  HG3  sing N N 207 
LYS CD  CE   sing N N 208 
LYS CD  HD2  sing N N 209 
LYS CD  HD3  sing N N 210 
LYS CE  NZ   sing N N 211 
LYS CE  HE2  sing N N 212 
LYS CE  HE3  sing N N 213 
LYS NZ  HZ1  sing N N 214 
LYS NZ  HZ2  sing N N 215 
LYS NZ  HZ3  sing N N 216 
LYS OXT HXT  sing N N 217 
MET N   CA   sing N N 218 
MET N   H    sing N N 219 
MET N   H2   sing N N 220 
MET CA  C    sing N N 221 
MET CA  CB   sing N N 222 
MET CA  HA   sing N N 223 
MET C   O    doub N N 224 
MET C   OXT  sing N N 225 
MET CB  CG   sing N N 226 
MET CB  HB2  sing N N 227 
MET CB  HB3  sing N N 228 
MET CG  SD   sing N N 229 
MET CG  HG2  sing N N 230 
MET CG  HG3  sing N N 231 
MET SD  CE   sing N N 232 
MET CE  HE1  sing N N 233 
MET CE  HE2  sing N N 234 
MET CE  HE3  sing N N 235 
MET OXT HXT  sing N N 236 
PHE N   CA   sing N N 237 
PHE N   H    sing N N 238 
PHE N   H2   sing N N 239 
PHE CA  C    sing N N 240 
PHE CA  CB   sing N N 241 
PHE CA  HA   sing N N 242 
PHE C   O    doub N N 243 
PHE C   OXT  sing N N 244 
PHE CB  CG   sing N N 245 
PHE CB  HB2  sing N N 246 
PHE CB  HB3  sing N N 247 
PHE CG  CD1  doub Y N 248 
PHE CG  CD2  sing Y N 249 
PHE CD1 CE1  sing Y N 250 
PHE CD1 HD1  sing N N 251 
PHE CD2 CE2  doub Y N 252 
PHE CD2 HD2  sing N N 253 
PHE CE1 CZ   doub Y N 254 
PHE CE1 HE1  sing N N 255 
PHE CE2 CZ   sing Y N 256 
PHE CE2 HE2  sing N N 257 
PHE CZ  HZ   sing N N 258 
PHE OXT HXT  sing N N 259 
PRO N   CA   sing N N 260 
PRO N   CD   sing N N 261 
PRO N   H    sing N N 262 
PRO CA  C    sing N N 263 
PRO CA  CB   sing N N 264 
PRO CA  HA   sing N N 265 
PRO C   O    doub N N 266 
PRO C   OXT  sing N N 267 
PRO CB  CG   sing N N 268 
PRO CB  HB2  sing N N 269 
PRO CB  HB3  sing N N 270 
PRO CG  CD   sing N N 271 
PRO CG  HG2  sing N N 272 
PRO CG  HG3  sing N N 273 
PRO CD  HD2  sing N N 274 
PRO CD  HD3  sing N N 275 
PRO OXT HXT  sing N N 276 
SER N   CA   sing N N 277 
SER N   H    sing N N 278 
SER N   H2   sing N N 279 
SER CA  C    sing N N 280 
SER CA  CB   sing N N 281 
SER CA  HA   sing N N 282 
SER C   O    doub N N 283 
SER C   OXT  sing N N 284 
SER CB  OG   sing N N 285 
SER CB  HB2  sing N N 286 
SER CB  HB3  sing N N 287 
SER OG  HG   sing N N 288 
SER OXT HXT  sing N N 289 
THR N   CA   sing N N 290 
THR N   H    sing N N 291 
THR N   H2   sing N N 292 
THR CA  C    sing N N 293 
THR CA  CB   sing N N 294 
THR CA  HA   sing N N 295 
THR C   O    doub N N 296 
THR C   OXT  sing N N 297 
THR CB  OG1  sing N N 298 
THR CB  CG2  sing N N 299 
THR CB  HB   sing N N 300 
THR OG1 HG1  sing N N 301 
THR CG2 HG21 sing N N 302 
THR CG2 HG22 sing N N 303 
THR CG2 HG23 sing N N 304 
THR OXT HXT  sing N N 305 
TRP N   CA   sing N N 306 
TRP N   H    sing N N 307 
TRP N   H2   sing N N 308 
TRP CA  C    sing N N 309 
TRP CA  CB   sing N N 310 
TRP CA  HA   sing N N 311 
TRP C   O    doub N N 312 
TRP C   OXT  sing N N 313 
TRP CB  CG   sing N N 314 
TRP CB  HB2  sing N N 315 
TRP CB  HB3  sing N N 316 
TRP CG  CD1  doub Y N 317 
TRP CG  CD2  sing Y N 318 
TRP CD1 NE1  sing Y N 319 
TRP CD1 HD1  sing N N 320 
TRP CD2 CE2  doub Y N 321 
TRP CD2 CE3  sing Y N 322 
TRP NE1 CE2  sing Y N 323 
TRP NE1 HE1  sing N N 324 
TRP CE2 CZ2  sing Y N 325 
TRP CE3 CZ3  doub Y N 326 
TRP CE3 HE3  sing N N 327 
TRP CZ2 CH2  doub Y N 328 
TRP CZ2 HZ2  sing N N 329 
TRP CZ3 CH2  sing Y N 330 
TRP CZ3 HZ3  sing N N 331 
TRP CH2 HH2  sing N N 332 
TRP OXT HXT  sing N N 333 
VAL N   CA   sing N N 334 
VAL N   H    sing N N 335 
VAL N   H2   sing N N 336 
VAL CA  C    sing N N 337 
VAL CA  CB   sing N N 338 
VAL CA  HA   sing N N 339 
VAL C   O    doub N N 340 
VAL C   OXT  sing N N 341 
VAL CB  CG1  sing N N 342 
VAL CB  CG2  sing N N 343 
VAL CB  HB   sing N N 344 
VAL CG1 HG11 sing N N 345 
VAL CG1 HG12 sing N N 346 
VAL CG1 HG13 sing N N 347 
VAL CG2 HG21 sing N N 348 
VAL CG2 HG22 sing N N 349 
VAL CG2 HG23 sing N N 350 
VAL OXT HXT  sing N N 351 
# 
_pdbx_entity_nonpoly.entity_id   2 
_pdbx_entity_nonpoly.name        water 
_pdbx_entity_nonpoly.comp_id     HOH 
# 
_pdbx_initial_refinement_model.id               1 
_pdbx_initial_refinement_model.entity_id_list   ? 
_pdbx_initial_refinement_model.type             'experimental model' 
_pdbx_initial_refinement_model.source_name      PDB 
_pdbx_initial_refinement_model.accession_code   1JI7 
_pdbx_initial_refinement_model.details          'PDB ENTRY 1JI7' 
# 
